data_7SSZ
#
_entry.id   7SSZ
#
loop_
_entity.id
_entity.type
_entity.pdbx_description
1 polymer 'Potassium voltage-gated channel subfamily A member 3,Green fluorescent protein fusion'
2 polymer 'Nanobody A0194009G09'
3 non-polymer 'POTASSIUM ION'
#
loop_
_entity_poly.entity_id
_entity_poly.type
_entity_poly.pdbx_seq_one_letter_code
_entity_poly.pdbx_strand_id
1 'polypeptide(L)'
;MDERLSLLRSPPPPSARHRAHPPQRPASSGGAHTLVNHGYAEPAAGRELPPDMTVVPGDHLLEPEVADGGGAPPQGGCGG
GGCDRYEPLPPSLPAAGEQDCCGERVVINISGLRFETQLKTLCQFPETLLGDPKRRMRYFDPLRNEYFFDRNRPSFDAIL
YYYQSGGRIRRPVNVPIDIFSEEIRFYQLGEEAMEKFREDEGFLREEERPLPRRDFQRQVWLLFEYPESSGPARGIAIVS
VLVILISIVIFCLETLPEFRDEKDYPASTSQDSFEAAGNSTSGSRAGASSFSDPFFVVETLCIIWFSFELLVRFFACPSK
ATFSRNIMNLIDIVAIIPYFITLGTELAERQGNGQQAMSLAILRVIRLVRVFRIFKLSRHSKGLQILGQTLKASMRELGL
LIFFLFIGVILFSSAVYFAEADDPTSGFSSIPDAFWWAVVTMTTVGYGDMHPVTIGGKIVGSLCAIAGVLTIALPVPVIV
SNFNYFYHRETEGEEQSQYMHVGSCQHLSSSAEELRKARSNSTLSKSEYMVIEEGGMNHSAFPQTPFKTGNSTATCTTNN
NPNSCVNIKKIFTDVSLEVLFQGPAAAMVSKGEELFTGVVPILVELDGDVNGHKFSVSGEGEGDATYGKLTLKLICTTGK
LPVPWPTLVTTLGYGLQCFARYPDHMKQHDFFKSAMPEGYVQERTIFFKDDGNYKTRAEVKFEGDTLVNRIELKGIDFKE
DGNILGHKLEYNYNSHNVYITADKQKNGIKANFKIRHNIEDGGVQLADHYQQNTPIGDGPVLLPDNHYLSYQSKLSKDPN
EKRDHMVLLEFVTAAGITLGMDELYKSAWSHPQFEKGGGSGGGSGGGSWSHPQFEK
;
A,B,C,D
2 'polypeptide(L)'
;MEVQLVESGGGLVQAGGSLGLSCSASGLLFSRNSAGWYRQAPGKQREFVARIRMGGSINYADTVKGRFTISRDNAKNTVY
LQMNSLKPEDTAVYYCSSWRTGFYEYWGQGTLVTVSSAAAHHHHHH
;
E,F,G,H
#
loop_
_chem_comp.id
_chem_comp.type
_chem_comp.name
_chem_comp.formula
K non-polymer 'POTASSIUM ION' 'K 1'
#
# COMPACT_ATOMS: atom_id res chain seq x y z
N GLY A 103 65.20 22.34 18.89
CA GLY A 103 64.61 22.08 17.56
C GLY A 103 64.34 23.37 16.83
N GLU A 104 64.90 23.53 15.62
CA GLU A 104 64.71 24.86 14.97
C GLU A 104 63.32 24.92 14.38
N ARG A 105 62.72 26.12 14.29
CA ARG A 105 61.31 26.26 13.84
C ARG A 105 61.25 26.83 12.41
N VAL A 106 60.25 26.41 11.63
CA VAL A 106 60.08 26.91 10.24
C VAL A 106 58.72 27.61 10.13
N VAL A 107 58.68 28.83 9.59
CA VAL A 107 57.42 29.61 9.46
C VAL A 107 57.00 29.60 8.00
N ILE A 108 55.83 29.05 7.69
CA ILE A 108 55.32 28.98 6.29
C ILE A 108 54.14 29.94 6.27
N ASN A 109 54.09 30.85 5.31
CA ASN A 109 53.02 31.87 5.24
C ASN A 109 52.17 31.56 4.00
N ILE A 110 51.04 30.88 4.14
CA ILE A 110 50.14 30.65 2.99
C ILE A 110 49.17 31.83 2.91
N SER A 111 49.40 32.80 2.03
CA SER A 111 48.52 33.99 1.87
C SER A 111 48.30 34.77 3.16
N GLY A 112 49.35 35.22 3.84
CA GLY A 112 49.17 36.11 5.02
C GLY A 112 48.95 35.34 6.30
N LEU A 113 48.44 34.13 6.22
CA LEU A 113 48.17 33.23 7.40
C LEU A 113 49.44 32.50 7.81
N ARG A 114 50.03 32.81 8.95
CA ARG A 114 51.33 32.22 9.34
C ARG A 114 51.12 30.89 10.01
N PHE A 115 51.62 29.80 9.44
CA PHE A 115 51.55 28.46 10.08
C PHE A 115 52.98 28.12 10.47
N GLU A 116 53.25 27.67 11.70
CA GLU A 116 54.63 27.38 12.17
C GLU A 116 54.72 25.95 12.69
N THR A 117 55.87 25.27 12.56
CA THR A 117 56.07 23.87 13.02
C THR A 117 57.56 23.62 13.28
N GLN A 118 57.89 22.53 13.98
CA GLN A 118 59.30 22.19 14.29
C GLN A 118 59.91 21.53 13.07
N LEU A 119 61.21 21.70 12.81
CA LEU A 119 61.82 21.16 11.57
C LEU A 119 61.67 19.65 11.54
N LYS A 120 61.69 19.00 12.70
CA LYS A 120 61.60 17.52 12.76
C LYS A 120 60.29 17.06 12.14
N THR A 121 59.18 17.77 12.39
CA THR A 121 57.86 17.26 11.92
C THR A 121 57.82 17.19 10.40
N LEU A 122 58.39 18.17 9.70
CA LEU A 122 58.27 18.17 8.23
C LEU A 122 59.37 17.33 7.60
N CYS A 123 60.27 16.77 8.40
CA CYS A 123 61.31 15.87 7.82
C CYS A 123 60.92 14.41 8.05
N GLN A 124 59.90 14.14 8.88
CA GLN A 124 59.40 12.74 9.03
C GLN A 124 59.22 12.15 7.65
N PHE A 125 58.51 12.86 6.78
CA PHE A 125 58.39 12.39 5.38
C PHE A 125 59.43 13.19 4.59
N PRO A 126 60.57 12.61 4.18
CA PRO A 126 61.63 13.39 3.54
C PRO A 126 61.53 13.60 2.02
N GLU A 127 60.93 12.63 1.32
CA GLU A 127 60.77 12.74 -0.15
C GLU A 127 59.71 13.77 -0.54
N THR A 128 58.97 14.37 0.39
CA THR A 128 57.84 15.29 0.03
C THR A 128 58.32 16.71 -0.27
N LEU A 129 57.47 17.60 -0.80
CA LEU A 129 57.93 18.95 -1.25
C LEU A 129 58.49 19.79 -0.10
N LEU A 130 57.79 19.84 1.02
CA LEU A 130 58.24 20.69 2.15
C LEU A 130 59.52 20.09 2.74
N GLY A 131 59.55 18.77 2.91
CA GLY A 131 60.72 18.07 3.49
C GLY A 131 61.97 18.17 2.63
N ASP A 132 61.82 17.99 1.31
CA ASP A 132 63.02 17.97 0.43
C ASP A 132 63.67 19.34 0.53
N PRO A 133 64.94 19.49 0.98
CA PRO A 133 65.49 20.83 1.15
C PRO A 133 65.52 21.59 -0.17
N LYS A 134 65.94 20.95 -1.26
CA LYS A 134 66.10 21.71 -2.54
C LYS A 134 64.76 22.24 -3.06
N ARG A 135 63.74 21.38 -3.13
CA ARG A 135 62.46 21.86 -3.73
C ARG A 135 61.96 23.06 -2.92
N ARG A 136 61.90 22.91 -1.59
CA ARG A 136 61.34 23.98 -0.72
C ARG A 136 62.16 25.26 -0.84
N MET A 137 63.44 25.15 -1.21
CA MET A 137 64.32 26.35 -1.24
C MET A 137 63.81 27.38 -2.25
N ARG A 138 63.11 26.95 -3.30
CA ARG A 138 62.66 27.92 -4.33
C ARG A 138 61.70 28.92 -3.70
N TYR A 139 60.67 28.45 -3.00
CA TYR A 139 59.62 29.33 -2.42
C TYR A 139 60.18 30.21 -1.31
N PHE A 140 61.28 29.80 -0.68
CA PHE A 140 61.80 30.55 0.49
C PHE A 140 62.11 31.99 0.13
N ASP A 141 61.75 32.93 1.00
CA ASP A 141 62.14 34.34 0.79
C ASP A 141 63.10 34.70 1.92
N PRO A 142 64.39 35.01 1.63
CA PRO A 142 65.37 35.29 2.67
C PRO A 142 65.11 36.61 3.41
N LEU A 143 64.36 37.52 2.78
CA LEU A 143 64.16 38.86 3.40
C LEU A 143 63.43 38.74 4.74
N ARG A 144 62.38 37.92 4.84
CA ARG A 144 61.59 37.82 6.09
C ARG A 144 61.67 36.41 6.71
N ASN A 145 62.49 35.52 6.14
CA ASN A 145 62.68 34.15 6.69
C ASN A 145 61.36 33.37 6.70
N GLU A 146 60.52 33.52 5.66
CA GLU A 146 59.24 32.79 5.58
C GLU A 146 59.04 32.26 4.16
N TYR A 147 58.38 31.12 4.01
CA TYR A 147 58.12 30.55 2.67
C TYR A 147 56.74 31.00 2.19
N PHE A 148 56.68 32.03 1.36
CA PHE A 148 55.40 32.58 0.87
C PHE A 148 54.83 31.67 -0.20
N PHE A 149 53.57 31.30 -0.10
CA PHE A 149 52.92 30.52 -1.17
C PHE A 149 51.61 31.27 -1.40
N ASP A 150 51.05 31.25 -2.61
CA ASP A 150 49.71 31.85 -2.82
C ASP A 150 48.78 30.69 -3.15
N ARG A 151 47.96 30.24 -2.22
CA ARG A 151 47.15 29.03 -2.42
C ARG A 151 45.93 29.10 -1.48
N ASN A 152 45.02 28.13 -1.55
CA ASN A 152 43.80 28.15 -0.71
C ASN A 152 44.21 28.14 0.76
N ARG A 153 43.60 28.98 1.61
CA ARG A 153 43.86 28.98 3.07
C ARG A 153 43.28 27.77 3.84
N PRO A 154 41.98 27.40 3.64
CA PRO A 154 41.40 26.28 4.36
C PRO A 154 42.06 24.90 4.13
N SER A 155 42.83 24.75 3.06
CA SER A 155 43.43 23.43 2.74
C SER A 155 44.78 23.29 3.44
N PHE A 156 45.69 24.24 3.28
CA PHE A 156 47.00 24.05 3.90
C PHE A 156 46.92 23.70 5.37
N ASP A 157 45.78 23.86 6.03
CA ASP A 157 45.70 23.41 7.45
C ASP A 157 45.75 21.87 7.51
N ALA A 158 45.01 21.19 6.65
CA ALA A 158 44.97 19.70 6.62
C ALA A 158 46.31 19.11 6.17
N ILE A 159 47.06 19.82 5.33
CA ILE A 159 48.33 19.25 4.81
C ILE A 159 49.41 19.43 5.88
N LEU A 160 49.19 20.23 6.93
CA LEU A 160 50.18 20.22 8.03
C LEU A 160 49.81 19.14 9.04
N TYR A 161 48.55 18.74 9.13
CA TYR A 161 48.18 17.62 10.04
C TYR A 161 48.83 16.32 9.54
N TYR A 162 48.92 16.13 8.24
CA TYR A 162 49.48 14.86 7.71
C TYR A 162 50.92 14.75 8.21
N TYR A 163 51.68 15.84 8.16
CA TYR A 163 53.08 15.82 8.63
C TYR A 163 53.14 15.59 10.14
N GLN A 164 52.22 16.18 10.90
CA GLN A 164 52.27 16.08 12.39
C GLN A 164 51.53 14.85 12.93
N SER A 165 50.84 14.09 12.08
CA SER A 165 50.04 12.94 12.57
C SER A 165 50.51 11.62 11.94
N GLY A 166 51.67 11.61 11.30
CA GLY A 166 52.20 10.37 10.71
C GLY A 166 51.32 9.71 9.66
N GLY A 167 50.66 10.46 8.77
CA GLY A 167 49.93 9.76 7.70
C GLY A 167 48.45 10.09 7.57
N ARG A 168 47.74 10.52 8.62
CA ARG A 168 46.29 10.73 8.45
C ARG A 168 46.04 11.83 7.42
N ILE A 169 45.15 11.62 6.43
CA ILE A 169 44.79 12.71 5.49
C ILE A 169 43.27 12.86 5.45
N ARG A 170 42.73 13.94 6.03
CA ARG A 170 41.27 14.13 6.13
C ARG A 170 40.91 15.50 5.56
N ARG A 171 39.92 15.55 4.67
CA ARG A 171 39.56 16.81 3.98
C ARG A 171 38.70 17.70 4.89
N PRO A 172 38.99 19.01 5.08
CA PRO A 172 38.13 19.87 5.88
C PRO A 172 36.76 19.86 5.20
N VAL A 173 35.65 20.03 5.92
CA VAL A 173 34.30 19.84 5.30
C VAL A 173 33.86 21.05 4.47
N ASN A 174 34.63 22.14 4.55
CA ASN A 174 34.33 23.37 3.78
C ASN A 174 35.31 23.57 2.63
N VAL A 175 36.07 22.55 2.23
CA VAL A 175 36.95 22.65 1.03
C VAL A 175 36.37 21.68 0.01
N PRO A 176 35.98 22.10 -1.21
CA PRO A 176 35.35 21.22 -2.18
C PRO A 176 36.36 20.16 -2.66
N ILE A 177 35.89 19.00 -3.13
CA ILE A 177 36.81 17.88 -3.51
C ILE A 177 37.86 18.35 -4.51
N ASP A 178 37.47 19.04 -5.57
CA ASP A 178 38.45 19.35 -6.64
C ASP A 178 39.61 20.20 -6.11
N ILE A 179 39.32 21.23 -5.31
CA ILE A 179 40.39 22.15 -4.81
C ILE A 179 41.33 21.37 -3.90
N PHE A 180 40.82 20.40 -3.15
CA PHE A 180 41.72 19.56 -2.32
C PHE A 180 42.57 18.64 -3.20
N SER A 181 41.99 17.92 -4.18
CA SER A 181 42.76 16.94 -4.96
C SER A 181 43.94 17.67 -5.55
N GLU A 182 43.72 18.88 -6.04
CA GLU A 182 44.81 19.65 -6.67
C GLU A 182 45.86 19.97 -5.61
N GLU A 183 45.42 20.29 -4.39
CA GLU A 183 46.36 20.72 -3.33
C GLU A 183 47.32 19.59 -2.93
N ILE A 184 46.84 18.35 -2.81
CA ILE A 184 47.81 17.27 -2.50
C ILE A 184 48.84 17.16 -3.62
N ARG A 185 48.42 17.38 -4.87
CA ARG A 185 49.36 17.33 -6.02
C ARG A 185 50.44 18.42 -5.92
N PHE A 186 50.08 19.66 -5.62
CA PHE A 186 51.14 20.72 -5.61
C PHE A 186 52.13 20.39 -4.50
N TYR A 187 51.62 19.95 -3.35
CA TYR A 187 52.49 19.67 -2.18
C TYR A 187 53.31 18.40 -2.42
N GLN A 188 52.91 17.57 -3.39
CA GLN A 188 53.71 16.36 -3.74
C GLN A 188 53.66 15.34 -2.60
N LEU A 189 52.47 14.91 -2.23
CA LEU A 189 52.32 13.96 -1.09
C LEU A 189 52.40 12.51 -1.58
N GLY A 190 52.43 12.27 -2.89
CA GLY A 190 52.63 10.89 -3.38
C GLY A 190 51.31 10.19 -3.72
N GLU A 191 51.35 9.20 -4.62
CA GLU A 191 50.16 8.46 -4.99
C GLU A 191 49.61 7.64 -3.83
N GLU A 192 50.49 7.20 -2.94
CA GLU A 192 49.95 6.46 -1.76
C GLU A 192 49.01 7.41 -1.00
N ALA A 193 49.39 8.69 -0.91
CA ALA A 193 48.56 9.66 -0.18
C ALA A 193 47.23 9.88 -0.90
N MET A 194 47.26 10.05 -2.22
CA MET A 194 46.00 10.40 -2.93
C MET A 194 45.04 9.20 -2.92
N GLU A 195 45.56 7.97 -2.97
CA GLU A 195 44.62 6.81 -2.86
C GLU A 195 43.97 6.80 -1.47
N LYS A 196 44.73 7.15 -0.42
CA LYS A 196 44.19 7.18 0.97
C LYS A 196 43.10 8.25 1.05
N PHE A 197 43.29 9.38 0.37
CA PHE A 197 42.24 10.43 0.34
C PHE A 197 41.02 9.85 -0.35
N ARG A 198 41.22 9.12 -1.45
CA ARG A 198 40.09 8.47 -2.16
C ARG A 198 39.49 7.42 -1.23
N GLU A 199 40.33 6.73 -0.46
CA GLU A 199 39.88 5.72 0.52
C GLU A 199 39.01 6.40 1.57
N ASP A 200 39.34 7.64 1.96
CA ASP A 200 38.58 8.27 3.06
C ASP A 200 37.27 8.80 2.49
N GLU A 201 37.23 9.18 1.21
CA GLU A 201 35.93 9.53 0.58
C GLU A 201 35.25 8.24 0.12
N GLY A 202 35.80 7.10 0.51
CA GLY A 202 35.26 5.78 0.11
C GLY A 202 34.85 5.71 -1.35
N PHE A 203 35.80 5.66 -2.28
CA PHE A 203 35.41 5.48 -3.70
C PHE A 203 36.02 4.18 -4.20
N LEU A 204 35.22 3.36 -4.90
CA LEU A 204 35.71 2.04 -5.38
C LEU A 204 36.93 2.28 -6.28
N ARG A 205 38.00 1.51 -6.09
CA ARG A 205 39.24 1.79 -6.85
C ARG A 205 39.67 0.56 -7.66
N GLU A 206 38.80 -0.44 -7.84
CA GLU A 206 39.27 -1.70 -8.47
C GLU A 206 38.90 -1.80 -9.95
N GLU A 207 39.90 -1.82 -10.83
CA GLU A 207 39.65 -2.05 -12.28
C GLU A 207 40.70 -3.07 -12.75
N GLU A 208 40.57 -4.32 -12.31
CA GLU A 208 41.58 -5.35 -12.65
C GLU A 208 41.06 -6.22 -13.81
N ARG A 209 41.61 -6.01 -15.01
CA ARG A 209 41.15 -6.76 -16.20
C ARG A 209 42.37 -7.44 -16.81
N PRO A 210 42.76 -8.64 -16.35
CA PRO A 210 43.99 -9.24 -16.84
C PRO A 210 43.82 -9.93 -18.19
N LEU A 211 43.80 -9.19 -19.31
CA LEU A 211 43.72 -9.90 -20.62
C LEU A 211 44.93 -10.83 -20.70
N PRO A 212 44.80 -12.06 -21.22
CA PRO A 212 45.91 -13.02 -21.19
C PRO A 212 47.15 -12.58 -22.00
N ARG A 213 46.96 -11.83 -23.08
CA ARG A 213 48.08 -11.35 -23.93
C ARG A 213 48.84 -12.50 -24.59
N ARG A 214 48.14 -13.55 -25.01
CA ARG A 214 48.79 -14.66 -25.77
C ARG A 214 48.43 -14.52 -27.25
N ASP A 215 48.03 -13.32 -27.70
CA ASP A 215 47.80 -13.05 -29.15
C ASP A 215 46.39 -13.40 -29.65
N PHE A 216 45.88 -14.61 -29.40
CA PHE A 216 44.57 -15.01 -29.99
C PHE A 216 43.59 -15.11 -28.84
N GLN A 217 44.06 -15.66 -27.73
CA GLN A 217 43.21 -15.82 -26.53
C GLN A 217 42.78 -14.42 -26.12
N ARG A 218 43.70 -13.46 -26.14
CA ARG A 218 43.38 -12.05 -25.80
C ARG A 218 42.42 -11.42 -26.82
N GLN A 219 42.54 -11.75 -28.10
CA GLN A 219 41.73 -11.05 -29.14
C GLN A 219 40.27 -11.52 -29.09
N VAL A 220 40.04 -12.82 -29.01
CA VAL A 220 38.69 -13.36 -28.92
C VAL A 220 38.08 -13.11 -27.54
N TRP A 221 38.91 -12.98 -26.50
CA TRP A 221 38.39 -12.58 -25.19
C TRP A 221 37.90 -11.15 -25.22
N LEU A 222 38.60 -10.28 -25.95
CA LEU A 222 38.13 -8.92 -26.16
C LEU A 222 36.85 -8.91 -26.99
N LEU A 223 36.70 -9.87 -27.89
CA LEU A 223 35.49 -9.91 -28.69
C LEU A 223 34.29 -10.38 -27.88
N PHE A 224 34.49 -11.36 -26.99
CA PHE A 224 33.35 -11.98 -26.33
C PHE A 224 33.02 -11.39 -24.98
N GLU A 225 33.93 -10.69 -24.35
CA GLU A 225 33.62 -10.22 -23.02
C GLU A 225 33.17 -8.77 -22.99
N TYR A 226 33.87 -7.89 -23.69
CA TYR A 226 33.58 -6.47 -23.60
C TYR A 226 32.84 -6.01 -24.85
N PRO A 227 31.51 -5.85 -24.79
CA PRO A 227 30.72 -5.70 -26.01
C PRO A 227 30.85 -4.36 -26.70
N GLU A 228 31.40 -3.36 -26.03
CA GLU A 228 31.54 -2.04 -26.62
C GLU A 228 32.74 -1.91 -27.54
N SER A 229 33.57 -2.95 -27.64
CA SER A 229 34.88 -2.80 -28.25
C SER A 229 34.79 -2.67 -29.76
N SER A 230 33.88 -3.38 -30.38
CA SER A 230 33.89 -3.51 -31.83
C SER A 230 32.47 -3.38 -32.35
N GLY A 231 32.28 -3.83 -33.58
CA GLY A 231 30.96 -3.97 -34.17
C GLY A 231 30.38 -5.35 -33.97
N PRO A 232 31.14 -6.39 -34.35
CA PRO A 232 30.71 -7.76 -34.03
C PRO A 232 30.54 -8.06 -32.54
N ALA A 233 31.19 -7.33 -31.64
CA ALA A 233 30.92 -7.52 -30.23
C ALA A 233 29.50 -7.11 -29.86
N ARG A 234 29.02 -5.97 -30.39
CA ARG A 234 27.63 -5.60 -30.15
C ARG A 234 26.68 -6.51 -30.91
N GLY A 235 27.11 -7.05 -32.05
CA GLY A 235 26.30 -8.05 -32.72
C GLY A 235 26.12 -9.31 -31.91
N ILE A 236 27.19 -9.73 -31.22
CA ILE A 236 27.13 -10.92 -30.39
C ILE A 236 26.30 -10.67 -29.14
N ALA A 237 26.36 -9.46 -28.60
CA ALA A 237 25.51 -9.12 -27.47
C ALA A 237 24.03 -9.14 -27.86
N ILE A 238 23.70 -8.61 -29.04
CA ILE A 238 22.32 -8.58 -29.46
C ILE A 238 21.80 -9.98 -29.75
N VAL A 239 22.64 -10.84 -30.34
CA VAL A 239 22.22 -12.21 -30.61
C VAL A 239 22.01 -13.00 -29.32
N SER A 240 22.87 -12.81 -28.33
CA SER A 240 22.70 -13.53 -27.08
C SER A 240 21.44 -13.11 -26.33
N VAL A 241 21.11 -11.81 -26.37
CA VAL A 241 19.90 -11.37 -25.68
C VAL A 241 18.65 -11.89 -26.38
N LEU A 242 18.68 -11.97 -27.72
CA LEU A 242 17.50 -12.48 -28.41
C LEU A 242 17.33 -13.98 -28.22
N VAL A 243 18.44 -14.73 -28.11
CA VAL A 243 18.34 -16.16 -27.83
C VAL A 243 17.77 -16.41 -26.45
N ILE A 244 18.19 -15.65 -25.44
CA ILE A 244 17.64 -15.81 -24.10
C ILE A 244 16.15 -15.52 -24.07
N LEU A 245 15.73 -14.49 -24.81
CA LEU A 245 14.32 -14.14 -24.83
C LEU A 245 13.46 -15.22 -25.47
N ILE A 246 13.90 -15.81 -26.60
CA ILE A 246 13.07 -16.87 -27.15
C ILE A 246 13.13 -18.14 -26.33
N SER A 247 14.15 -18.31 -25.47
CA SER A 247 14.13 -19.46 -24.59
C SER A 247 13.06 -19.34 -23.52
N ILE A 248 12.91 -18.13 -22.96
CA ILE A 248 11.83 -17.89 -21.99
C ILE A 248 10.46 -18.10 -22.63
N VAL A 249 10.30 -17.64 -23.87
CA VAL A 249 9.03 -17.79 -24.57
C VAL A 249 8.71 -19.27 -24.82
N ILE A 250 9.70 -20.12 -25.05
CA ILE A 250 9.44 -21.59 -25.23
C ILE A 250 9.07 -22.21 -23.88
N PHE A 251 9.66 -21.80 -22.77
CA PHE A 251 9.36 -22.40 -21.44
C PHE A 251 7.91 -22.17 -21.07
N CYS A 252 7.34 -21.00 -21.39
CA CYS A 252 5.95 -20.65 -21.05
C CYS A 252 4.98 -21.17 -22.10
N LEU A 253 5.25 -21.04 -23.41
CA LEU A 253 4.34 -21.55 -24.43
C LEU A 253 4.37 -23.07 -24.53
N GLU A 254 5.41 -23.70 -24.01
CA GLU A 254 5.39 -25.15 -23.96
C GLU A 254 4.38 -25.61 -22.94
N THR A 255 4.34 -24.96 -21.78
CA THR A 255 3.37 -25.47 -20.82
C THR A 255 1.93 -25.03 -21.08
N LEU A 256 1.67 -24.12 -22.03
CA LEU A 256 0.30 -23.83 -22.48
C LEU A 256 -0.39 -25.08 -23.04
N PRO A 257 -1.75 -25.19 -22.96
CA PRO A 257 -2.41 -26.44 -23.34
C PRO A 257 -2.95 -26.51 -24.76
N GLU A 258 -3.00 -25.38 -25.46
CA GLU A 258 -3.67 -25.32 -26.76
C GLU A 258 -2.90 -26.09 -27.82
N PHE A 259 -1.59 -26.24 -27.63
CA PHE A 259 -0.78 -26.95 -28.62
C PHE A 259 -0.74 -28.44 -28.32
N ARG A 260 -1.04 -28.84 -27.10
CA ARG A 260 -0.97 -30.24 -26.73
C ARG A 260 -2.28 -30.98 -26.96
N ASP A 261 -3.27 -30.33 -27.59
CA ASP A 261 -4.59 -30.94 -27.74
C ASP A 261 -4.62 -31.99 -28.84
N GLU A 262 -3.47 -32.27 -29.43
CA GLU A 262 -3.45 -33.42 -30.37
C GLU A 262 -3.04 -34.61 -29.52
N LYS A 263 -2.51 -34.35 -28.33
CA LYS A 263 -1.98 -35.42 -27.45
C LYS A 263 -2.67 -35.29 -26.09
N ASP A 264 -3.77 -34.57 -25.95
CA ASP A 264 -4.37 -34.49 -24.58
C ASP A 264 -5.11 -35.79 -24.29
N TYR A 265 -4.41 -36.88 -23.98
CA TYR A 265 -5.10 -38.19 -23.79
C TYR A 265 -4.59 -38.87 -22.52
N PRO A 266 -5.33 -39.81 -21.90
CA PRO A 266 -4.90 -40.38 -20.63
C PRO A 266 -3.54 -41.04 -20.82
N ALA A 267 -2.67 -40.95 -19.81
CA ALA A 267 -1.27 -41.44 -19.93
C ALA A 267 -1.25 -42.94 -20.23
N SER A 268 -2.15 -43.70 -19.63
CA SER A 268 -2.18 -45.15 -19.98
C SER A 268 -2.81 -45.29 -21.36
N THR A 269 -2.00 -45.70 -22.35
CA THR A 269 -2.55 -45.97 -23.70
C THR A 269 -2.22 -47.44 -24.01
N GLY A 287 10.08 -34.68 -24.78
CA GLY A 287 11.48 -34.99 -24.92
C GLY A 287 11.68 -36.20 -25.81
N ALA A 288 10.77 -36.36 -26.77
CA ALA A 288 10.91 -37.39 -27.78
C ALA A 288 11.90 -36.94 -28.82
N SER A 289 12.83 -37.83 -29.17
CA SER A 289 13.87 -37.54 -30.15
C SER A 289 13.36 -37.77 -31.58
N SER A 290 12.05 -37.82 -31.76
CA SER A 290 11.44 -37.99 -33.07
C SER A 290 11.59 -36.77 -33.95
N PHE A 291 11.99 -35.63 -33.38
CA PHE A 291 12.20 -34.35 -34.06
C PHE A 291 10.95 -33.85 -34.73
N SER A 292 9.78 -34.28 -34.25
CA SER A 292 8.52 -33.81 -34.77
C SER A 292 7.98 -32.65 -33.95
N ASP A 293 8.31 -32.59 -32.67
CA ASP A 293 7.85 -31.52 -31.82
C ASP A 293 8.68 -30.28 -32.04
N PRO A 294 8.10 -29.18 -32.51
CA PRO A 294 8.91 -28.00 -32.84
C PRO A 294 9.54 -27.33 -31.64
N PHE A 295 8.91 -27.43 -30.47
CA PHE A 295 9.48 -26.92 -29.24
C PHE A 295 10.78 -27.60 -28.90
N PHE A 296 10.90 -28.90 -29.21
CA PHE A 296 12.13 -29.60 -28.91
C PHE A 296 13.27 -29.13 -29.79
N VAL A 297 13.03 -28.92 -31.08
CA VAL A 297 14.16 -28.57 -31.93
C VAL A 297 14.58 -27.13 -31.70
N VAL A 298 13.65 -26.23 -31.38
CA VAL A 298 14.08 -24.88 -31.09
C VAL A 298 14.73 -24.80 -29.70
N GLU A 299 14.32 -25.68 -28.78
CA GLU A 299 14.97 -25.77 -27.50
C GLU A 299 16.40 -26.26 -27.62
N THR A 300 16.63 -27.26 -28.48
CA THR A 300 17.99 -27.81 -28.71
C THR A 300 18.85 -26.76 -29.40
N LEU A 301 18.30 -25.92 -30.25
CA LEU A 301 19.10 -24.85 -30.84
C LEU A 301 19.53 -23.84 -29.78
N CYS A 302 18.64 -23.51 -28.85
CA CYS A 302 19.03 -22.61 -27.77
C CYS A 302 20.11 -23.21 -26.87
N ILE A 303 20.01 -24.50 -26.57
CA ILE A 303 21.02 -25.08 -25.69
C ILE A 303 22.34 -25.27 -26.44
N ILE A 304 22.30 -25.44 -27.76
CA ILE A 304 23.51 -25.46 -28.58
C ILE A 304 24.23 -24.12 -28.50
N TRP A 305 23.48 -23.02 -28.60
CA TRP A 305 24.12 -21.71 -28.55
C TRP A 305 24.71 -21.43 -27.18
N PHE A 306 23.99 -21.79 -26.11
CA PHE A 306 24.50 -21.58 -24.76
C PHE A 306 25.76 -22.40 -24.52
N SER A 307 25.80 -23.64 -25.00
CA SER A 307 26.96 -24.49 -24.78
C SER A 307 28.18 -23.99 -25.53
N PHE A 308 28.01 -23.58 -26.78
CA PHE A 308 29.15 -23.08 -27.55
C PHE A 308 29.73 -21.81 -26.95
N GLU A 309 28.85 -20.89 -26.56
CA GLU A 309 29.28 -19.64 -25.96
C GLU A 309 29.99 -19.86 -24.63
N LEU A 310 29.48 -20.78 -23.81
CA LEU A 310 30.15 -21.04 -22.53
C LEU A 310 31.50 -21.71 -22.73
N LEU A 311 31.62 -22.61 -23.72
CA LEU A 311 32.89 -23.31 -23.88
C LEU A 311 33.98 -22.40 -24.43
N VAL A 312 33.60 -21.44 -25.27
CA VAL A 312 34.60 -20.48 -25.72
C VAL A 312 34.99 -19.54 -24.59
N ARG A 313 34.03 -19.12 -23.76
CA ARG A 313 34.41 -18.28 -22.62
C ARG A 313 35.22 -19.07 -21.59
N PHE A 314 35.15 -20.40 -21.60
CA PHE A 314 36.08 -21.15 -20.77
C PHE A 314 37.47 -21.17 -21.37
N PHE A 315 37.59 -21.54 -22.65
CA PHE A 315 38.92 -21.82 -23.17
C PHE A 315 39.70 -20.56 -23.50
N ALA A 316 39.05 -19.40 -23.56
CA ALA A 316 39.73 -18.15 -23.84
C ALA A 316 39.83 -17.25 -22.63
N CYS A 317 39.68 -17.79 -21.43
CA CYS A 317 39.73 -16.90 -20.30
C CYS A 317 41.17 -16.77 -19.82
N PRO A 318 41.53 -15.62 -19.26
CA PRO A 318 42.91 -15.46 -18.76
C PRO A 318 43.15 -16.02 -17.38
N SER A 319 42.14 -16.59 -16.72
CA SER A 319 42.30 -17.13 -15.38
C SER A 319 41.40 -18.34 -15.25
N LYS A 320 41.91 -19.55 -15.48
CA LYS A 320 40.99 -20.70 -15.46
C LYS A 320 40.75 -21.13 -14.02
N ALA A 321 41.62 -20.73 -13.09
CA ALA A 321 41.34 -21.13 -11.72
C ALA A 321 40.19 -20.33 -11.13
N THR A 322 39.98 -19.10 -11.58
CA THR A 322 38.95 -18.26 -11.00
C THR A 322 37.62 -18.40 -11.72
N PHE A 323 37.54 -19.26 -12.74
CA PHE A 323 36.34 -19.31 -13.56
C PHE A 323 35.20 -19.95 -12.81
N SER A 324 35.48 -20.88 -11.90
CA SER A 324 34.38 -21.37 -11.08
C SER A 324 34.26 -20.56 -9.78
N ARG A 325 34.30 -19.24 -9.90
CA ARG A 325 34.11 -18.37 -8.75
C ARG A 325 33.10 -17.27 -9.06
N ASN A 326 33.08 -16.82 -10.31
CA ASN A 326 32.14 -15.79 -10.70
C ASN A 326 30.74 -16.37 -10.84
N ILE A 327 29.76 -15.64 -10.32
CA ILE A 327 28.44 -16.19 -10.10
C ILE A 327 27.68 -16.34 -11.40
N MET A 328 27.96 -15.47 -12.37
CA MET A 328 27.28 -15.56 -13.66
C MET A 328 27.76 -16.77 -14.45
N ASN A 329 28.97 -17.25 -14.19
CA ASN A 329 29.42 -18.50 -14.80
C ASN A 329 28.67 -19.69 -14.24
N LEU A 330 28.40 -19.67 -12.93
CA LEU A 330 27.63 -20.76 -12.28
C LEU A 330 26.16 -20.66 -12.69
N ILE A 331 25.69 -19.49 -13.11
CA ILE A 331 24.36 -19.37 -13.69
C ILE A 331 24.31 -20.05 -15.06
N ASP A 332 25.35 -19.87 -15.87
CA ASP A 332 25.41 -20.57 -17.16
C ASP A 332 25.42 -22.08 -16.99
N ILE A 333 26.15 -22.59 -16.01
CA ILE A 333 26.24 -24.04 -15.83
C ILE A 333 24.89 -24.60 -15.39
N VAL A 334 24.25 -23.98 -14.38
CA VAL A 334 22.98 -24.52 -13.93
C VAL A 334 21.83 -24.19 -14.87
N ALA A 335 22.05 -23.39 -15.91
CA ALA A 335 21.07 -23.32 -16.98
C ALA A 335 21.28 -24.40 -18.03
N ILE A 336 22.52 -24.86 -18.22
CA ILE A 336 22.75 -25.96 -19.17
C ILE A 336 22.24 -27.28 -18.61
N ILE A 337 22.41 -27.51 -17.29
CA ILE A 337 22.33 -28.86 -16.70
C ILE A 337 21.07 -29.68 -17.00
N PRO A 338 19.83 -29.19 -16.78
CA PRO A 338 18.70 -30.13 -16.74
C PRO A 338 18.33 -30.72 -18.09
N TYR A 339 18.61 -30.01 -19.19
CA TYR A 339 18.36 -30.60 -20.50
C TYR A 339 19.28 -31.78 -20.75
N PHE A 340 20.54 -31.66 -20.32
CA PHE A 340 21.48 -32.80 -20.50
C PHE A 340 21.05 -33.97 -19.62
N ILE A 341 20.70 -33.75 -18.36
CA ILE A 341 20.37 -34.93 -17.57
C ILE A 341 19.02 -35.53 -17.97
N THR A 342 18.09 -34.76 -18.54
CA THR A 342 16.89 -35.43 -19.02
C THR A 342 17.13 -36.15 -20.34
N LEU A 343 18.02 -35.65 -21.19
CA LEU A 343 18.36 -36.39 -22.40
C LEU A 343 19.10 -37.66 -22.07
N GLY A 344 20.00 -37.58 -21.09
CA GLY A 344 20.78 -38.74 -20.71
C GLY A 344 19.93 -39.82 -20.08
N THR A 345 19.03 -39.45 -19.17
CA THR A 345 18.20 -40.46 -18.55
C THR A 345 17.10 -40.93 -19.50
N GLU A 346 16.73 -40.13 -20.49
CA GLU A 346 15.74 -40.61 -21.45
C GLU A 346 16.33 -41.64 -22.40
N LEU A 347 17.53 -41.41 -22.92
CA LEU A 347 18.12 -42.44 -23.76
C LEU A 347 19.16 -43.29 -23.04
N ALA A 348 19.11 -43.39 -21.72
CA ALA A 348 19.97 -44.32 -21.00
C ALA A 348 19.50 -45.76 -21.22
N SER A 359 13.58 -41.72 -10.53
CA SER A 359 13.42 -40.66 -11.52
C SER A 359 12.20 -39.79 -11.25
N LEU A 360 11.08 -40.38 -10.85
CA LEU A 360 9.81 -39.65 -10.79
C LEU A 360 9.80 -38.64 -9.64
N ALA A 361 10.76 -38.73 -8.72
CA ALA A 361 10.94 -37.68 -7.74
C ALA A 361 11.70 -36.50 -8.32
N ILE A 362 12.74 -36.79 -9.12
CA ILE A 362 13.60 -35.72 -9.67
C ILE A 362 12.85 -34.92 -10.74
N LEU A 363 11.96 -35.56 -11.49
CA LEU A 363 11.37 -34.86 -12.65
C LEU A 363 10.63 -33.58 -12.25
N ARG A 364 9.98 -33.52 -11.09
CA ARG A 364 9.21 -32.27 -10.81
C ARG A 364 10.17 -31.16 -10.35
N VAL A 365 11.30 -31.52 -9.77
CA VAL A 365 12.35 -30.51 -9.41
C VAL A 365 13.07 -30.01 -10.66
N ILE A 366 13.49 -30.91 -11.55
CA ILE A 366 14.26 -30.53 -12.77
C ILE A 366 13.41 -29.58 -13.64
N ARG A 367 12.09 -29.77 -13.72
CA ARG A 367 11.19 -28.91 -14.53
C ARG A 367 11.12 -27.51 -13.95
N LEU A 368 11.49 -27.30 -12.69
CA LEU A 368 11.51 -25.93 -12.10
C LEU A 368 12.94 -25.38 -11.99
N VAL A 369 13.99 -26.14 -12.33
CA VAL A 369 15.35 -25.55 -12.31
C VAL A 369 15.59 -25.02 -13.72
N ARG A 370 14.59 -25.10 -14.58
CA ARG A 370 14.73 -24.55 -15.94
C ARG A 370 14.27 -23.10 -15.93
N VAL A 371 13.88 -22.56 -14.77
CA VAL A 371 13.41 -21.14 -14.67
C VAL A 371 14.59 -20.24 -14.41
N PHE A 372 15.80 -20.77 -14.34
CA PHE A 372 16.96 -19.92 -13.97
C PHE A 372 17.57 -19.31 -15.21
N ARG A 373 17.06 -19.64 -16.39
CA ARG A 373 17.47 -18.90 -17.56
C ARG A 373 16.98 -17.46 -17.56
N ILE A 374 16.06 -17.10 -16.67
CA ILE A 374 15.70 -15.69 -16.55
C ILE A 374 16.80 -14.92 -15.84
N PHE A 375 17.52 -15.55 -14.91
CA PHE A 375 18.66 -14.90 -14.27
C PHE A 375 19.88 -14.94 -15.13
N LYS A 376 19.88 -15.74 -16.19
CA LYS A 376 21.06 -15.58 -17.05
C LYS A 376 21.02 -14.32 -17.92
N LEU A 377 20.02 -13.46 -17.72
CA LEU A 377 19.90 -12.18 -18.50
C LEU A 377 20.56 -11.05 -17.71
N SER A 378 21.29 -11.38 -16.67
CA SER A 378 21.91 -10.35 -15.84
C SER A 378 23.29 -9.98 -16.30
N ARG A 379 23.94 -10.73 -17.18
CA ARG A 379 25.26 -10.29 -17.70
C ARG A 379 25.10 -9.06 -18.57
N HIS A 380 23.93 -8.88 -19.19
CA HIS A 380 23.68 -7.78 -20.14
C HIS A 380 22.83 -6.67 -19.51
N SER A 381 22.60 -6.67 -18.20
CA SER A 381 21.87 -5.55 -17.55
C SER A 381 22.64 -5.05 -16.35
N LYS A 382 22.65 -3.73 -16.11
CA LYS A 382 23.37 -3.14 -14.96
C LYS A 382 22.33 -2.78 -13.91
N GLY A 383 21.08 -3.15 -14.10
CA GLY A 383 20.08 -2.94 -13.04
C GLY A 383 19.91 -4.21 -12.25
N LEU A 384 19.95 -5.37 -12.91
CA LEU A 384 19.86 -6.66 -12.20
C LEU A 384 21.12 -6.89 -11.37
N GLN A 385 22.29 -6.51 -11.87
CA GLN A 385 23.54 -6.65 -11.11
C GLN A 385 23.51 -5.79 -9.85
N ILE A 386 23.00 -4.56 -9.89
CA ILE A 386 22.83 -3.68 -8.70
C ILE A 386 21.80 -4.26 -7.72
N LEU A 387 20.70 -4.88 -8.18
CA LEU A 387 19.75 -5.58 -7.29
C LEU A 387 20.41 -6.82 -6.70
N GLY A 388 21.35 -7.43 -7.38
CA GLY A 388 22.03 -8.53 -6.72
C GLY A 388 22.97 -8.07 -5.63
N GLN A 389 23.66 -6.95 -5.84
CA GLN A 389 24.50 -6.40 -4.78
C GLN A 389 23.67 -5.92 -3.60
N THR A 390 22.53 -5.30 -3.87
CA THR A 390 21.65 -4.82 -2.80
C THR A 390 21.07 -5.97 -1.98
N LEU A 391 20.67 -7.05 -2.64
CA LEU A 391 20.14 -8.18 -1.90
C LEU A 391 21.22 -9.01 -1.24
N LYS A 392 22.47 -8.90 -1.67
CA LYS A 392 23.49 -9.58 -0.89
C LYS A 392 23.83 -8.78 0.35
N ALA A 393 24.04 -7.49 0.22
CA ALA A 393 24.49 -6.68 1.34
C ALA A 393 23.40 -6.34 2.34
N SER A 394 22.23 -6.98 2.30
CA SER A 394 21.11 -6.65 3.17
C SER A 394 20.38 -7.90 3.63
N MET A 395 21.10 -8.92 4.05
CA MET A 395 20.40 -10.16 4.39
C MET A 395 19.89 -10.15 5.82
N ARG A 396 20.55 -9.41 6.71
CA ARG A 396 20.06 -9.30 8.07
C ARG A 396 18.71 -8.61 8.13
N GLU A 397 18.50 -7.63 7.26
CA GLU A 397 17.24 -6.91 7.21
C GLU A 397 16.12 -7.78 6.65
N LEU A 398 16.40 -8.60 5.64
CA LEU A 398 15.38 -9.49 5.11
C LEU A 398 15.02 -10.59 6.11
N GLY A 399 16.03 -11.10 6.83
CA GLY A 399 15.73 -12.03 7.91
C GLY A 399 14.86 -11.42 9.00
N LEU A 400 15.09 -10.15 9.33
CA LEU A 400 14.23 -9.48 10.29
C LEU A 400 12.82 -9.27 9.76
N LEU A 401 12.68 -9.03 8.46
CA LEU A 401 11.37 -8.88 7.85
C LEU A 401 10.55 -10.16 7.95
N ILE A 402 11.14 -11.28 7.55
CA ILE A 402 10.41 -12.55 7.61
C ILE A 402 10.15 -12.99 9.05
N PHE A 403 11.06 -12.69 9.96
CA PHE A 403 10.84 -13.04 11.36
C PHE A 403 9.69 -12.26 11.98
N PHE A 404 9.60 -10.96 11.71
CA PHE A 404 8.50 -10.15 12.21
C PHE A 404 7.18 -10.59 11.63
N LEU A 405 7.18 -10.99 10.37
CA LEU A 405 5.96 -11.49 9.76
C LEU A 405 5.47 -12.76 10.42
N PHE A 406 6.37 -13.69 10.70
CA PHE A 406 5.99 -14.95 11.35
C PHE A 406 5.42 -14.72 12.75
N ILE A 407 6.00 -13.77 13.50
CA ILE A 407 5.48 -13.44 14.82
C ILE A 407 4.05 -12.91 14.72
N GLY A 408 3.84 -11.94 13.83
CA GLY A 408 2.51 -11.36 13.69
C GLY A 408 1.47 -12.35 13.18
N VAL A 409 1.87 -13.28 12.31
CA VAL A 409 0.93 -14.25 11.77
C VAL A 409 0.47 -15.20 12.86
N ILE A 410 1.38 -15.65 13.72
CA ILE A 410 0.96 -16.53 14.82
C ILE A 410 0.03 -15.80 15.78
N LEU A 411 0.39 -14.57 16.13
CA LEU A 411 -0.37 -13.81 17.12
C LEU A 411 -1.77 -13.47 16.65
N PHE A 412 -1.90 -12.94 15.44
CA PHE A 412 -3.20 -12.50 14.98
C PHE A 412 -4.07 -13.65 14.52
N SER A 413 -3.50 -14.73 13.98
CA SER A 413 -4.34 -15.85 13.60
C SER A 413 -4.89 -16.56 14.83
N SER A 414 -4.10 -16.64 15.89
CA SER A 414 -4.63 -17.19 17.13
C SER A 414 -5.72 -16.33 17.74
N ALA A 415 -5.55 -15.01 17.74
CA ALA A 415 -6.58 -14.17 18.34
C ALA A 415 -7.88 -14.20 17.54
N VAL A 416 -7.87 -14.27 16.21
CA VAL A 416 -9.12 -14.34 15.38
C VAL A 416 -9.73 -15.72 15.48
N TYR A 417 -8.96 -16.79 15.66
CA TYR A 417 -9.57 -18.10 15.88
C TYR A 417 -10.28 -18.16 17.22
N PHE A 418 -9.71 -17.56 18.26
CA PHE A 418 -10.39 -17.69 19.53
C PHE A 418 -11.49 -16.67 19.73
N ALA A 419 -11.67 -15.72 18.82
CA ALA A 419 -12.68 -14.65 19.00
C ALA A 419 -13.83 -14.83 18.03
N GLU A 420 -13.90 -15.97 17.32
CA GLU A 420 -14.91 -16.21 16.28
C GLU A 420 -15.33 -17.69 16.22
N ALA A 421 -14.73 -18.57 17.01
CA ALA A 421 -15.03 -20.02 17.00
C ALA A 421 -16.43 -20.33 17.52
N ASP A 422 -16.91 -19.60 18.52
CA ASP A 422 -18.25 -19.85 19.10
C ASP A 422 -19.37 -19.65 18.07
N ASP A 423 -19.29 -18.65 17.20
CA ASP A 423 -20.41 -18.35 16.26
C ASP A 423 -20.64 -19.56 15.38
N PRO A 424 -21.88 -20.03 15.25
CA PRO A 424 -22.15 -21.22 14.47
C PRO A 424 -22.01 -21.02 12.96
N THR A 425 -22.01 -19.79 12.49
CA THR A 425 -21.90 -19.46 11.04
C THR A 425 -20.50 -19.02 10.64
N SER A 426 -19.51 -19.06 11.54
CA SER A 426 -18.10 -18.65 11.28
C SER A 426 -17.37 -19.74 10.55
N GLY A 427 -16.21 -19.44 10.00
CA GLY A 427 -15.52 -20.41 9.15
C GLY A 427 -14.12 -20.74 9.59
N PHE A 428 -13.65 -20.20 10.70
CA PHE A 428 -12.28 -20.56 11.05
C PHE A 428 -12.29 -21.85 11.85
N SER A 429 -11.73 -22.92 11.30
CA SER A 429 -11.85 -24.21 11.97
C SER A 429 -10.55 -24.66 12.62
N SER A 430 -9.49 -23.88 12.53
CA SER A 430 -8.21 -24.27 13.09
C SER A 430 -7.40 -23.01 13.29
N ILE A 431 -6.35 -23.11 14.10
CA ILE A 431 -5.36 -22.04 14.05
C ILE A 431 -4.53 -22.20 12.79
N PRO A 432 -4.06 -23.40 12.34
CA PRO A 432 -3.43 -23.40 11.01
C PRO A 432 -4.42 -23.40 9.87
N ASP A 433 -5.44 -22.56 9.97
CA ASP A 433 -6.38 -22.26 8.93
C ASP A 433 -6.66 -20.79 8.81
N ALA A 434 -6.29 -20.00 9.80
CA ALA A 434 -6.31 -18.57 9.71
C ALA A 434 -4.97 -17.99 9.30
N PHE A 435 -3.99 -18.82 8.96
CA PHE A 435 -2.68 -18.30 8.61
C PHE A 435 -2.73 -17.52 7.30
N TRP A 436 -3.39 -18.04 6.27
CA TRP A 436 -3.51 -17.30 5.00
C TRP A 436 -4.30 -16.02 5.23
N TRP A 437 -5.39 -16.05 5.95
CA TRP A 437 -6.11 -14.82 6.23
C TRP A 437 -5.20 -13.79 6.89
N ALA A 438 -4.37 -14.22 7.84
CA ALA A 438 -3.49 -13.30 8.53
C ALA A 438 -2.42 -12.73 7.60
N VAL A 439 -1.90 -13.44 6.62
CA VAL A 439 -0.79 -12.92 5.75
C VAL A 439 -1.35 -11.90 4.78
N VAL A 440 -2.44 -12.20 4.07
CA VAL A 440 -3.11 -11.31 3.09
C VAL A 440 -3.66 -10.03 3.74
N THR A 441 -4.25 -10.02 4.94
CA THR A 441 -4.69 -8.79 5.64
C THR A 441 -3.53 -7.87 6.03
N MET A 442 -2.44 -8.37 6.58
CA MET A 442 -1.25 -7.58 7.00
C MET A 442 -0.47 -7.00 5.83
N THR A 443 -0.19 -7.75 4.78
CA THR A 443 0.50 -7.28 3.54
C THR A 443 -0.43 -6.39 2.72
N THR A 444 -1.76 -6.47 2.89
CA THR A 444 -2.82 -5.68 2.23
C THR A 444 -3.31 -6.27 0.91
N VAL A 445 -2.92 -7.49 0.51
CA VAL A 445 -3.45 -8.01 -0.76
C VAL A 445 -4.92 -8.06 -0.45
N GLY A 446 -5.26 -8.60 0.69
CA GLY A 446 -6.63 -8.48 1.15
C GLY A 446 -7.62 -9.55 0.89
N TYR A 447 -7.40 -10.44 -0.04
CA TYR A 447 -8.55 -11.37 -0.31
C TYR A 447 -9.04 -12.18 0.90
N GLY A 448 -8.17 -12.75 1.74
CA GLY A 448 -8.54 -13.56 2.92
C GLY A 448 -9.07 -14.92 2.54
N ASP A 449 -8.96 -15.93 3.42
CA ASP A 449 -9.69 -17.14 3.01
C ASP A 449 -11.16 -16.81 3.23
N MET A 450 -11.47 -16.17 4.37
CA MET A 450 -12.88 -15.79 4.71
C MET A 450 -12.87 -14.35 5.21
N HIS A 451 -13.86 -13.95 6.00
CA HIS A 451 -13.81 -12.61 6.62
C HIS A 451 -14.51 -12.65 8.00
N PRO A 452 -14.02 -12.01 9.09
CA PRO A 452 -14.71 -12.01 10.35
C PRO A 452 -16.21 -11.68 10.31
N VAL A 453 -17.05 -12.36 11.11
CA VAL A 453 -18.48 -12.12 11.20
C VAL A 453 -18.94 -11.77 12.60
N THR A 454 -18.00 -11.69 13.55
CA THR A 454 -18.35 -11.40 14.96
C THR A 454 -17.87 -9.98 15.26
N ILE A 455 -18.33 -9.32 16.32
CA ILE A 455 -17.78 -7.98 16.66
C ILE A 455 -16.33 -8.17 17.07
N GLY A 456 -15.98 -9.23 17.79
CA GLY A 456 -14.61 -9.49 18.25
C GLY A 456 -13.65 -9.81 17.14
N GLY A 457 -14.08 -10.54 16.12
CA GLY A 457 -13.23 -10.83 14.95
C GLY A 457 -12.92 -9.57 14.20
N LYS A 458 -13.85 -8.64 14.13
CA LYS A 458 -13.68 -7.34 13.46
C LYS A 458 -12.69 -6.44 14.20
N ILE A 459 -12.66 -6.40 15.52
CA ILE A 459 -11.64 -5.63 16.30
C ILE A 459 -10.24 -6.23 16.14
N VAL A 460 -10.07 -7.54 16.02
CA VAL A 460 -8.76 -8.24 15.84
C VAL A 460 -8.38 -8.23 14.37
N GLY A 461 -9.28 -7.81 13.50
CA GLY A 461 -8.99 -7.73 12.07
C GLY A 461 -8.61 -6.32 11.69
N SER A 462 -9.08 -5.31 12.42
CA SER A 462 -8.60 -3.96 12.17
C SER A 462 -7.23 -3.74 12.80
N LEU A 463 -7.00 -4.31 13.99
CA LEU A 463 -5.66 -4.24 14.56
C LEU A 463 -4.64 -4.99 13.71
N CYS A 464 -5.06 -6.09 13.07
CA CYS A 464 -4.18 -6.86 12.20
C CYS A 464 -3.80 -6.08 10.96
N ALA A 465 -4.77 -5.38 10.35
CA ALA A 465 -4.52 -4.56 9.17
C ALA A 465 -3.54 -3.44 9.46
N ILE A 466 -3.67 -2.80 10.62
CA ILE A 466 -2.77 -1.70 10.97
C ILE A 466 -1.37 -2.21 11.32
N ALA A 467 -1.28 -3.25 12.15
CA ALA A 467 0.00 -3.76 12.59
C ALA A 467 0.79 -4.38 11.47
N GLY A 468 0.13 -4.82 10.42
CA GLY A 468 0.84 -5.30 9.27
C GLY A 468 1.73 -4.30 8.60
N VAL A 469 1.18 -3.15 8.21
CA VAL A 469 2.00 -2.14 7.58
C VAL A 469 2.96 -1.53 8.57
N LEU A 470 2.63 -1.54 9.86
CA LEU A 470 3.55 -1.01 10.86
C LEU A 470 4.78 -1.87 11.00
N THR A 471 4.62 -3.19 10.93
CA THR A 471 5.75 -4.10 11.13
C THR A 471 6.44 -4.48 9.83
N ILE A 472 5.89 -4.16 8.67
CA ILE A 472 6.65 -4.39 7.45
C ILE A 472 7.26 -3.11 6.93
N ALA A 473 6.83 -1.95 7.37
CA ALA A 473 7.53 -0.75 6.91
C ALA A 473 8.79 -0.44 7.71
N LEU A 474 9.08 -1.18 8.78
CA LEU A 474 10.22 -0.84 9.61
C LEU A 474 11.58 -1.21 8.99
N PRO A 475 11.85 -2.42 8.48
CA PRO A 475 13.19 -2.67 7.92
C PRO A 475 13.41 -2.22 6.49
N VAL A 476 12.42 -1.67 5.79
CA VAL A 476 12.54 -1.32 4.38
C VAL A 476 13.40 -0.08 4.07
N PRO A 477 13.41 1.01 4.86
CA PRO A 477 14.32 2.11 4.53
C PRO A 477 15.80 1.75 4.48
N VAL A 478 16.23 0.72 5.22
CA VAL A 478 17.61 0.28 5.13
C VAL A 478 17.89 -0.31 3.75
N ILE A 479 16.94 -1.09 3.23
CA ILE A 479 17.11 -1.73 1.93
C ILE A 479 17.09 -0.69 0.82
N VAL A 480 16.19 0.29 0.89
CA VAL A 480 16.18 1.28 -0.18
C VAL A 480 17.39 2.20 -0.10
N SER A 481 17.98 2.39 1.09
CA SER A 481 19.18 3.20 1.18
C SER A 481 20.37 2.47 0.60
N ASN A 482 20.45 1.16 0.82
CA ASN A 482 21.51 0.36 0.21
C ASN A 482 21.40 0.36 -1.31
N PHE A 483 20.18 0.24 -1.83
CA PHE A 483 20.00 0.30 -3.27
C PHE A 483 20.42 1.63 -3.84
N ASN A 484 20.06 2.71 -3.15
CA ASN A 484 20.38 4.05 -3.65
C ASN A 484 21.88 4.28 -3.66
N TYR A 485 22.58 3.74 -2.67
CA TYR A 485 24.03 3.84 -2.65
C TYR A 485 24.66 3.07 -3.82
N PHE A 486 24.29 1.79 -3.99
CA PHE A 486 24.88 1.01 -5.07
C PHE A 486 24.43 1.48 -6.44
N TYR A 487 23.35 2.22 -6.50
CA TYR A 487 22.83 2.72 -7.75
C TYR A 487 23.54 3.98 -8.19
N HIS A 488 23.96 4.81 -7.25
CA HIS A 488 24.73 5.98 -7.67
C HIS A 488 26.24 5.74 -7.72
N ARG A 489 26.74 4.67 -7.10
CA ARG A 489 28.16 4.35 -7.19
C ARG A 489 28.62 3.98 -8.60
N GLU A 490 27.73 3.70 -9.54
CA GLU A 490 28.16 3.54 -10.93
C GLU A 490 28.70 4.83 -11.52
N THR A 491 28.27 5.98 -11.00
CA THR A 491 28.61 7.29 -11.53
C THR A 491 29.98 7.73 -11.04
N GLU B 2 -32.86 -19.17 19.26
CA GLU B 2 -32.02 -18.55 18.25
C GLU B 2 -31.61 -19.49 17.14
N VAL B 3 -31.28 -20.71 17.52
CA VAL B 3 -31.01 -21.75 16.49
C VAL B 3 -32.03 -22.87 16.72
N GLN B 4 -32.28 -23.65 15.69
CA GLN B 4 -33.31 -24.69 15.81
C GLN B 4 -32.93 -25.82 14.87
N LEU B 5 -33.31 -27.04 15.23
CA LEU B 5 -33.05 -28.19 14.33
C LEU B 5 -34.37 -28.93 14.16
N VAL B 6 -35.00 -28.74 13.00
CA VAL B 6 -36.34 -29.33 12.78
C VAL B 6 -36.18 -30.51 11.82
N GLU B 7 -37.02 -31.51 11.98
CA GLU B 7 -36.85 -32.75 11.18
C GLU B 7 -38.20 -33.37 10.86
N SER B 8 -38.24 -34.14 9.79
CA SER B 8 -39.47 -34.74 9.29
C SER B 8 -39.18 -36.16 8.82
N GLY B 9 -40.18 -36.77 8.18
CA GLY B 9 -40.03 -38.08 7.57
C GLY B 9 -40.41 -39.26 8.44
N GLY B 10 -40.95 -39.03 9.64
CA GLY B 10 -41.20 -40.13 10.54
C GLY B 10 -42.52 -40.84 10.32
N GLY B 11 -42.85 -41.70 11.27
CA GLY B 11 -44.09 -42.46 11.22
C GLY B 11 -43.85 -43.88 11.67
N LEU B 12 -44.56 -44.81 11.01
CA LEU B 12 -44.38 -46.23 11.21
C LEU B 12 -44.20 -46.90 9.85
N VAL B 13 -43.51 -48.04 9.84
CA VAL B 13 -43.22 -48.77 8.62
C VAL B 13 -43.37 -50.26 8.95
N GLN B 14 -43.47 -51.07 7.90
CA GLN B 14 -43.51 -52.52 8.08
C GLN B 14 -42.16 -53.10 7.70
N ALA B 15 -42.10 -54.43 7.58
CA ALA B 15 -40.82 -55.10 7.37
C ALA B 15 -40.32 -54.88 5.95
N GLY B 16 -39.01 -54.63 5.83
CA GLY B 16 -38.44 -54.37 4.52
C GLY B 16 -38.79 -53.02 3.94
N GLY B 17 -39.00 -52.01 4.78
CA GLY B 17 -39.37 -50.70 4.31
C GLY B 17 -38.21 -49.91 3.74
N SER B 18 -38.49 -48.65 3.47
CA SER B 18 -37.56 -47.73 2.83
C SER B 18 -38.05 -46.31 3.08
N LEU B 19 -37.20 -45.47 3.67
CA LEU B 19 -37.63 -44.16 4.13
C LEU B 19 -36.44 -43.21 4.23
N GLY B 20 -36.74 -41.92 4.39
CA GLY B 20 -35.69 -40.89 4.43
C GLY B 20 -36.03 -39.70 5.30
N LEU B 21 -35.51 -39.67 6.54
CA LEU B 21 -35.71 -38.50 7.44
C LEU B 21 -34.84 -37.34 6.93
N SER B 22 -35.18 -36.08 7.28
CA SER B 22 -34.37 -34.90 6.87
C SER B 22 -34.16 -34.01 8.09
N CYS B 23 -33.01 -33.32 8.19
CA CYS B 23 -32.77 -32.35 9.28
C CYS B 23 -32.37 -31.03 8.65
N SER B 24 -33.07 -29.96 9.01
CA SER B 24 -32.74 -28.63 8.46
C SER B 24 -32.63 -27.65 9.61
N ALA B 25 -31.91 -26.55 9.42
CA ALA B 25 -31.62 -25.60 10.50
C ALA B 25 -31.41 -24.20 9.94
N SER B 26 -31.51 -23.21 10.81
CA SER B 26 -31.19 -21.83 10.40
C SER B 26 -30.57 -21.15 11.60
N GLY B 27 -29.63 -20.26 11.39
CA GLY B 27 -28.76 -19.82 12.46
C GLY B 27 -27.55 -20.69 12.61
N LEU B 28 -27.19 -21.49 11.60
CA LEU B 28 -26.10 -22.50 11.71
C LEU B 28 -25.85 -23.12 10.33
N LEU B 29 -24.90 -22.59 9.56
CA LEU B 29 -24.55 -23.22 8.27
C LEU B 29 -23.95 -24.59 8.59
N PHE B 30 -24.35 -25.64 7.89
CA PHE B 30 -23.86 -27.01 8.17
C PHE B 30 -22.59 -27.20 7.36
N SER B 31 -22.38 -26.29 6.41
CA SER B 31 -21.13 -26.32 5.60
C SER B 31 -19.95 -26.26 6.57
N ARG B 32 -20.11 -25.57 7.69
CA ARG B 32 -18.98 -25.35 8.61
C ARG B 32 -19.01 -26.19 9.87
N ASN B 33 -20.00 -27.06 10.12
CA ASN B 33 -20.03 -27.79 11.42
C ASN B 33 -20.29 -29.29 11.27
N SER B 34 -19.73 -30.12 12.15
CA SER B 34 -19.96 -31.60 12.13
C SER B 34 -21.39 -31.96 12.50
N ALA B 35 -21.90 -33.09 12.02
CA ALA B 35 -23.32 -33.42 12.26
C ALA B 35 -23.55 -34.91 12.23
N GLY B 36 -24.66 -35.37 12.83
CA GLY B 36 -24.97 -36.81 12.86
C GLY B 36 -26.43 -37.06 13.21
N TRP B 37 -26.90 -38.31 13.12
CA TRP B 37 -28.29 -38.66 13.52
C TRP B 37 -28.23 -39.65 14.68
N TYR B 38 -28.94 -39.37 15.78
CA TYR B 38 -28.89 -40.25 16.97
C TYR B 38 -30.28 -40.86 17.21
N ARG B 39 -30.37 -42.15 17.56
CA ARG B 39 -31.70 -42.74 17.91
C ARG B 39 -31.73 -43.21 19.35
N GLN B 40 -32.93 -43.34 19.96
CA GLN B 40 -33.08 -43.78 21.36
C GLN B 40 -34.12 -44.88 21.46
N ALA B 41 -33.68 -46.13 21.51
CA ALA B 41 -34.60 -47.25 21.66
C ALA B 41 -35.31 -47.16 23.01
N PRO B 42 -36.55 -47.65 23.12
CA PRO B 42 -37.26 -47.60 24.41
C PRO B 42 -36.69 -48.54 25.46
N GLY B 43 -36.08 -47.97 26.50
CA GLY B 43 -35.56 -48.75 27.59
C GLY B 43 -34.08 -48.56 27.89
N LYS B 44 -33.33 -48.09 26.89
CA LYS B 44 -31.88 -47.81 27.06
C LYS B 44 -31.56 -46.41 26.54
N GLN B 45 -30.30 -45.98 26.65
CA GLN B 45 -29.89 -44.61 26.24
C GLN B 45 -29.65 -44.52 24.73
N ARG B 46 -29.49 -43.31 24.20
CA ARG B 46 -29.36 -43.12 22.73
C ARG B 46 -28.11 -43.80 22.17
N GLU B 47 -28.22 -44.34 20.95
CA GLU B 47 -27.03 -44.91 20.27
C GLU B 47 -26.93 -44.11 18.97
N PHE B 48 -25.87 -44.34 18.19
CA PHE B 48 -25.71 -43.46 17.00
C PHE B 48 -26.04 -44.21 15.72
N VAL B 49 -26.78 -43.56 14.82
CA VAL B 49 -27.09 -44.18 13.51
C VAL B 49 -25.95 -43.81 12.57
N ALA B 50 -25.52 -42.54 12.58
CA ALA B 50 -24.50 -42.12 11.59
C ALA B 50 -23.72 -40.87 12.04
N ARG B 51 -22.54 -40.61 11.48
CA ARG B 51 -21.81 -39.32 11.75
C ARG B 51 -21.11 -38.84 10.47
N ILE B 52 -21.30 -37.60 10.06
CA ILE B 52 -20.55 -37.07 8.89
C ILE B 52 -19.61 -35.95 9.35
N ARG B 53 -18.46 -36.24 9.95
CA ARG B 53 -17.61 -35.14 10.47
C ARG B 53 -17.31 -34.21 9.30
N MET B 54 -17.26 -32.89 9.55
CA MET B 54 -17.09 -31.89 8.46
C MET B 54 -15.90 -32.35 7.63
N GLY B 55 -15.98 -32.24 6.30
CA GLY B 55 -14.88 -32.78 5.46
C GLY B 55 -15.22 -34.12 4.83
N GLY B 56 -16.46 -34.59 4.91
CA GLY B 56 -16.86 -35.83 4.20
C GLY B 56 -16.29 -37.14 4.71
N SER B 57 -16.15 -37.27 6.03
CA SER B 57 -15.71 -38.57 6.62
C SER B 57 -16.91 -39.24 7.29
N ILE B 58 -17.52 -40.25 6.65
CA ILE B 58 -18.76 -40.85 7.19
C ILE B 58 -18.46 -42.13 7.97
N ASN B 59 -19.04 -42.26 9.15
CA ASN B 59 -18.88 -43.53 9.93
C ASN B 59 -20.26 -43.93 10.46
N TYR B 60 -20.57 -45.22 10.51
CA TYR B 60 -21.89 -45.70 10.97
C TYR B 60 -21.70 -46.74 12.07
N ALA B 61 -22.70 -46.93 12.94
CA ALA B 61 -22.60 -48.00 13.97
C ALA B 61 -22.87 -49.37 13.35
N ASP B 62 -22.62 -50.46 14.09
CA ASP B 62 -22.74 -51.84 13.52
C ASP B 62 -24.17 -52.16 13.06
N THR B 63 -25.20 -51.74 13.81
CA THR B 63 -26.59 -52.12 13.49
C THR B 63 -27.05 -51.59 12.12
N VAL B 64 -26.65 -50.38 11.74
CA VAL B 64 -27.20 -49.78 10.49
C VAL B 64 -26.23 -49.91 9.30
N LYS B 65 -25.13 -50.66 9.45
CA LYS B 65 -24.11 -50.73 8.36
C LYS B 65 -24.72 -51.25 7.05
N GLY B 66 -24.52 -50.54 5.93
CA GLY B 66 -24.96 -51.03 4.60
C GLY B 66 -26.44 -50.85 4.34
N ARG B 67 -27.20 -50.38 5.32
CA ARG B 67 -28.65 -50.14 5.12
C ARG B 67 -28.93 -48.65 5.27
N PHE B 68 -27.92 -47.85 5.59
CA PHE B 68 -28.18 -46.43 5.91
C PHE B 68 -27.14 -45.53 5.23
N THR B 69 -27.54 -44.35 4.76
CA THR B 69 -26.58 -43.37 4.18
C THR B 69 -26.83 -41.97 4.77
N ILE B 70 -25.79 -41.27 5.25
CA ILE B 70 -26.01 -39.87 5.73
C ILE B 70 -25.32 -38.90 4.78
N SER B 71 -26.07 -37.92 4.24
CA SER B 71 -25.50 -37.01 3.22
C SER B 71 -25.83 -35.56 3.58
N ARG B 72 -24.88 -34.64 3.42
CA ARG B 72 -25.17 -33.21 3.65
C ARG B 72 -25.31 -32.59 2.27
N ASP B 73 -26.51 -32.15 1.89
CA ASP B 73 -26.56 -31.63 0.50
C ASP B 73 -25.68 -30.38 0.47
N ASN B 74 -25.23 -29.92 1.65
CA ASN B 74 -24.24 -28.80 1.62
C ASN B 74 -24.92 -27.64 0.93
N ALA B 75 -26.22 -27.80 0.68
CA ALA B 75 -27.02 -26.71 0.09
C ALA B 75 -28.26 -26.66 0.98
N LYS B 76 -28.82 -25.47 1.20
CA LYS B 76 -30.09 -25.39 1.96
C LYS B 76 -29.88 -25.87 3.40
N ASN B 77 -28.63 -25.92 3.86
CA ASN B 77 -28.35 -26.25 5.28
C ASN B 77 -29.15 -27.48 5.64
N THR B 78 -28.92 -28.57 4.88
CA THR B 78 -29.76 -29.79 4.98
C THR B 78 -28.93 -31.06 5.14
N VAL B 79 -29.26 -31.89 6.12
CA VAL B 79 -28.58 -33.22 6.18
C VAL B 79 -29.70 -34.25 6.01
N TYR B 80 -29.55 -35.22 5.10
CA TYR B 80 -30.61 -36.22 4.82
C TYR B 80 -30.09 -37.62 5.11
N LEU B 81 -30.85 -38.47 5.79
CA LEU B 81 -30.45 -39.88 6.02
C LEU B 81 -31.34 -40.76 5.16
N GLN B 82 -30.76 -41.67 4.37
CA GLN B 82 -31.60 -42.63 3.60
C GLN B 82 -31.56 -44.01 4.28
N MET B 83 -32.56 -44.30 5.11
CA MET B 83 -32.64 -45.64 5.76
C MET B 83 -33.18 -46.65 4.75
N ASN B 84 -32.82 -47.94 4.87
CA ASN B 84 -33.26 -48.96 3.89
C ASN B 84 -33.55 -50.31 4.57
N SER B 85 -34.45 -51.11 3.97
CA SER B 85 -34.84 -52.44 4.52
C SER B 85 -34.99 -52.41 6.03
N LEU B 86 -35.89 -51.56 6.54
CA LEU B 86 -36.04 -51.37 8.01
C LEU B 86 -36.46 -52.68 8.69
N LYS B 87 -35.90 -52.93 9.89
CA LYS B 87 -36.17 -54.19 10.64
C LYS B 87 -36.81 -53.84 11.99
N PRO B 88 -37.53 -54.76 12.67
CA PRO B 88 -38.24 -54.43 13.91
C PRO B 88 -37.35 -53.98 15.06
N GLU B 89 -36.08 -54.40 15.06
CA GLU B 89 -35.11 -53.96 16.10
C GLU B 89 -34.91 -52.43 16.02
N ASP B 90 -35.15 -51.84 14.84
CA ASP B 90 -35.01 -50.37 14.63
C ASP B 90 -36.00 -49.56 15.49
N THR B 91 -37.23 -50.05 15.72
CA THR B 91 -38.26 -49.32 16.50
C THR B 91 -37.62 -48.37 17.52
N ALA B 92 -37.82 -47.06 17.39
CA ALA B 92 -37.10 -46.14 18.26
C ALA B 92 -37.58 -44.72 17.97
N VAL B 93 -37.05 -43.77 18.75
CA VAL B 93 -37.25 -42.36 18.52
C VAL B 93 -35.88 -41.80 18.11
N TYR B 94 -35.92 -40.97 17.06
CA TYR B 94 -34.64 -40.46 16.49
C TYR B 94 -34.46 -38.98 16.82
N TYR B 95 -33.22 -38.49 16.74
CA TYR B 95 -32.89 -37.08 17.07
C TYR B 95 -31.78 -36.66 16.11
N CYS B 96 -31.62 -35.36 15.83
CA CYS B 96 -30.54 -34.82 14.94
C CYS B 96 -29.62 -33.91 15.78
N SER B 97 -28.37 -33.68 15.35
CA SER B 97 -27.41 -32.79 16.08
C SER B 97 -26.32 -32.16 15.20
N SER B 98 -25.69 -31.07 15.64
CA SER B 98 -24.51 -30.45 14.95
C SER B 98 -23.70 -29.71 16.00
N TRP B 99 -22.40 -29.95 16.09
CA TRP B 99 -21.60 -29.37 17.20
C TRP B 99 -20.15 -29.04 16.83
N ARG B 100 -19.46 -28.24 17.63
CA ARG B 100 -18.00 -27.99 17.45
C ARG B 100 -17.38 -28.45 18.75
N THR B 101 -16.42 -29.37 18.70
CA THR B 101 -15.87 -29.94 19.95
C THR B 101 -15.22 -28.84 20.77
N GLY B 102 -15.59 -28.72 22.04
CA GLY B 102 -15.01 -27.69 22.92
C GLY B 102 -15.80 -26.40 22.96
N PHE B 103 -16.84 -26.22 22.14
CA PHE B 103 -17.53 -24.91 22.11
C PHE B 103 -19.05 -25.01 22.25
N TYR B 104 -19.75 -25.78 21.41
CA TYR B 104 -21.24 -25.79 21.46
C TYR B 104 -21.83 -27.12 21.00
N GLU B 105 -23.05 -27.43 21.44
CA GLU B 105 -23.75 -28.69 21.03
C GLU B 105 -25.24 -28.40 20.85
N TYR B 106 -25.87 -28.78 19.73
CA TYR B 106 -27.29 -28.39 19.50
C TYR B 106 -28.10 -29.62 19.11
N TRP B 107 -29.40 -29.73 19.50
CA TRP B 107 -30.16 -30.95 19.23
C TRP B 107 -31.43 -30.64 18.45
N GLY B 108 -32.05 -31.68 17.91
CA GLY B 108 -33.37 -31.57 17.35
C GLY B 108 -34.45 -31.97 18.34
N GLN B 109 -35.70 -31.80 17.91
CA GLN B 109 -36.82 -32.10 18.79
C GLN B 109 -37.14 -33.59 18.81
N GLY B 110 -36.79 -34.31 17.76
CA GLY B 110 -37.11 -35.72 17.69
C GLY B 110 -38.18 -35.99 16.66
N THR B 111 -38.06 -37.15 16.00
CA THR B 111 -39.02 -37.63 15.02
C THR B 111 -38.80 -39.13 14.86
N LEU B 112 -39.86 -39.93 15.08
CA LEU B 112 -39.71 -41.35 15.33
C LEU B 112 -40.05 -42.19 14.10
N VAL B 113 -39.40 -43.35 13.98
CA VAL B 113 -39.72 -44.36 12.97
C VAL B 113 -39.73 -45.73 13.64
N THR B 114 -40.89 -46.39 13.68
CA THR B 114 -41.07 -47.68 14.32
C THR B 114 -41.45 -48.71 13.25
N VAL B 115 -40.73 -49.84 13.26
CA VAL B 115 -40.91 -50.85 12.19
C VAL B 115 -41.84 -51.97 12.64
N SER B 116 -42.85 -52.27 11.83
CA SER B 116 -43.73 -53.39 12.12
C SER B 116 -43.18 -54.67 11.49
N GLU C 2 -40.89 2.10 -12.02
CA GLU C 2 -39.52 1.63 -11.83
C GLU C 2 -39.43 0.39 -10.97
N VAL C 3 -40.23 0.37 -9.91
CA VAL C 3 -40.31 -0.86 -9.08
C VAL C 3 -41.77 -1.31 -9.13
N GLN C 4 -42.00 -2.58 -8.87
CA GLN C 4 -43.38 -3.11 -8.98
C GLN C 4 -43.49 -4.28 -8.02
N LEU C 5 -44.70 -4.49 -7.50
CA LEU C 5 -44.93 -5.65 -6.60
C LEU C 5 -46.13 -6.39 -7.16
N VAL C 6 -45.88 -7.52 -7.80
CA VAL C 6 -46.98 -8.27 -8.47
C VAL C 6 -47.26 -9.51 -7.63
N GLU C 7 -48.51 -9.94 -7.62
CA GLU C 7 -48.89 -11.06 -6.73
C GLU C 7 -49.98 -11.91 -7.38
N SER C 8 -50.06 -13.16 -6.97
CA SER C 8 -50.98 -14.13 -7.54
C SER C 8 -51.55 -15.00 -6.44
N GLY C 9 -52.28 -16.04 -6.84
CA GLY C 9 -52.81 -17.03 -5.92
C GLY C 9 -54.21 -16.77 -5.41
N GLY C 10 -54.90 -15.74 -5.90
CA GLY C 10 -56.18 -15.39 -5.34
C GLY C 10 -57.35 -16.17 -5.91
N GLY C 11 -58.54 -15.71 -5.56
CA GLY C 11 -59.77 -16.34 -6.02
C GLY C 11 -60.79 -16.40 -4.90
N LEU C 12 -61.54 -17.49 -4.87
CA LEU C 12 -62.50 -17.79 -3.82
C LEU C 12 -62.23 -19.21 -3.32
N VAL C 13 -62.59 -19.46 -2.06
CA VAL C 13 -62.38 -20.76 -1.43
C VAL C 13 -63.61 -21.04 -0.56
N GLN C 14 -63.77 -22.30 -0.17
CA GLN C 14 -64.83 -22.68 0.74
C GLN C 14 -64.26 -22.89 2.13
N ALA C 15 -65.07 -23.47 3.02
CA ALA C 15 -64.67 -23.60 4.42
C ALA C 15 -63.59 -24.66 4.58
N GLY C 16 -62.59 -24.35 5.41
CA GLY C 16 -61.51 -25.29 5.62
C GLY C 16 -60.56 -25.41 4.46
N GLY C 17 -60.37 -24.35 3.69
CA GLY C 17 -59.50 -24.39 2.54
C GLY C 17 -58.03 -24.33 2.90
N SER C 18 -57.22 -24.17 1.86
CA SER C 18 -55.77 -24.18 1.93
C SER C 18 -55.21 -23.57 0.66
N LEU C 19 -54.40 -22.52 0.81
CA LEU C 19 -53.98 -21.73 -0.35
C LEU C 19 -52.66 -21.02 -0.04
N GLY C 20 -52.05 -20.47 -1.10
CA GLY C 20 -50.75 -19.81 -0.95
C GLY C 20 -50.53 -18.67 -1.93
N LEU C 21 -50.73 -17.42 -1.50
CA LEU C 21 -50.45 -16.24 -2.36
C LEU C 21 -48.93 -16.06 -2.46
N SER C 22 -48.45 -15.37 -3.51
CA SER C 22 -46.99 -15.11 -3.68
C SER C 22 -46.78 -13.63 -4.03
N CYS C 23 -45.68 -13.02 -3.59
CA CYS C 23 -45.37 -11.62 -3.98
C CYS C 23 -43.96 -11.61 -4.55
N SER C 24 -43.81 -11.07 -5.75
CA SER C 24 -42.48 -11.01 -6.38
C SER C 24 -42.26 -9.59 -6.87
N ALA C 25 -41.01 -9.18 -7.03
CA ALA C 25 -40.66 -7.79 -7.38
C ALA C 25 -39.34 -7.75 -8.14
N SER C 26 -39.11 -6.62 -8.82
CA SER C 26 -37.81 -6.41 -9.48
C SER C 26 -37.51 -4.93 -9.38
N GLY C 27 -36.26 -4.57 -9.25
CA GLY C 27 -35.92 -3.23 -8.82
C GLY C 27 -35.84 -3.11 -7.32
N LEU C 28 -35.73 -4.22 -6.58
CA LEU C 28 -35.81 -4.22 -5.09
C LEU C 28 -35.47 -5.62 -4.58
N LEU C 29 -34.21 -5.89 -4.23
CA LEU C 29 -33.86 -7.19 -3.61
C LEU C 29 -34.56 -7.25 -2.25
N PHE C 30 -35.21 -8.37 -1.92
CA PHE C 30 -35.97 -8.48 -0.65
C PHE C 30 -34.98 -8.96 0.39
N SER C 31 -33.83 -9.44 -0.08
CA SER C 31 -32.75 -9.87 0.85
C SER C 31 -32.43 -8.69 1.76
N ARG C 32 -32.55 -7.48 1.26
CA ARG C 32 -32.13 -6.29 2.02
C ARG C 32 -33.27 -5.47 2.61
N ASN C 33 -34.54 -5.80 2.43
CA ASN C 33 -35.62 -4.90 2.93
C ASN C 33 -36.72 -5.66 3.69
N SER C 34 -37.33 -5.03 4.69
CA SER C 34 -38.45 -5.64 5.47
C SER C 34 -39.71 -5.79 4.63
N ALA C 35 -40.58 -6.75 4.94
CA ALA C 35 -41.75 -7.01 4.08
C ALA C 35 -42.88 -7.64 4.87
N GLY C 36 -44.10 -7.53 4.35
CA GLY C 36 -45.28 -8.10 5.03
C GLY C 36 -46.47 -8.24 4.10
N TRP C 37 -47.55 -8.89 4.54
CA TRP C 37 -48.80 -9.00 3.72
C TRP C 37 -49.94 -8.31 4.46
N TYR C 38 -50.64 -7.39 3.80
CA TYR C 38 -51.72 -6.62 4.47
C TYR C 38 -53.06 -6.97 3.80
N ARG C 39 -54.14 -7.15 4.58
CA ARG C 39 -55.48 -7.38 3.96
C ARG C 39 -56.46 -6.26 4.32
N GLN C 40 -57.51 -6.06 3.52
CA GLN C 40 -58.51 -4.98 3.75
C GLN C 40 -59.93 -5.57 3.66
N ALA C 41 -60.53 -5.86 4.81
CA ALA C 41 -61.89 -6.36 4.83
C ALA C 41 -62.85 -5.29 4.32
N PRO C 42 -63.97 -5.68 3.68
CA PRO C 42 -64.91 -4.68 3.17
C PRO C 42 -65.66 -3.93 4.27
N GLY C 43 -65.38 -2.64 4.42
CA GLY C 43 -66.06 -1.81 5.37
C GLY C 43 -65.18 -1.12 6.39
N LYS C 44 -63.97 -1.66 6.61
CA LYS C 44 -63.00 -1.04 7.56
C LYS C 44 -61.64 -0.91 6.88
N GLN C 45 -60.64 -0.36 7.57
CA GLN C 45 -59.30 -0.13 6.97
C GLN C 45 -58.44 -1.40 7.02
N ARG C 46 -57.30 -1.39 6.34
CA ARG C 46 -56.45 -2.60 6.24
C ARG C 46 -55.91 -3.06 7.60
N GLU C 47 -55.82 -4.36 7.81
CA GLU C 47 -55.20 -4.90 9.05
C GLU C 47 -54.03 -5.75 8.55
N PHE C 48 -53.22 -6.28 9.46
CA PHE C 48 -52.01 -6.99 8.96
C PHE C 48 -52.15 -8.49 9.13
N VAL C 49 -51.76 -9.24 8.10
CA VAL C 49 -51.79 -10.72 8.18
C VAL C 49 -50.45 -11.14 8.78
N ALA C 50 -49.35 -10.58 8.29
CA ALA C 50 -48.01 -11.05 8.75
C ALA C 50 -46.92 -10.01 8.56
N ARG C 51 -45.78 -10.13 9.27
CA ARG C 51 -44.61 -9.23 9.01
C ARG C 51 -43.30 -10.04 9.17
N ILE C 52 -42.39 -10.00 8.20
CA ILE C 52 -41.08 -10.68 8.38
C ILE C 52 -39.98 -9.62 8.39
N ARG C 53 -39.74 -8.90 9.50
CA ARG C 53 -38.73 -7.83 9.46
C ARG C 53 -37.40 -8.47 9.03
N MET C 54 -36.59 -7.76 8.23
CA MET C 54 -35.34 -8.32 7.68
C MET C 54 -34.58 -8.96 8.84
N GLY C 55 -33.97 -10.13 8.64
CA GLY C 55 -33.32 -10.81 9.77
C GLY C 55 -34.14 -11.94 10.35
N GLY C 56 -35.25 -12.35 9.71
CA GLY C 56 -36.00 -13.53 10.16
C GLY C 56 -36.77 -13.40 11.47
N SER C 57 -37.35 -12.23 11.73
CA SER C 57 -38.22 -12.08 12.93
C SER C 57 -39.68 -12.01 12.47
N ILE C 58 -40.44 -13.10 12.63
CA ILE C 58 -41.83 -13.14 12.09
C ILE C 58 -42.85 -12.83 13.18
N ASN C 59 -43.81 -11.95 12.89
CA ASN C 59 -44.89 -11.68 13.86
C ASN C 59 -46.22 -11.68 13.10
N TYR C 60 -47.30 -12.19 13.70
CA TYR C 60 -48.62 -12.27 13.01
C TYR C 60 -49.68 -11.61 13.88
N ALA C 61 -50.78 -11.15 13.29
CA ALA C 61 -51.88 -10.58 14.10
C ALA C 61 -52.70 -11.70 14.74
N ASP C 62 -53.61 -11.37 15.67
CA ASP C 62 -54.37 -12.42 16.43
C ASP C 62 -55.24 -13.29 15.54
N THR C 63 -55.88 -12.72 14.52
CA THR C 63 -56.84 -13.50 13.68
C THR C 63 -56.15 -14.65 12.92
N VAL C 64 -54.93 -14.45 12.42
CA VAL C 64 -54.31 -15.49 11.56
C VAL C 64 -53.30 -16.37 12.33
N LYS C 65 -53.21 -16.24 13.65
CA LYS C 65 -52.17 -16.99 14.41
C LYS C 65 -52.33 -18.51 14.23
N GLY C 66 -51.24 -19.21 13.86
CA GLY C 66 -51.26 -20.68 13.78
C GLY C 66 -51.90 -21.23 12.52
N ARG C 67 -52.47 -20.35 11.68
CA ARG C 67 -53.08 -20.81 10.41
C ARG C 67 -52.31 -20.20 9.24
N PHE C 68 -51.31 -19.37 9.52
CA PHE C 68 -50.63 -18.63 8.42
C PHE C 68 -49.12 -18.67 8.60
N THR C 69 -48.37 -18.75 7.51
CA THR C 69 -46.87 -18.68 7.60
C THR C 69 -46.34 -17.71 6.54
N ILE C 70 -45.45 -16.76 6.90
CA ILE C 70 -44.85 -15.88 5.85
C ILE C 70 -43.37 -16.21 5.70
N SER C 71 -42.93 -16.52 4.48
CA SER C 71 -41.53 -16.96 4.27
C SER C 71 -40.91 -16.21 3.11
N ARG C 72 -39.65 -15.78 3.24
CA ARG C 72 -38.95 -15.12 2.11
C ARG C 72 -38.02 -16.17 1.53
N ASP C 73 -38.27 -16.66 0.31
CA ASP C 73 -37.35 -17.71 -0.14
C ASP C 73 -35.96 -17.08 -0.27
N ASN C 74 -35.90 -15.74 -0.16
CA ASN C 74 -34.54 -15.11 -0.12
C ASN C 74 -33.86 -15.48 -1.43
N ALA C 75 -34.64 -16.08 -2.34
CA ALA C 75 -34.13 -16.42 -3.68
C ALA C 75 -35.21 -15.90 -4.61
N LYS C 76 -34.84 -15.42 -5.78
CA LYS C 76 -35.88 -15.01 -6.77
C LYS C 76 -36.70 -13.84 -6.23
N ASN C 77 -36.20 -13.14 -5.21
CA ASN C 77 -36.87 -11.92 -4.72
C ASN C 77 -38.34 -12.24 -4.52
N THR C 78 -38.61 -13.25 -3.69
CA THR C 78 -39.98 -13.82 -3.54
C THR C 78 -40.40 -13.92 -2.09
N VAL C 79 -41.58 -13.42 -1.74
CA VAL C 79 -42.10 -13.69 -0.37
C VAL C 79 -43.40 -14.50 -0.57
N TYR C 80 -43.55 -15.63 0.13
CA TYR C 80 -44.73 -16.51 -0.07
C TYR C 80 -45.50 -16.63 1.27
N LEU C 81 -46.82 -16.51 1.24
CA LEU C 81 -47.63 -16.72 2.48
C LEU C 81 -48.38 -18.04 2.33
N GLN C 82 -48.30 -18.92 3.32
CA GLN C 82 -49.11 -20.17 3.25
C GLN C 82 -50.31 -20.04 4.20
N MET C 83 -51.47 -19.66 3.67
CA MET C 83 -52.71 -19.58 4.50
C MET C 83 -53.26 -20.99 4.69
N ASN C 84 -53.98 -21.25 5.80
CA ASN C 84 -54.50 -22.61 6.07
C ASN C 84 -55.87 -22.58 6.74
N SER C 85 -56.70 -23.62 6.54
CA SER C 85 -58.06 -23.71 7.13
C SER C 85 -58.79 -22.37 7.08
N LEU C 86 -58.97 -21.83 5.87
CA LEU C 86 -59.58 -20.48 5.70
C LEU C 86 -61.01 -20.44 6.26
N LYS C 87 -61.37 -19.32 6.90
CA LYS C 87 -62.70 -19.17 7.55
C LYS C 87 -63.43 -17.98 6.90
N PRO C 88 -64.77 -17.89 6.98
CA PRO C 88 -65.53 -16.83 6.29
C PRO C 88 -65.18 -15.41 6.75
N GLU C 89 -64.71 -15.25 7.98
CA GLU C 89 -64.30 -13.92 8.49
C GLU C 89 -63.12 -13.39 7.66
N ASP C 90 -62.34 -14.29 7.03
CA ASP C 90 -61.18 -13.91 6.17
C ASP C 90 -61.59 -13.09 4.95
N THR C 91 -62.75 -13.36 4.34
CA THR C 91 -63.21 -12.65 3.11
C THR C 91 -62.65 -11.23 3.05
N ALA C 92 -61.81 -10.92 2.04
CA ALA C 92 -61.15 -9.62 2.04
C ALA C 92 -60.36 -9.49 0.75
N VAL C 93 -59.75 -8.31 0.59
CA VAL C 93 -58.80 -8.06 -0.48
C VAL C 93 -57.44 -7.88 0.18
N TYR C 94 -56.43 -8.53 -0.43
CA TYR C 94 -55.08 -8.55 0.18
C TYR C 94 -54.13 -7.68 -0.62
N TYR C 95 -53.02 -7.25 0.02
CA TYR C 95 -52.03 -6.37 -0.63
C TYR C 95 -50.66 -6.82 -0.10
N CYS C 96 -49.56 -6.54 -0.83
CA CYS C 96 -48.16 -6.88 -0.40
C CYS C 96 -47.37 -5.57 -0.24
N SER C 97 -46.27 -5.57 0.54
CA SER C 97 -45.43 -4.34 0.74
C SER C 97 -43.98 -4.65 1.13
N SER C 98 -43.05 -3.70 0.94
CA SER C 98 -41.62 -3.81 1.39
C SER C 98 -41.10 -2.39 1.60
N TRP C 99 -40.52 -2.07 2.75
CA TRP C 99 -40.15 -0.66 3.04
C TRP C 99 -38.89 -0.53 3.92
N ARG C 100 -38.30 0.66 3.98
CA ARG C 100 -37.17 0.94 4.91
C ARG C 100 -37.69 2.09 5.76
N THR C 101 -37.71 1.95 7.07
CA THR C 101 -38.31 3.01 7.91
C THR C 101 -37.54 4.30 7.75
N GLY C 102 -38.22 5.39 7.46
CA GLY C 102 -37.57 6.70 7.29
C GLY C 102 -37.20 7.01 5.85
N PHE C 103 -37.34 6.08 4.91
CA PHE C 103 -36.85 6.36 3.52
C PHE C 103 -37.89 6.08 2.43
N TYR C 104 -38.47 4.87 2.36
CA TYR C 104 -39.37 4.55 1.23
C TYR C 104 -40.42 3.50 1.60
N GLU C 105 -41.55 3.48 0.90
CA GLU C 105 -42.63 2.49 1.15
C GLU C 105 -43.25 2.07 -0.19
N TYR C 106 -43.40 0.76 -0.47
CA TYR C 106 -43.88 0.34 -1.82
C TYR C 106 -45.03 -0.65 -1.66
N TRP C 107 -46.04 -0.66 -2.57
CA TRP C 107 -47.21 -1.53 -2.38
C TRP C 107 -47.41 -2.42 -3.59
N GLY C 108 -48.24 -3.45 -3.41
CA GLY C 108 -48.72 -4.24 -4.52
C GLY C 108 -50.06 -3.77 -5.04
N GLN C 109 -50.51 -4.39 -6.14
CA GLN C 109 -51.76 -3.99 -6.75
C GLN C 109 -52.96 -4.59 -6.04
N GLY C 110 -52.77 -5.71 -5.35
CA GLY C 110 -53.89 -6.35 -4.70
C GLY C 110 -54.27 -7.66 -5.38
N THR C 111 -54.68 -8.63 -4.57
CA THR C 111 -55.15 -9.93 -5.06
C THR C 111 -55.97 -10.56 -3.94
N LEU C 112 -57.22 -10.91 -4.22
CA LEU C 112 -58.21 -11.17 -3.18
C LEU C 112 -58.44 -12.67 -2.96
N VAL C 113 -58.78 -13.03 -1.72
CA VAL C 113 -59.22 -14.38 -1.36
C VAL C 113 -60.44 -14.28 -0.45
N THR C 114 -61.58 -14.77 -0.93
CA THR C 114 -62.84 -14.72 -0.19
C THR C 114 -63.30 -16.14 0.12
N VAL C 115 -63.63 -16.35 1.41
CA VAL C 115 -63.95 -17.73 1.86
C VAL C 115 -65.46 -17.96 1.90
N SER C 116 -65.91 -19.06 1.28
CA SER C 116 -67.31 -19.41 1.34
C SER C 116 -67.57 -20.30 2.55
N GLU D 2 -17.54 -20.24 -33.24
CA GLU D 2 -17.14 -19.89 -31.88
C GLU D 2 -18.30 -19.54 -30.98
N VAL D 3 -19.25 -18.80 -31.53
CA VAL D 3 -20.49 -18.52 -30.77
C VAL D 3 -21.64 -19.09 -31.60
N GLN D 4 -22.75 -19.38 -30.94
CA GLN D 4 -23.87 -20.02 -31.66
C GLN D 4 -25.16 -19.61 -30.95
N LEU D 5 -26.25 -19.52 -31.72
CA LEU D 5 -27.55 -19.19 -31.11
C LEU D 5 -28.53 -20.26 -31.58
N VAL D 6 -28.85 -21.19 -30.68
CA VAL D 6 -29.72 -22.33 -31.07
C VAL D 6 -31.09 -22.10 -30.45
N GLU D 7 -32.14 -22.56 -31.13
CA GLU D 7 -33.51 -22.26 -30.66
C GLU D 7 -34.44 -23.43 -30.97
N SER D 8 -35.51 -23.53 -30.21
CA SER D 8 -36.45 -24.64 -30.31
C SER D 8 -37.88 -24.10 -30.15
N GLY D 9 -38.83 -25.02 -30.05
CA GLY D 9 -40.21 -24.68 -29.77
C GLY D 9 -41.09 -24.47 -31.00
N GLY D 10 -40.60 -24.73 -32.20
CA GLY D 10 -41.37 -24.42 -33.39
C GLY D 10 -42.33 -25.51 -33.81
N GLY D 11 -42.89 -25.33 -34.99
CA GLY D 11 -43.83 -26.28 -35.55
C GLY D 11 -44.96 -25.55 -36.25
N LEU D 12 -46.16 -26.12 -36.12
CA LEU D 12 -47.39 -25.51 -36.60
C LEU D 12 -48.41 -25.51 -35.47
N VAL D 13 -49.35 -24.56 -35.52
CA VAL D 13 -50.37 -24.41 -34.50
C VAL D 13 -51.67 -24.05 -35.22
N GLN D 14 -52.79 -24.19 -34.51
CA GLN D 14 -54.07 -23.79 -35.05
C GLN D 14 -54.49 -22.46 -34.41
N ALA D 15 -55.75 -22.08 -34.63
CA ALA D 15 -56.21 -20.77 -34.17
C ALA D 15 -56.37 -20.73 -32.67
N GLY D 16 -55.93 -19.63 -32.06
CA GLY D 16 -56.01 -19.51 -30.62
C GLY D 16 -55.02 -20.35 -29.87
N GLY D 17 -53.85 -20.60 -30.44
CA GLY D 17 -52.86 -21.43 -29.80
C GLY D 17 -52.10 -20.71 -28.69
N SER D 18 -51.06 -21.40 -28.22
CA SER D 18 -50.25 -20.96 -27.10
C SER D 18 -48.94 -21.74 -27.13
N LEU D 19 -47.81 -21.02 -27.17
CA LEU D 19 -46.53 -21.67 -27.41
C LEU D 19 -45.39 -20.81 -26.85
N GLY D 20 -44.20 -21.40 -26.78
CA GLY D 20 -43.04 -20.69 -26.21
C GLY D 20 -41.71 -21.11 -26.81
N LEU D 21 -41.19 -20.32 -27.75
CA LEU D 21 -39.85 -20.60 -28.33
C LEU D 21 -38.77 -20.25 -27.29
N SER D 22 -37.56 -20.82 -27.41
CA SER D 22 -36.44 -20.51 -26.47
C SER D 22 -35.18 -20.23 -27.28
N CYS D 23 -34.30 -19.33 -26.81
CA CYS D 23 -33.00 -19.10 -27.49
C CYS D 23 -31.91 -19.25 -26.44
N SER D 24 -30.93 -20.11 -26.72
CA SER D 24 -29.81 -20.31 -25.77
C SER D 24 -28.50 -20.18 -26.54
N ALA D 25 -27.43 -19.87 -25.85
CA ALA D 25 -26.13 -19.59 -26.50
C ALA D 25 -24.98 -19.92 -25.56
N SER D 26 -23.79 -20.05 -26.12
CA SER D 26 -22.59 -20.24 -25.30
C SER D 26 -21.46 -19.56 -26.02
N GLY D 27 -20.52 -18.98 -25.29
CA GLY D 27 -19.60 -18.02 -25.87
C GLY D 27 -20.13 -16.62 -25.83
N LEU D 28 -21.14 -16.34 -24.99
CA LEU D 28 -21.84 -15.01 -24.99
C LEU D 28 -22.81 -14.97 -23.81
N LEU D 29 -22.40 -14.44 -22.66
CA LEU D 29 -23.34 -14.27 -21.52
C LEU D 29 -24.40 -13.25 -21.96
N PHE D 30 -25.68 -13.52 -21.72
CA PHE D 30 -26.76 -12.61 -22.17
C PHE D 30 -26.96 -11.59 -21.06
N SER D 31 -26.39 -11.89 -19.90
CA SER D 31 -26.45 -10.95 -18.76
C SER D 31 -25.86 -9.62 -19.23
N ARG D 32 -24.90 -9.66 -20.14
CA ARG D 32 -24.17 -8.44 -20.53
C ARG D 32 -24.55 -7.90 -21.91
N ASN D 33 -25.46 -8.52 -22.68
CA ASN D 33 -25.70 -8.01 -24.06
C ASN D 33 -27.21 -7.89 -24.38
N SER D 34 -27.59 -6.91 -25.21
CA SER D 34 -29.00 -6.71 -25.64
C SER D 34 -29.47 -7.84 -26.54
N ALA D 35 -30.78 -8.13 -26.57
CA ALA D 35 -31.27 -9.28 -27.34
C ALA D 35 -32.71 -9.10 -27.77
N GLY D 36 -33.14 -9.84 -28.79
CA GLY D 36 -34.52 -9.72 -29.29
C GLY D 36 -34.91 -10.91 -30.15
N TRP D 37 -36.18 -11.02 -30.55
CA TRP D 37 -36.64 -12.11 -31.46
C TRP D 37 -37.17 -11.48 -32.75
N TYR D 38 -36.68 -11.92 -33.90
CA TYR D 38 -37.10 -11.32 -35.19
C TYR D 38 -37.84 -12.38 -36.03
N ARG D 39 -38.94 -12.03 -36.70
CA ARG D 39 -39.62 -13.00 -37.59
C ARG D 39 -39.59 -12.52 -39.06
N GLN D 40 -39.74 -13.44 -40.02
CA GLN D 40 -39.71 -13.10 -41.47
C GLN D 40 -40.90 -13.74 -42.17
N ALA D 41 -41.96 -12.96 -42.40
CA ALA D 41 -43.11 -13.48 -43.12
C ALA D 41 -42.73 -13.79 -44.56
N PRO D 42 -43.37 -14.78 -45.20
CA PRO D 42 -43.04 -15.12 -46.58
C PRO D 42 -43.46 -14.06 -47.58
N GLY D 43 -42.48 -13.38 -48.19
CA GLY D 43 -42.74 -12.39 -49.21
C GLY D 43 -42.20 -11.01 -48.94
N LYS D 44 -41.95 -10.71 -47.66
CA LYS D 44 -41.38 -9.39 -47.27
C LYS D 44 -40.18 -9.62 -46.34
N GLN D 45 -39.52 -8.54 -45.91
CA GLN D 45 -38.30 -8.66 -45.05
C GLN D 45 -38.67 -8.85 -43.58
N ARG D 46 -37.68 -9.17 -42.74
CA ARG D 46 -37.96 -9.48 -41.32
C ARG D 46 -38.55 -8.29 -40.56
N GLU D 47 -39.46 -8.55 -39.63
CA GLU D 47 -40.00 -7.47 -38.75
C GLU D 47 -39.66 -7.92 -37.34
N PHE D 48 -39.94 -7.10 -36.34
CA PHE D 48 -39.48 -7.49 -34.99
C PHE D 48 -40.66 -7.92 -34.12
N VAL D 49 -40.47 -9.02 -33.40
CA VAL D 49 -41.53 -9.49 -32.45
C VAL D 49 -41.28 -8.77 -31.12
N ALA D 50 -40.03 -8.72 -30.67
CA ALA D 50 -39.77 -8.14 -29.32
C ALA D 50 -38.33 -7.66 -29.16
N ARG D 51 -38.04 -6.77 -28.19
CA ARG D 51 -36.63 -6.39 -27.88
C ARG D 51 -36.47 -6.20 -26.36
N ILE D 52 -35.48 -6.83 -25.73
CA ILE D 52 -35.24 -6.57 -24.28
C ILE D 52 -33.88 -5.91 -24.11
N ARG D 53 -33.74 -4.60 -24.35
CA ARG D 53 -32.39 -3.99 -24.27
C ARG D 53 -31.84 -4.28 -22.86
N MET D 54 -30.55 -4.53 -22.73
CA MET D 54 -29.93 -4.92 -21.44
C MET D 54 -30.42 -3.91 -20.40
N GLY D 55 -30.76 -4.36 -19.19
CA GLY D 55 -31.33 -3.42 -18.20
C GLY D 55 -32.84 -3.51 -18.07
N GLY D 56 -33.49 -4.52 -18.68
CA GLY D 56 -34.93 -4.73 -18.48
C GLY D 56 -35.88 -3.71 -19.10
N SER D 57 -35.55 -3.20 -20.28
CA SER D 57 -36.48 -2.28 -21.01
C SER D 57 -37.10 -3.05 -22.18
N ILE D 58 -38.36 -3.48 -22.06
CA ILE D 58 -38.98 -4.33 -23.11
C ILE D 58 -39.84 -3.50 -24.04
N ASN D 59 -39.69 -3.68 -25.35
CA ASN D 59 -40.58 -2.99 -26.31
C ASN D 59 -41.03 -4.01 -27.36
N TYR D 60 -42.28 -3.93 -27.83
CA TYR D 60 -42.81 -4.91 -28.81
C TYR D 60 -43.38 -4.15 -30.01
N ALA D 61 -43.46 -4.80 -31.18
CA ALA D 61 -44.09 -4.15 -32.36
C ALA D 61 -45.61 -4.19 -32.23
N ASP D 62 -46.34 -3.46 -33.09
CA ASP D 62 -47.83 -3.34 -32.97
C ASP D 62 -48.54 -4.68 -33.11
N THR D 63 -48.09 -5.55 -34.01
CA THR D 63 -48.81 -6.84 -34.28
C THR D 63 -48.85 -7.75 -33.05
N VAL D 64 -47.78 -7.82 -32.27
CA VAL D 64 -47.73 -8.82 -31.16
C VAL D 64 -48.06 -8.18 -29.79
N LYS D 65 -48.50 -6.93 -29.75
CA LYS D 65 -48.72 -6.26 -28.44
C LYS D 65 -49.77 -7.00 -27.59
N GLY D 66 -49.43 -7.31 -26.32
CA GLY D 66 -50.40 -7.92 -25.39
C GLY D 66 -50.59 -9.42 -25.59
N ARG D 67 -49.97 -9.99 -26.61
CA ARG D 67 -50.09 -11.45 -26.86
C ARG D 67 -48.71 -12.09 -26.70
N PHE D 68 -47.68 -11.28 -26.45
CA PHE D 68 -46.30 -11.84 -26.46
C PHE D 68 -45.50 -11.30 -25.28
N THR D 69 -44.63 -12.12 -24.69
CA THR D 69 -43.73 -11.64 -23.60
C THR D 69 -42.30 -12.11 -23.86
N ILE D 70 -41.29 -11.22 -23.78
CA ILE D 70 -39.88 -11.68 -23.93
C ILE D 70 -39.16 -11.56 -22.59
N SER D 71 -38.57 -12.66 -22.10
CA SER D 71 -37.95 -12.65 -20.75
C SER D 71 -36.55 -13.27 -20.82
N ARG D 72 -35.58 -12.67 -20.13
CA ARG D 72 -34.22 -13.28 -20.07
C ARG D 72 -34.13 -13.95 -18.70
N ASP D 73 -34.07 -15.28 -18.65
CA ASP D 73 -34.03 -15.83 -17.27
C ASP D 73 -32.73 -15.37 -16.63
N ASN D 74 -31.84 -14.76 -17.43
CA ASN D 74 -30.64 -14.16 -16.79
C ASN D 74 -29.90 -15.30 -16.09
N ALA D 75 -30.37 -16.53 -16.35
CA ALA D 75 -29.70 -17.72 -15.80
C ALA D 75 -29.60 -18.65 -16.99
N LYS D 76 -28.53 -19.43 -17.08
CA LYS D 76 -28.44 -20.44 -18.17
C LYS D 76 -28.37 -19.74 -19.53
N ASN D 77 -28.04 -18.44 -19.55
CA ASN D 77 -27.83 -17.73 -20.84
C ASN D 77 -29.00 -18.04 -21.74
N THR D 78 -30.22 -17.72 -21.25
CA THR D 78 -31.48 -18.13 -21.93
C THR D 78 -32.44 -16.98 -22.13
N VAL D 79 -32.95 -16.78 -23.33
CA VAL D 79 -34.03 -15.79 -23.50
C VAL D 79 -35.27 -16.58 -23.97
N TYR D 80 -36.42 -16.40 -23.35
CA TYR D 80 -37.64 -17.19 -23.69
C TYR D 80 -38.75 -16.24 -24.13
N LEU D 81 -39.46 -16.55 -25.22
CA LEU D 81 -40.62 -15.71 -25.66
C LEU D 81 -41.88 -16.52 -25.39
N GLN D 82 -42.87 -15.94 -24.71
CA GLN D 82 -44.17 -16.65 -24.53
C GLN D 82 -45.21 -16.05 -25.49
N MET D 83 -45.40 -16.69 -26.65
CA MET D 83 -46.43 -16.22 -27.60
C MET D 83 -47.81 -16.71 -27.12
N ASN D 84 -48.89 -15.98 -27.45
CA ASN D 84 -50.25 -16.36 -26.96
C ASN D 84 -51.33 -16.09 -28.01
N SER D 85 -52.43 -16.86 -27.98
CA SER D 85 -53.57 -16.70 -28.94
C SER D 85 -53.07 -16.45 -30.35
N LEU D 86 -52.28 -17.39 -30.89
CA LEU D 86 -51.66 -17.21 -32.24
C LEU D 86 -52.71 -17.05 -33.33
N LYS D 87 -52.45 -16.16 -34.30
CA LYS D 87 -53.43 -15.87 -35.38
C LYS D 87 -52.79 -16.20 -36.73
N PRO D 88 -53.55 -16.44 -37.82
CA PRO D 88 -52.98 -16.87 -39.11
C PRO D 88 -52.01 -15.86 -39.73
N GLU D 89 -52.17 -14.57 -39.42
CA GLU D 89 -51.25 -13.52 -39.94
C GLU D 89 -49.82 -13.79 -39.41
N ASP D 90 -49.69 -14.48 -38.27
CA ASP D 90 -48.37 -14.81 -37.66
C ASP D 90 -47.52 -15.72 -38.56
N THR D 91 -48.13 -16.66 -39.30
CA THR D 91 -47.39 -17.62 -40.17
C THR D 91 -46.07 -17.02 -40.65
N ALA D 92 -44.93 -17.61 -40.25
CA ALA D 92 -43.66 -16.97 -40.57
C ALA D 92 -42.52 -17.87 -40.12
N VAL D 93 -41.30 -17.45 -40.41
CA VAL D 93 -40.09 -18.08 -39.89
C VAL D 93 -39.45 -17.08 -38.94
N TYR D 94 -39.03 -17.61 -37.78
CA TYR D 94 -38.52 -16.72 -36.71
C TYR D 94 -37.01 -16.87 -36.57
N TYR D 95 -36.34 -15.88 -35.97
CA TYR D 95 -34.87 -15.89 -35.81
C TYR D 95 -34.59 -15.22 -34.46
N CYS D 96 -33.44 -15.50 -33.82
CA CYS D 96 -33.03 -14.89 -32.52
C CYS D 96 -31.75 -14.07 -32.74
N SER D 97 -31.43 -13.09 -31.88
CA SER D 97 -30.20 -12.26 -32.01
C SER D 97 -29.70 -11.65 -30.68
N SER D 98 -28.42 -11.24 -30.60
CA SER D 98 -27.86 -10.51 -29.43
C SER D 98 -26.68 -9.69 -29.92
N TRP D 99 -26.63 -8.39 -29.63
CA TRP D 99 -25.59 -7.53 -30.24
C TRP D 99 -25.14 -6.37 -29.32
N ARG D 100 -24.00 -5.74 -29.64
CA ARG D 100 -23.55 -4.52 -28.92
C ARG D 100 -23.45 -3.47 -30.01
N THR D 101 -24.14 -2.35 -29.88
CA THR D 101 -24.15 -1.36 -30.99
C THR D 101 -22.75 -0.84 -31.23
N GLY D 102 -22.29 -0.89 -32.48
CA GLY D 102 -20.94 -0.41 -32.82
C GLY D 102 -19.87 -1.49 -32.80
N PHE D 103 -20.18 -2.71 -32.35
CA PHE D 103 -19.10 -3.73 -32.21
C PHE D 103 -19.43 -5.07 -32.88
N TYR D 104 -20.55 -5.72 -32.54
CA TYR D 104 -20.81 -7.08 -33.08
C TYR D 104 -22.30 -7.38 -33.19
N GLU D 105 -22.68 -8.31 -34.07
CA GLU D 105 -24.10 -8.71 -34.25
C GLU D 105 -24.16 -10.23 -34.52
N TYR D 106 -25.00 -10.99 -33.80
CA TYR D 106 -24.98 -12.46 -33.95
C TYR D 106 -26.40 -12.98 -34.19
N TRP D 107 -26.62 -14.05 -34.99
CA TRP D 107 -27.98 -14.49 -35.31
C TRP D 107 -28.17 -15.95 -34.95
N GLY D 108 -29.43 -16.37 -34.92
CA GLY D 108 -29.76 -17.77 -34.81
C GLY D 108 -30.01 -18.40 -36.17
N GLN D 109 -30.22 -19.73 -36.15
CA GLN D 109 -30.41 -20.45 -37.40
C GLN D 109 -31.86 -20.32 -37.91
N GLY D 110 -32.79 -20.07 -37.01
CA GLY D 110 -34.18 -20.00 -37.42
C GLY D 110 -34.97 -21.18 -36.90
N THR D 111 -36.24 -20.92 -36.56
CA THR D 111 -37.18 -21.93 -36.10
C THR D 111 -38.58 -21.36 -36.27
N LEU D 112 -39.44 -22.06 -37.01
CA LEU D 112 -40.66 -21.47 -37.55
C LEU D 112 -41.90 -21.86 -36.76
N VAL D 113 -42.89 -20.97 -36.73
CA VAL D 113 -44.21 -21.25 -36.18
C VAL D 113 -45.28 -20.70 -37.14
N THR D 114 -46.08 -21.60 -37.72
CA THR D 114 -47.11 -21.23 -38.69
C THR D 114 -48.48 -21.58 -38.11
N VAL D 115 -49.38 -20.60 -38.16
CA VAL D 115 -50.71 -20.76 -37.51
C VAL D 115 -51.77 -21.21 -38.51
N SER D 116 -52.50 -22.26 -38.18
CA SER D 116 -53.61 -22.69 -39.02
C SER D 116 -54.89 -21.99 -38.59
N GLU E 2 -9.53 -41.57 -1.99
CA GLU E 2 -9.64 -40.13 -1.84
C GLU E 2 -10.48 -39.47 -2.90
N VAL E 3 -10.30 -39.95 -4.14
CA VAL E 3 -11.19 -39.46 -5.24
C VAL E 3 -11.89 -40.70 -5.78
N GLN E 4 -13.03 -40.49 -6.42
CA GLN E 4 -13.82 -41.64 -6.90
C GLN E 4 -14.61 -41.18 -8.11
N LEU E 5 -14.86 -42.11 -9.04
CA LEU E 5 -15.68 -41.77 -10.23
C LEU E 5 -16.77 -42.82 -10.31
N VAL E 6 -17.98 -42.43 -9.93
CA VAL E 6 -19.11 -43.41 -9.87
C VAL E 6 -20.03 -43.10 -11.04
N GLU E 7 -20.66 -44.14 -11.57
CA GLU E 7 -21.48 -43.96 -12.80
C GLU E 7 -22.69 -44.88 -12.77
N SER E 8 -23.73 -44.51 -13.49
CA SER E 8 -24.99 -45.23 -13.52
C SER E 8 -25.53 -45.25 -14.94
N GLY E 9 -26.77 -45.72 -15.08
CA GLY E 9 -27.48 -45.71 -16.34
C GLY E 9 -27.33 -46.94 -17.20
N GLY E 10 -26.68 -48.00 -16.72
CA GLY E 10 -26.41 -49.15 -17.55
C GLY E 10 -27.54 -50.15 -17.62
N GLY E 11 -27.22 -51.30 -18.20
CA GLY E 11 -28.19 -52.37 -18.35
C GLY E 11 -28.06 -53.01 -19.71
N LEU E 12 -29.22 -53.40 -20.26
CA LEU E 12 -29.33 -53.93 -21.62
C LEU E 12 -30.42 -53.16 -22.34
N VAL E 13 -30.32 -53.09 -23.68
CA VAL E 13 -31.26 -52.38 -24.51
C VAL E 13 -31.47 -53.22 -25.77
N GLN E 14 -32.54 -52.92 -26.50
CA GLN E 14 -32.79 -53.58 -27.77
C GLN E 14 -32.42 -52.62 -28.91
N ALA E 15 -32.82 -52.98 -30.13
CA ALA E 15 -32.39 -52.23 -31.30
C ALA E 15 -33.13 -50.89 -31.37
N GLY E 16 -32.38 -49.84 -31.73
CA GLY E 16 -32.97 -48.52 -31.79
C GLY E 16 -33.28 -47.89 -30.47
N GLY E 17 -32.51 -48.21 -29.43
CA GLY E 17 -32.76 -47.70 -28.11
C GLY E 17 -32.32 -46.25 -27.94
N SER E 18 -32.37 -45.82 -26.69
CA SER E 18 -32.08 -44.45 -26.29
C SER E 18 -31.82 -44.43 -24.79
N LEU E 19 -30.65 -43.93 -24.39
CA LEU E 19 -30.22 -44.06 -23.00
C LEU E 19 -29.21 -42.97 -22.66
N GLY E 20 -28.93 -42.82 -21.36
CA GLY E 20 -28.01 -41.76 -20.90
C GLY E 20 -27.25 -42.12 -19.64
N LEU E 21 -25.99 -42.56 -19.79
CA LEU E 21 -25.12 -42.84 -18.61
C LEU E 21 -24.71 -41.51 -17.97
N SER E 22 -24.33 -41.52 -16.68
CA SER E 22 -23.86 -40.28 -15.99
C SER E 22 -22.58 -40.60 -15.22
N CYS E 23 -21.65 -39.64 -15.11
CA CYS E 23 -20.42 -39.83 -14.29
C CYS E 23 -20.34 -38.68 -13.30
N SER E 24 -20.21 -39.00 -12.03
CA SER E 24 -20.10 -37.94 -10.99
C SER E 24 -18.90 -38.26 -10.11
N ALA E 25 -18.36 -37.26 -9.45
CA ALA E 25 -17.12 -37.41 -8.67
C ALA E 25 -17.06 -36.40 -7.54
N SER E 26 -16.20 -36.67 -6.56
CA SER E 26 -15.98 -35.70 -5.48
C SER E 26 -14.53 -35.81 -5.08
N GLY E 27 -13.90 -34.72 -4.70
CA GLY E 27 -12.46 -34.65 -4.65
C GLY E 27 -11.84 -34.24 -5.95
N LEU E 28 -12.61 -33.64 -6.87
CA LEU E 28 -12.13 -33.33 -8.25
C LEU E 28 -13.19 -32.50 -8.98
N LEU E 29 -13.09 -31.18 -8.94
CA LEU E 29 -14.02 -30.33 -9.72
C LEU E 29 -13.77 -30.63 -11.20
N PHE E 30 -14.81 -30.82 -12.00
CA PHE E 30 -14.65 -31.16 -13.44
C PHE E 30 -14.56 -29.85 -14.19
N SER E 31 -14.94 -28.78 -13.51
CA SER E 31 -14.83 -27.42 -14.11
C SER E 31 -13.37 -27.21 -14.53
N ARG E 32 -12.44 -27.80 -13.80
CA ARG E 32 -11.01 -27.54 -14.05
C ARG E 32 -10.27 -28.68 -14.74
N ASN E 33 -10.88 -29.81 -15.09
CA ASN E 33 -10.09 -30.94 -15.67
C ASN E 33 -10.75 -31.56 -16.90
N SER E 34 -9.95 -32.04 -17.86
CA SER E 34 -10.46 -32.70 -19.10
C SER E 34 -11.12 -34.05 -18.77
N ALA E 35 -12.08 -34.50 -19.59
CA ALA E 35 -12.82 -35.73 -19.25
C ALA E 35 -13.36 -36.40 -20.50
N GLY E 36 -13.67 -37.70 -20.39
CA GLY E 36 -14.19 -38.45 -21.55
C GLY E 36 -14.85 -39.75 -21.12
N TRP E 37 -15.51 -40.47 -22.05
CA TRP E 37 -16.11 -41.79 -21.74
C TRP E 37 -15.44 -42.85 -22.61
N TYR E 38 -14.95 -43.93 -22.00
CA TYR E 38 -14.23 -44.98 -22.76
C TYR E 38 -15.02 -46.29 -22.69
N ARG E 39 -15.13 -47.04 -23.80
CA ARG E 39 -15.82 -48.37 -23.73
C ARG E 39 -14.84 -49.50 -24.09
N GLN E 40 -15.12 -50.74 -23.65
CA GLN E 40 -14.24 -51.90 -23.91
C GLN E 40 -15.06 -53.07 -24.45
N ALA E 41 -15.07 -53.25 -25.77
CA ALA E 41 -15.80 -54.37 -26.36
C ALA E 41 -15.15 -55.69 -25.92
N PRO E 42 -15.93 -56.78 -25.81
CA PRO E 42 -15.35 -58.06 -25.40
C PRO E 42 -14.44 -58.68 -26.45
N GLY E 43 -13.15 -58.74 -26.16
CA GLY E 43 -12.19 -59.36 -27.04
C GLY E 43 -11.05 -58.49 -27.51
N LYS E 44 -11.24 -57.17 -27.44
CA LYS E 44 -10.19 -56.20 -27.84
C LYS E 44 -10.03 -55.14 -26.73
N GLN E 45 -9.11 -54.20 -26.90
CA GLN E 45 -8.84 -53.17 -25.85
C GLN E 45 -9.82 -52.01 -25.94
N ARG E 46 -9.83 -51.13 -24.94
CA ARG E 46 -10.82 -50.03 -24.88
C ARG E 46 -10.69 -49.07 -26.07
N GLU E 47 -11.82 -48.55 -26.57
CA GLU E 47 -11.79 -47.51 -27.62
C GLU E 47 -12.51 -46.31 -27.01
N PHE E 48 -12.56 -45.18 -27.70
CA PHE E 48 -13.14 -43.99 -27.03
C PHE E 48 -14.51 -43.67 -27.62
N VAL E 49 -15.45 -43.36 -26.75
CA VAL E 49 -16.81 -42.95 -27.22
C VAL E 49 -16.76 -41.44 -27.43
N ALA E 50 -16.18 -40.69 -26.48
CA ALA E 50 -16.21 -39.21 -26.59
C ALA E 50 -15.11 -38.53 -25.78
N ARG E 51 -14.76 -37.28 -26.09
CA ARG E 51 -13.81 -36.50 -25.24
C ARG E 51 -14.24 -35.03 -25.17
N ILE E 52 -14.36 -34.45 -23.98
CA ILE E 52 -14.67 -33.00 -23.89
C ILE E 52 -13.49 -32.26 -23.26
N ARG E 53 -12.42 -31.96 -24.01
CA ARG E 53 -11.25 -31.34 -23.36
C ARG E 53 -11.72 -30.03 -22.71
N MET E 54 -11.18 -29.70 -21.54
CA MET E 54 -11.64 -28.51 -20.76
C MET E 54 -11.70 -27.34 -21.73
N GLY E 55 -12.73 -26.50 -21.65
CA GLY E 55 -12.87 -25.41 -22.64
C GLY E 55 -13.89 -25.72 -23.74
N GLY E 56 -14.68 -26.78 -23.61
CA GLY E 56 -15.77 -27.04 -24.57
C GLY E 56 -15.37 -27.45 -25.98
N SER E 57 -14.31 -28.26 -26.11
CA SER E 57 -13.93 -28.80 -27.45
C SER E 57 -14.30 -30.28 -27.48
N ILE E 58 -15.39 -30.65 -28.17
CA ILE E 58 -15.88 -32.06 -28.14
C ILE E 58 -15.42 -32.81 -29.38
N ASN E 59 -14.89 -34.01 -29.21
CA ASN E 59 -14.52 -34.86 -30.37
C ASN E 59 -15.03 -36.27 -30.11
N TYR E 60 -15.50 -36.98 -31.14
CA TYR E 60 -16.06 -38.35 -30.96
C TYR E 60 -15.36 -39.29 -31.94
N ALA E 61 -15.34 -40.59 -31.65
CA ALA E 61 -14.75 -41.57 -32.59
C ALA E 61 -15.74 -41.85 -33.73
N ASP E 62 -15.30 -42.55 -34.80
CA ASP E 62 -16.15 -42.76 -36.00
C ASP E 62 -17.43 -43.55 -35.70
N THR E 63 -17.36 -44.56 -34.83
CA THR E 63 -18.53 -45.44 -34.57
C THR E 63 -19.71 -44.68 -33.97
N VAL E 64 -19.46 -43.73 -33.06
CA VAL E 64 -20.60 -43.08 -32.34
C VAL E 64 -20.95 -41.72 -32.93
N LYS E 65 -20.39 -41.34 -34.07
CA LYS E 65 -20.64 -39.97 -34.61
C LYS E 65 -22.13 -39.72 -34.89
N GLY E 66 -22.69 -38.62 -34.38
CA GLY E 66 -24.08 -38.24 -34.69
C GLY E 66 -25.12 -39.01 -33.89
N ARG E 67 -24.70 -40.00 -33.09
CA ARG E 67 -25.65 -40.75 -32.25
C ARG E 67 -25.33 -40.51 -30.78
N PHE E 68 -24.28 -39.74 -30.50
CA PHE E 68 -23.84 -39.61 -29.09
C PHE E 68 -23.51 -38.14 -28.76
N THR E 69 -23.81 -37.70 -27.54
CA THR E 69 -23.44 -36.32 -27.12
C THR E 69 -22.78 -36.37 -25.73
N ILE E 70 -21.62 -35.72 -25.52
CA ILE E 70 -21.03 -35.67 -24.15
C ILE E 70 -21.10 -34.24 -23.62
N SER E 71 -21.72 -34.06 -22.44
CA SER E 71 -21.93 -32.69 -21.91
C SER E 71 -21.50 -32.62 -20.44
N ARG E 72 -20.81 -31.55 -20.04
CA ARG E 72 -20.45 -31.37 -18.62
C ARG E 72 -21.43 -30.37 -18.05
N ASP E 73 -22.32 -30.77 -17.15
CA ASP E 73 -23.29 -29.73 -16.71
C ASP E 73 -22.47 -28.67 -15.98
N ASN E 74 -21.18 -28.95 -15.72
CA ASN E 74 -20.34 -27.86 -15.15
C ASN E 74 -20.98 -27.46 -13.83
N ALA E 75 -21.98 -28.24 -13.42
CA ALA E 75 -22.63 -28.01 -12.12
C ALA E 75 -22.67 -29.39 -11.50
N LYS E 76 -22.54 -29.49 -10.17
CA LYS E 76 -22.68 -30.81 -9.51
C LYS E 76 -21.58 -31.76 -9.97
N ASN E 77 -20.49 -31.24 -10.55
CA ASN E 77 -19.33 -32.08 -10.91
C ASN E 77 -19.83 -33.30 -11.65
N THR E 78 -20.56 -33.04 -12.76
CA THR E 78 -21.29 -34.11 -13.49
C THR E 78 -20.99 -34.11 -14.98
N VAL E 79 -20.64 -35.25 -15.55
CA VAL E 79 -20.53 -35.32 -17.03
C VAL E 79 -21.59 -36.33 -17.49
N TYR E 80 -22.44 -35.99 -18.45
CA TYR E 80 -23.54 -36.89 -18.89
C TYR E 80 -23.36 -37.22 -20.38
N LEU E 81 -23.50 -38.50 -20.77
CA LEU E 81 -23.45 -38.86 -22.21
C LEU E 81 -24.86 -39.23 -22.65
N GLN E 82 -25.35 -38.66 -23.75
CA GLN E 82 -26.67 -39.07 -24.28
C GLN E 82 -26.47 -39.98 -25.50
N MET E 83 -26.51 -41.30 -25.30
CA MET E 83 -26.39 -42.25 -26.43
C MET E 83 -27.74 -42.33 -27.16
N ASN E 84 -27.75 -42.63 -28.46
CA ASN E 84 -29.03 -42.66 -29.23
C ASN E 84 -29.02 -43.78 -30.29
N SER E 85 -30.21 -44.30 -30.63
CA SER E 85 -30.35 -45.39 -31.65
C SER E 85 -29.28 -46.45 -31.49
N LEU E 86 -29.21 -47.08 -30.31
CA LEU E 86 -28.13 -48.06 -30.01
C LEU E 86 -28.17 -49.25 -30.97
N LYS E 87 -27.00 -49.74 -31.39
CA LYS E 87 -26.90 -50.84 -32.37
C LYS E 87 -26.16 -52.02 -31.73
N PRO E 88 -26.30 -53.28 -32.21
CA PRO E 88 -25.69 -54.44 -31.55
C PRO E 88 -24.16 -54.41 -31.49
N GLU E 89 -23.51 -53.69 -32.42
CA GLU E 89 -22.03 -53.55 -32.40
C GLU E 89 -21.60 -52.82 -31.12
N ASP E 90 -22.49 -52.01 -30.53
CA ASP E 90 -22.20 -51.25 -29.28
C ASP E 90 -21.92 -52.18 -28.09
N THR E 91 -22.59 -53.33 -27.98
CA THR E 91 -22.42 -54.28 -26.83
C THR E 91 -21.02 -54.15 -26.23
N ALA E 92 -20.91 -53.74 -24.96
CA ALA E 92 -19.59 -53.48 -24.41
C ALA E 92 -19.73 -53.11 -22.94
N VAL E 93 -18.58 -52.92 -22.29
CA VAL E 93 -18.53 -52.38 -20.94
C VAL E 93 -17.89 -51.00 -21.05
N TYR E 94 -18.50 -50.04 -20.34
CA TYR E 94 -18.06 -48.63 -20.46
C TYR E 94 -17.33 -48.19 -19.20
N TYR E 95 -16.53 -47.14 -19.30
CA TYR E 95 -15.73 -46.62 -18.16
C TYR E 95 -15.71 -45.10 -18.32
N CYS E 96 -15.48 -44.34 -17.23
CA CYS E 96 -15.39 -42.84 -17.25
C CYS E 96 -13.98 -42.43 -16.79
N SER E 97 -13.51 -41.22 -17.15
CA SER E 97 -12.16 -40.73 -16.74
C SER E 97 -12.03 -39.20 -16.69
N SER E 98 -11.04 -38.66 -15.97
CA SER E 98 -10.72 -37.19 -15.96
C SER E 98 -9.25 -37.06 -15.60
N TRP E 99 -8.46 -36.31 -16.37
CA TRP E 99 -6.99 -36.28 -16.16
C TRP E 99 -6.34 -34.94 -16.52
N ARG E 100 -5.11 -34.71 -16.06
CA ARG E 100 -4.33 -33.51 -16.47
C ARG E 100 -3.08 -34.09 -17.11
N THR E 101 -2.79 -33.74 -18.36
CA THR E 101 -1.65 -34.38 -19.05
C THR E 101 -0.35 -34.06 -18.31
N GLY E 102 0.44 -35.08 -18.00
CA GLY E 102 1.71 -34.89 -17.29
C GLY E 102 1.60 -34.99 -15.78
N PHE E 103 0.39 -35.10 -15.20
CA PHE E 103 0.29 -35.08 -13.72
C PHE E 103 -0.52 -36.24 -13.14
N TYR E 104 -1.77 -36.45 -13.57
CA TYR E 104 -2.62 -37.49 -12.92
C TYR E 104 -3.66 -38.07 -13.87
N GLU E 105 -4.13 -39.29 -13.61
CA GLU E 105 -5.17 -39.95 -14.45
C GLU E 105 -6.11 -40.74 -13.54
N TYR E 106 -7.44 -40.59 -13.66
CA TYR E 106 -8.36 -41.25 -12.70
C TYR E 106 -9.45 -42.01 -13.47
N TRP E 107 -9.95 -43.16 -12.98
CA TRP E 107 -10.91 -43.96 -13.75
C TRP E 107 -12.17 -44.20 -12.95
N GLY E 108 -13.22 -44.64 -13.65
CA GLY E 108 -14.41 -45.14 -13.00
C GLY E 108 -14.39 -46.64 -12.84
N GLN E 109 -15.41 -47.16 -12.15
CA GLN E 109 -15.49 -48.60 -11.89
C GLN E 109 -16.03 -49.36 -13.10
N GLY E 110 -16.80 -48.70 -13.94
CA GLY E 110 -17.40 -49.38 -15.07
C GLY E 110 -18.89 -49.54 -14.90
N THR E 111 -19.62 -49.45 -16.02
CA THR E 111 -21.06 -49.65 -16.07
C THR E 111 -21.43 -49.94 -17.52
N LEU E 112 -22.09 -51.07 -17.76
CA LEU E 112 -22.18 -51.65 -19.10
C LEU E 112 -23.53 -51.39 -19.75
N VAL E 113 -23.52 -51.29 -21.09
CA VAL E 113 -24.74 -51.22 -21.90
C VAL E 113 -24.58 -52.15 -23.10
N THR E 114 -25.41 -53.19 -23.17
CA THR E 114 -25.36 -54.19 -24.24
C THR E 114 -26.65 -54.13 -25.04
N VAL E 115 -26.49 -54.05 -26.37
CA VAL E 115 -27.67 -53.85 -27.24
C VAL E 115 -28.17 -55.17 -27.81
N SER E 116 -29.47 -55.43 -27.68
CA SER E 116 -30.05 -56.62 -28.29
C SER E 116 -30.51 -56.31 -29.71
N GLY F 103 45.42 41.40 36.59
CA GLY F 103 45.48 39.97 36.25
C GLY F 103 46.52 39.71 35.18
N GLU F 104 47.48 38.82 35.44
CA GLU F 104 48.55 38.68 34.43
C GLU F 104 48.03 37.82 33.28
N ARG F 105 48.54 38.03 32.06
CA ARG F 105 48.00 37.32 30.87
C ARG F 105 48.96 36.23 30.38
N VAL F 106 48.44 35.13 29.85
CA VAL F 106 49.28 34.03 29.33
C VAL F 106 49.01 33.84 27.85
N VAL F 107 50.04 33.79 27.01
CA VAL F 107 49.88 33.66 25.54
C VAL F 107 50.27 32.23 25.15
N ILE F 108 49.34 31.46 24.59
CA ILE F 108 49.60 30.05 24.18
C ILE F 108 49.57 30.07 22.66
N ASN F 109 50.57 29.54 21.99
CA ASN F 109 50.65 29.58 20.52
C ASN F 109 50.50 28.15 20.00
N ILE F 110 49.30 27.75 19.58
CA ILE F 110 49.12 26.40 18.98
C ILE F 110 49.38 26.52 17.48
N SER F 111 50.56 26.14 17.00
CA SER F 111 50.92 26.21 15.56
C SER F 111 50.75 27.60 14.94
N GLY F 112 51.38 28.64 15.49
CA GLY F 112 51.35 29.98 14.84
C GLY F 112 50.15 30.79 15.22
N LEU F 113 49.06 30.15 15.61
CA LEU F 113 47.77 30.81 16.02
C LEU F 113 47.85 31.23 17.48
N ARG F 114 47.91 32.52 17.79
CA ARG F 114 48.11 32.97 19.19
C ARG F 114 46.78 33.03 19.91
N PHE F 115 46.58 32.24 20.96
CA PHE F 115 45.36 32.32 21.79
C PHE F 115 45.81 32.90 23.13
N GLU F 116 45.12 33.92 23.68
CA GLU F 116 45.53 34.57 24.94
C GLU F 116 44.38 34.54 25.95
N THR F 117 44.67 34.45 27.25
CA THR F 117 43.63 34.41 28.33
C THR F 117 44.22 34.93 29.65
N GLN F 118 43.38 35.24 30.63
CA GLN F 118 43.85 35.75 31.94
C GLN F 118 44.29 34.56 32.79
N LEU F 119 45.29 34.72 33.65
CA LEU F 119 45.85 33.56 34.40
C LEU F 119 44.73 32.93 35.26
N LYS F 120 43.80 33.75 35.75
CA LYS F 120 42.72 33.25 36.62
C LYS F 120 41.90 32.20 35.88
N THR F 121 41.62 32.40 34.59
CA THR F 121 40.71 31.47 33.89
C THR F 121 41.29 30.07 33.83
N LEU F 122 42.61 29.94 33.61
CA LEU F 122 43.17 28.58 33.43
C LEU F 122 43.54 27.98 34.80
N CYS F 123 43.34 28.73 35.88
CA CYS F 123 43.59 28.14 37.23
C CYS F 123 42.27 27.72 37.87
N GLN F 124 41.13 28.10 37.31
CA GLN F 124 39.82 27.62 37.82
C GLN F 124 39.93 26.11 37.99
N PHE F 125 40.35 25.41 36.95
CA PHE F 125 40.59 23.96 37.10
C PHE F 125 42.08 23.80 37.35
N PRO F 126 42.55 23.50 38.57
CA PRO F 126 43.98 23.48 38.86
C PRO F 126 44.73 22.16 38.58
N GLU F 127 44.03 21.03 38.70
CA GLU F 127 44.65 19.71 38.45
C GLU F 127 44.89 19.47 36.96
N THR F 128 44.45 20.34 36.05
CA THR F 128 44.56 20.07 34.58
C THR F 128 45.95 20.44 34.03
N LEU F 129 46.27 20.07 32.77
CA LEU F 129 47.66 20.28 32.25
C LEU F 129 48.05 21.76 32.20
N LEU F 130 47.18 22.60 31.67
CA LEU F 130 47.53 24.04 31.52
C LEU F 130 47.62 24.67 32.91
N GLY F 131 46.67 24.35 33.80
CA GLY F 131 46.64 24.92 35.16
C GLY F 131 47.81 24.47 36.02
N ASP F 132 48.18 23.19 35.97
CA ASP F 132 49.26 22.69 36.84
C ASP F 132 50.53 23.46 36.48
N PRO F 133 51.20 24.22 37.38
CA PRO F 133 52.36 24.99 36.97
C PRO F 133 53.46 24.10 36.43
N LYS F 134 53.76 22.99 37.11
CA LYS F 134 54.92 22.16 36.69
C LYS F 134 54.72 21.55 35.30
N ARG F 135 53.56 20.92 35.06
CA ARG F 135 53.39 20.24 33.74
C ARG F 135 53.56 21.29 32.63
N ARG F 136 52.84 22.41 32.74
CA ARG F 136 52.85 23.43 31.67
C ARG F 136 54.26 23.99 31.48
N MET F 137 55.09 23.94 32.51
CA MET F 137 56.44 24.57 32.42
C MET F 137 57.28 23.91 31.31
N ARG F 138 57.04 22.63 31.01
CA ARG F 138 57.88 21.95 30.00
C ARG F 138 57.72 22.64 28.65
N TYR F 139 56.48 22.85 28.19
CA TYR F 139 56.20 23.42 26.84
C TYR F 139 56.65 24.89 26.76
N PHE F 140 56.74 25.58 27.90
CA PHE F 140 57.04 27.03 27.88
C PHE F 140 58.36 27.31 27.17
N ASP F 141 58.39 28.35 26.34
CA ASP F 141 59.67 28.77 25.73
C ASP F 141 60.00 30.15 26.29
N PRO F 142 61.09 30.32 27.06
CA PRO F 142 61.41 31.60 27.69
C PRO F 142 61.82 32.67 26.68
N LEU F 143 62.28 32.26 25.49
CA LEU F 143 62.78 33.24 24.51
C LEU F 143 61.69 34.23 24.08
N ARG F 144 60.47 33.75 23.82
CA ARG F 144 59.38 34.65 23.32
C ARG F 144 58.21 34.71 24.32
N ASN F 145 58.34 34.09 25.49
CA ASN F 145 57.28 34.12 26.53
C ASN F 145 55.96 33.51 26.03
N GLU F 146 56.03 32.43 25.23
CA GLU F 146 54.81 31.77 24.71
C GLU F 146 54.95 30.26 24.84
N TYR F 147 53.86 29.54 25.05
CA TYR F 147 53.91 28.06 25.16
C TYR F 147 53.61 27.45 23.78
N PHE F 148 54.64 27.07 23.05
CA PHE F 148 54.47 26.52 21.68
C PHE F 148 53.99 25.08 21.78
N PHE F 149 52.94 24.73 21.06
CA PHE F 149 52.50 23.32 21.01
C PHE F 149 52.34 23.06 19.52
N ASP F 150 52.53 21.83 19.03
CA ASP F 150 52.23 21.52 17.61
C ASP F 150 51.04 20.57 17.63
N ARG F 151 49.85 21.04 17.33
CA ARG F 151 48.62 20.21 17.46
C ARG F 151 47.55 20.78 16.54
N ASN F 152 46.38 20.13 16.45
CA ASN F 152 45.30 20.59 15.54
C ASN F 152 44.89 22.01 15.94
N ARG F 153 44.73 22.92 14.97
CA ARG F 153 44.24 24.30 15.24
C ARG F 153 42.75 24.40 15.59
N PRO F 154 41.81 23.78 14.83
CA PRO F 154 40.41 23.86 15.14
C PRO F 154 39.96 23.32 16.50
N SER F 155 40.78 22.49 17.16
CA SER F 155 40.38 21.89 18.44
C SER F 155 40.76 22.80 19.59
N PHE F 156 42.02 23.22 19.68
CA PHE F 156 42.40 24.03 20.83
C PHE F 156 41.47 25.21 21.07
N ASP F 157 40.62 25.58 20.12
CA ASP F 157 39.64 26.66 20.43
C ASP F 157 38.60 26.17 21.43
N ALA F 158 38.07 24.96 21.27
CA ALA F 158 37.07 24.39 22.19
C ALA F 158 37.65 24.11 23.57
N ILE F 159 38.94 23.80 23.66
CA ILE F 159 39.54 23.43 24.97
C ILE F 159 39.83 24.73 25.72
N LEU F 160 39.78 25.90 25.10
CA LEU F 160 39.87 27.14 25.90
C LEU F 160 38.48 27.55 26.37
N TYR F 161 37.43 27.19 25.66
CA TYR F 161 36.05 27.50 26.14
C TYR F 161 35.78 26.75 27.44
N TYR F 162 36.26 25.52 27.57
CA TYR F 162 35.98 24.73 28.80
C TYR F 162 36.53 25.49 29.99
N TYR F 163 37.73 26.03 29.88
CA TYR F 163 38.35 26.80 30.98
C TYR F 163 37.56 28.09 31.25
N GLN F 164 37.08 28.76 30.21
CA GLN F 164 36.40 30.07 30.37
C GLN F 164 34.89 29.92 30.62
N SER F 165 34.33 28.70 30.52
CA SER F 165 32.86 28.53 30.68
C SER F 165 32.52 27.61 31.85
N GLY F 166 33.49 27.31 32.72
CA GLY F 166 33.23 26.46 33.88
C GLY F 166 32.72 25.06 33.59
N GLY F 167 33.22 24.38 32.57
CA GLY F 167 32.78 22.98 32.39
C GLY F 167 32.19 22.61 31.04
N ARG F 168 31.61 23.54 30.28
CA ARG F 168 30.96 23.10 29.01
C ARG F 168 32.01 22.51 28.07
N ILE F 169 31.77 21.32 27.48
CA ILE F 169 32.72 20.78 26.46
C ILE F 169 31.93 20.42 25.19
N ARG F 170 32.10 21.21 24.13
CA ARG F 170 31.31 21.00 22.87
C ARG F 170 32.29 20.90 21.71
N ARG F 171 32.12 19.87 20.87
CA ARG F 171 33.06 19.62 19.75
C ARG F 171 32.76 20.55 18.56
N PRO F 172 33.74 21.27 17.97
CA PRO F 172 33.47 22.08 16.79
C PRO F 172 32.94 21.12 15.72
N VAL F 173 32.09 21.57 14.78
CA VAL F 173 31.43 20.60 13.84
C VAL F 173 32.35 20.19 12.69
N ASN F 174 33.50 20.85 12.59
CA ASN F 174 34.50 20.53 11.53
C ASN F 174 35.73 19.81 12.11
N VAL F 175 35.66 19.28 13.33
CA VAL F 175 36.78 18.45 13.88
C VAL F 175 36.21 17.03 14.01
N PRO F 176 36.81 16.00 13.39
CA PRO F 176 36.27 14.65 13.43
C PRO F 176 36.36 14.08 14.85
N ILE F 177 35.50 13.12 15.20
CA ILE F 177 35.45 12.61 16.61
C ILE F 177 36.81 12.14 17.08
N ASP F 178 37.53 11.34 16.28
CA ASP F 178 38.79 10.73 16.78
C ASP F 178 39.81 11.82 17.15
N ILE F 179 39.99 12.83 16.32
CA ILE F 179 41.02 13.88 16.57
C ILE F 179 40.66 14.65 17.83
N PHE F 180 39.37 14.85 18.09
CA PHE F 180 38.97 15.51 19.36
C PHE F 180 39.23 14.59 20.57
N SER F 181 38.83 13.31 20.53
CA SER F 181 38.96 12.44 21.71
C SER F 181 40.42 12.47 22.13
N GLU F 182 41.32 12.41 21.16
CA GLU F 182 42.77 12.40 21.48
C GLU F 182 43.13 13.74 22.12
N GLU F 183 42.55 14.83 21.64
CA GLU F 183 42.94 16.17 22.13
C GLU F 183 42.56 16.37 23.61
N ILE F 184 41.39 15.90 24.04
CA ILE F 184 41.08 16.03 25.49
C ILE F 184 42.12 15.23 26.30
N ARG F 185 42.57 14.09 25.78
CA ARG F 185 43.60 13.27 26.47
C ARG F 185 44.92 14.03 26.62
N PHE F 186 45.43 14.67 25.56
CA PHE F 186 46.76 15.31 25.70
C PHE F 186 46.63 16.44 26.72
N TYR F 187 45.54 17.19 26.67
CA TYR F 187 45.34 18.35 27.57
C TYR F 187 45.07 17.88 29.00
N GLN F 188 44.70 16.61 29.18
CA GLN F 188 44.51 16.04 30.54
C GLN F 188 43.30 16.69 31.21
N LEU F 189 42.12 16.56 30.59
CA LEU F 189 40.90 17.20 31.14
C LEU F 189 40.18 16.26 32.11
N GLY F 190 40.61 15.01 32.22
CA GLY F 190 40.00 14.11 33.23
C GLY F 190 38.91 13.23 32.65
N GLU F 191 38.66 12.07 33.27
CA GLU F 191 37.61 11.17 32.81
C GLU F 191 36.23 11.77 32.98
N GLU F 192 36.04 12.64 33.97
CA GLU F 192 34.71 13.29 34.08
C GLU F 192 34.47 14.08 32.79
N ALA F 193 35.52 14.71 32.27
CA ALA F 193 35.36 15.53 31.04
C ALA F 193 35.05 14.62 29.85
N MET F 194 35.75 13.51 29.70
CA MET F 194 35.56 12.68 28.48
C MET F 194 34.18 12.03 28.51
N GLU F 195 33.68 11.65 29.69
CA GLU F 195 32.29 11.11 29.71
C GLU F 195 31.29 12.18 29.29
N LYS F 196 31.49 13.44 29.70
CA LYS F 196 30.60 14.57 29.32
C LYS F 196 30.65 14.76 27.82
N PHE F 197 31.83 14.61 27.21
CA PHE F 197 31.93 14.71 25.73
C PHE F 197 31.10 13.56 25.12
N ARG F 198 31.21 12.36 25.69
CA ARG F 198 30.42 11.20 25.22
C ARG F 198 28.95 11.51 25.47
N GLU F 199 28.64 12.16 26.59
CA GLU F 199 27.26 12.56 26.93
C GLU F 199 26.75 13.53 25.87
N ASP F 200 27.61 14.42 25.37
CA ASP F 200 27.10 15.45 24.42
C ASP F 200 26.95 14.80 23.04
N GLU F 201 27.74 13.77 22.71
CA GLU F 201 27.48 13.01 21.46
C GLU F 201 26.40 11.96 21.75
N GLY F 202 25.78 12.03 22.92
CA GLY F 202 24.75 11.07 23.34
C GLY F 202 25.10 9.63 23.00
N PHE F 203 26.04 9.01 23.70
CA PHE F 203 26.31 7.58 23.46
C PHE F 203 26.01 6.79 24.74
N LEU F 204 25.28 5.67 24.62
CA LEU F 204 24.89 4.88 25.82
C LEU F 204 26.17 4.47 26.55
N ARG F 205 26.20 4.62 27.87
CA ARG F 205 27.46 4.35 28.62
C ARG F 205 27.23 3.28 29.69
N GLU F 206 26.11 2.55 29.65
CA GLU F 206 25.82 1.64 30.79
C GLU F 206 26.18 0.18 30.51
N GLU F 207 27.15 -0.38 31.24
CA GLU F 207 27.48 -1.82 31.13
C GLU F 207 27.61 -2.34 32.56
N GLU F 208 26.49 -2.45 33.28
CA GLU F 208 26.54 -2.87 34.71
C GLU F 208 26.16 -4.35 34.81
N ARG F 209 27.15 -5.22 35.04
CA ARG F 209 26.89 -6.68 35.11
C ARG F 209 27.42 -7.17 36.45
N PRO F 210 26.64 -7.10 37.54
CA PRO F 210 27.17 -7.45 38.84
C PRO F 210 27.19 -8.96 39.09
N LEU F 211 28.17 -9.69 38.55
CA LEU F 211 28.22 -11.15 38.88
C LEU F 211 28.35 -11.25 40.40
N PRO F 212 27.66 -12.20 41.07
CA PRO F 212 27.66 -12.25 42.54
C PRO F 212 29.03 -12.51 43.18
N ARG F 213 29.91 -13.25 42.49
CA ARG F 213 31.28 -13.57 42.99
C ARG F 213 31.23 -14.38 44.30
N ARG F 214 30.29 -15.33 44.40
CA ARG F 214 30.25 -16.24 45.57
C ARG F 214 30.79 -17.61 45.15
N ASP F 215 31.56 -17.67 44.06
CA ASP F 215 32.25 -18.93 43.63
C ASP F 215 31.39 -19.86 42.75
N PHE F 216 30.16 -20.20 43.14
CA PHE F 216 29.38 -21.20 42.36
C PHE F 216 28.21 -20.45 41.73
N GLN F 217 27.64 -19.54 42.50
CA GLN F 217 26.51 -18.74 42.01
C GLN F 217 27.03 -17.96 40.80
N ARG F 218 28.23 -17.40 40.89
CA ARG F 218 28.84 -16.66 39.76
C ARG F 218 29.15 -17.59 38.57
N GLN F 219 29.56 -18.83 38.82
CA GLN F 219 30.00 -19.71 37.70
C GLN F 219 28.81 -20.19 36.88
N VAL F 220 27.75 -20.65 37.55
CA VAL F 220 26.55 -21.11 36.85
C VAL F 220 25.76 -19.92 36.29
N TRP F 221 25.88 -18.74 36.89
CA TRP F 221 25.27 -17.55 36.30
C TRP F 221 25.96 -17.18 35.01
N LEU F 222 27.28 -17.35 34.95
CA LEU F 222 28.01 -17.16 33.71
C LEU F 222 27.63 -18.21 32.68
N LEU F 223 27.29 -19.41 33.14
CA LEU F 223 26.89 -20.45 32.20
C LEU F 223 25.50 -20.18 31.62
N PHE F 224 24.58 -19.70 32.44
CA PHE F 224 23.19 -19.61 31.98
C PHE F 224 22.80 -18.27 31.43
N GLU F 225 23.54 -17.22 31.71
CA GLU F 225 23.10 -15.92 31.23
C GLU F 225 23.79 -15.49 29.96
N TYR F 226 25.11 -15.63 29.90
CA TYR F 226 25.87 -15.10 28.76
C TYR F 226 26.27 -16.24 27.85
N PRO F 227 25.57 -16.45 26.74
CA PRO F 227 25.74 -17.69 25.97
C PRO F 227 27.03 -17.78 25.19
N GLU F 228 27.75 -16.68 25.00
CA GLU F 228 28.98 -16.70 24.23
C GLU F 228 30.18 -17.18 25.03
N SER F 229 30.00 -17.45 26.32
CA SER F 229 31.16 -17.61 27.21
C SER F 229 31.86 -18.94 27.00
N SER F 230 31.10 -19.98 26.71
CA SER F 230 31.66 -21.33 26.73
C SER F 230 31.13 -22.10 25.53
N GLY F 231 31.25 -23.41 25.62
CA GLY F 231 30.65 -24.33 24.67
C GLY F 231 29.28 -24.79 25.12
N PRO F 232 29.18 -25.32 26.35
CA PRO F 232 27.86 -25.63 26.91
C PRO F 232 26.91 -24.46 27.04
N ALA F 233 27.39 -23.23 27.12
CA ALA F 233 26.48 -22.09 27.10
C ALA F 233 25.76 -21.97 25.76
N ARG F 234 26.49 -22.14 24.64
CA ARG F 234 25.81 -22.14 23.34
C ARG F 234 24.96 -23.39 23.17
N GLY F 235 25.35 -24.50 23.79
CA GLY F 235 24.48 -25.68 23.76
C GLY F 235 23.18 -25.44 24.48
N ILE F 236 23.22 -24.71 25.59
CA ILE F 236 22.02 -24.42 26.36
C ILE F 236 21.14 -23.41 25.62
N ALA F 237 21.77 -22.47 24.91
CA ALA F 237 20.99 -21.54 24.09
C ALA F 237 20.28 -22.26 22.95
N ILE F 238 20.95 -23.21 22.31
CA ILE F 238 20.35 -23.93 21.21
C ILE F 238 19.22 -24.83 21.69
N VAL F 239 19.39 -25.46 22.86
CA VAL F 239 18.34 -26.30 23.40
C VAL F 239 17.11 -25.49 23.79
N SER F 240 17.31 -24.31 24.39
CA SER F 240 16.18 -23.49 24.78
C SER F 240 15.39 -22.99 23.57
N VAL F 241 16.08 -22.63 22.49
CA VAL F 241 15.37 -22.15 21.31
C VAL F 241 14.60 -23.29 20.65
N LEU F 242 15.14 -24.50 20.66
CA LEU F 242 14.41 -25.61 20.06
C LEU F 242 13.20 -26.02 20.89
N VAL F 243 13.30 -25.92 22.22
CA VAL F 243 12.15 -26.22 23.08
C VAL F 243 11.04 -25.21 22.86
N ILE F 244 11.37 -23.92 22.74
CA ILE F 244 10.35 -22.91 22.50
C ILE F 244 9.65 -23.15 21.16
N LEU F 245 10.41 -23.54 20.15
CA LEU F 245 9.83 -23.79 18.84
C LEU F 245 8.87 -24.97 18.85
N ILE F 246 9.23 -26.08 19.50
CA ILE F 246 8.25 -27.19 19.52
C ILE F 246 7.07 -26.88 20.42
N SER F 247 7.18 -25.93 21.34
CA SER F 247 6.00 -25.56 22.11
C SER F 247 4.98 -24.81 21.25
N ILE F 248 5.46 -23.91 20.39
CA ILE F 248 4.58 -23.22 19.46
C ILE F 248 3.90 -24.20 18.51
N VAL F 249 4.67 -25.20 18.04
CA VAL F 249 4.11 -26.21 17.13
C VAL F 249 3.04 -27.04 17.82
N ILE F 250 3.14 -27.31 19.10
CA ILE F 250 2.08 -28.06 19.83
C ILE F 250 0.85 -27.18 20.02
N PHE F 251 0.98 -25.89 20.25
CA PHE F 251 -0.18 -24.98 20.48
C PHE F 251 -1.04 -24.93 19.22
N CYS F 252 -0.45 -24.93 18.03
CA CYS F 252 -1.18 -24.84 16.75
C CYS F 252 -1.66 -26.23 16.29
N LEU F 253 -0.83 -27.28 16.37
CA LEU F 253 -1.26 -28.60 15.94
C LEU F 253 -2.22 -29.24 16.93
N GLU F 254 -2.27 -28.75 18.15
CA GLU F 254 -3.29 -29.23 19.07
C GLU F 254 -4.64 -28.74 18.63
N THR F 255 -4.73 -27.48 18.24
CA THR F 255 -6.07 -27.04 17.86
C THR F 255 -6.51 -27.46 16.47
N LEU F 256 -5.63 -28.05 15.65
CA LEU F 256 -6.05 -28.70 14.39
C LEU F 256 -7.06 -29.82 14.63
N PRO F 257 -7.98 -30.13 13.66
CA PRO F 257 -9.04 -31.10 13.94
C PRO F 257 -8.78 -32.53 13.50
N GLU F 258 -7.75 -32.75 12.70
CA GLU F 258 -7.53 -34.07 12.09
C GLU F 258 -7.12 -35.10 13.13
N PHE F 259 -6.54 -34.66 14.25
CA PHE F 259 -6.12 -35.62 15.27
C PHE F 259 -7.22 -35.88 16.27
N ARG F 260 -8.21 -35.00 16.34
CA ARG F 260 -9.28 -35.15 17.30
C ARG F 260 -10.44 -35.97 16.77
N ASP F 261 -10.31 -36.53 15.56
CA ASP F 261 -11.44 -37.22 14.93
C ASP F 261 -11.68 -38.60 15.53
N GLU F 262 -10.94 -38.95 16.57
CA GLU F 262 -11.30 -40.20 17.26
C GLU F 262 -12.23 -39.77 18.40
N LYS F 263 -12.26 -38.47 18.68
CA LYS F 263 -13.06 -37.94 19.82
C LYS F 263 -13.98 -36.85 19.27
N ASP F 264 -14.21 -36.74 17.97
CA ASP F 264 -15.10 -35.63 17.52
C ASP F 264 -16.55 -36.03 17.80
N TYR F 265 -17.01 -35.97 19.04
CA TYR F 265 -18.39 -36.45 19.37
C TYR F 265 -19.10 -35.42 20.25
N PRO F 266 -20.46 -35.39 20.32
CA PRO F 266 -21.15 -34.36 21.07
C PRO F 266 -20.70 -34.42 22.53
N ALA F 267 -20.57 -33.27 23.18
CA ALA F 267 -20.02 -33.21 24.56
C ALA F 267 -20.89 -34.02 25.52
N SER F 268 -22.21 -33.98 25.35
CA SER F 268 -23.05 -34.83 26.23
C SER F 268 -22.90 -36.27 25.78
N THR F 269 -22.28 -37.11 26.61
CA THR F 269 -22.19 -38.56 26.30
C THR F 269 -22.86 -39.29 27.47
N GLY F 287 -6.61 -32.29 28.72
CA GLY F 287 -5.92 -32.17 29.99
C GLY F 287 -6.24 -33.36 30.87
N ALA F 288 -6.47 -34.50 30.23
CA ALA F 288 -6.65 -35.75 30.96
C ALA F 288 -5.29 -36.28 31.37
N SER F 289 -5.19 -36.67 32.64
CA SER F 289 -3.96 -37.19 33.20
C SER F 289 -3.79 -38.68 32.91
N SER F 290 -4.51 -39.19 31.91
CA SER F 290 -4.42 -40.58 31.49
C SER F 290 -3.11 -40.89 30.79
N PHE F 291 -2.35 -39.86 30.39
CA PHE F 291 -1.06 -39.95 29.71
C PHE F 291 -1.17 -40.69 28.39
N SER F 292 -2.36 -40.70 27.79
CA SER F 292 -2.56 -41.31 26.50
C SER F 292 -2.45 -40.30 25.38
N ASP F 293 -2.79 -39.04 25.66
CA ASP F 293 -2.70 -38.00 24.66
C ASP F 293 -1.27 -37.54 24.50
N PRO F 294 -0.66 -37.70 23.32
CA PRO F 294 0.77 -37.37 23.17
C PRO F 294 1.06 -35.88 23.30
N PHE F 295 0.10 -35.04 22.92
CA PHE F 295 0.25 -33.60 23.09
C PHE F 295 0.41 -33.22 24.55
N PHE F 296 -0.26 -33.95 25.44
CA PHE F 296 -0.14 -33.61 26.85
C PHE F 296 1.23 -33.95 27.39
N VAL F 297 1.79 -35.10 27.01
CA VAL F 297 3.07 -35.45 27.61
C VAL F 297 4.21 -34.62 27.03
N VAL F 298 4.11 -34.23 25.75
CA VAL F 298 5.17 -33.37 25.23
C VAL F 298 4.99 -31.94 25.74
N GLU F 299 3.75 -31.54 26.04
CA GLU F 299 3.50 -30.25 26.65
C GLU F 299 4.08 -30.19 28.06
N THR F 300 3.92 -31.27 28.83
CA THR F 300 4.45 -31.33 30.22
C THR F 300 5.96 -31.36 30.18
N LEU F 301 6.58 -31.95 29.17
CA LEU F 301 8.04 -31.88 29.07
C LEU F 301 8.51 -30.47 28.81
N CYS F 302 7.80 -29.73 27.95
CA CYS F 302 8.17 -28.33 27.72
C CYS F 302 8.00 -27.48 28.98
N ILE F 303 6.93 -27.70 29.74
CA ILE F 303 6.76 -26.88 30.94
C ILE F 303 7.74 -27.29 32.04
N ILE F 304 8.17 -28.54 32.05
CA ILE F 304 9.24 -28.98 32.96
C ILE F 304 10.54 -28.24 32.65
N TRP F 305 10.88 -28.12 31.37
CA TRP F 305 12.12 -27.44 31.03
C TRP F 305 12.06 -25.96 31.37
N PHE F 306 10.92 -25.32 31.08
CA PHE F 306 10.77 -23.90 31.42
C PHE F 306 10.86 -23.66 32.92
N SER F 307 10.25 -24.55 33.71
CA SER F 307 10.27 -24.37 35.16
C SER F 307 11.66 -24.54 35.75
N PHE F 308 12.39 -25.56 35.29
CA PHE F 308 13.73 -25.79 35.81
C PHE F 308 14.66 -24.65 35.47
N GLU F 309 14.59 -24.18 34.22
CA GLU F 309 15.44 -23.09 33.78
C GLU F 309 15.13 -21.79 34.53
N LEU F 310 13.84 -21.51 34.77
CA LEU F 310 13.51 -20.30 35.50
C LEU F 310 13.92 -20.38 36.97
N LEU F 311 13.82 -21.56 37.58
CA LEU F 311 14.17 -21.65 39.00
C LEU F 311 15.66 -21.54 39.22
N VAL F 312 16.47 -22.04 38.28
CA VAL F 312 17.91 -21.85 38.42
C VAL F 312 18.29 -20.40 38.16
N ARG F 313 17.63 -19.74 37.20
CA ARG F 313 17.92 -18.32 37.01
C ARG F 313 17.41 -17.47 38.18
N PHE F 314 16.48 -17.98 38.97
CA PHE F 314 16.16 -17.28 40.21
C PHE F 314 17.22 -17.48 41.27
N PHE F 315 17.60 -18.74 41.53
CA PHE F 315 18.43 -18.97 42.70
C PHE F 315 19.89 -18.61 42.47
N ALA F 316 20.32 -18.41 41.23
CA ALA F 316 21.69 -18.05 40.95
C ALA F 316 21.83 -16.59 40.51
N CYS F 317 20.85 -15.76 40.79
CA CYS F 317 21.00 -14.40 40.31
C CYS F 317 21.72 -13.56 41.36
N PRO F 318 22.46 -12.55 40.93
CA PRO F 318 23.17 -11.71 41.91
C PRO F 318 22.31 -10.61 42.50
N SER F 319 21.05 -10.47 42.12
CA SER F 319 20.20 -9.43 42.67
C SER F 319 18.78 -9.98 42.74
N LYS F 320 18.37 -10.50 43.90
CA LYS F 320 17.03 -11.14 43.93
C LYS F 320 15.97 -10.06 44.10
N ALA F 321 16.34 -8.86 44.55
CA ALA F 321 15.30 -7.84 44.65
C ALA F 321 14.91 -7.30 43.28
N THR F 322 15.82 -7.32 42.32
CA THR F 322 15.52 -6.75 41.02
C THR F 322 14.96 -7.77 40.05
N PHE F 323 14.79 -9.02 40.49
CA PHE F 323 14.40 -10.07 39.56
C PHE F 323 12.95 -9.92 39.13
N SER F 324 12.10 -9.38 39.98
CA SER F 324 10.75 -9.08 39.49
C SER F 324 10.66 -7.66 38.95
N ARG F 325 11.63 -7.27 38.13
CA ARG F 325 11.60 -5.97 37.48
C ARG F 325 11.89 -6.10 35.99
N ASN F 326 12.73 -7.07 35.63
CA ASN F 326 13.04 -7.27 34.23
C ASN F 326 11.89 -7.95 33.52
N ILE F 327 11.57 -7.46 32.32
CA ILE F 327 10.32 -7.80 31.67
C ILE F 327 10.34 -9.21 31.12
N MET F 328 11.51 -9.69 30.74
CA MET F 328 11.62 -11.05 30.22
C MET F 328 11.43 -12.09 31.32
N ASN F 329 11.71 -11.73 32.57
CA ASN F 329 11.40 -12.62 33.68
C ASN F 329 9.90 -12.73 33.89
N LEU F 330 9.18 -11.62 33.74
CA LEU F 330 7.71 -11.62 33.87
C LEU F 330 7.09 -12.31 32.66
N ILE F 331 7.78 -12.38 31.53
CA ILE F 331 7.32 -13.19 30.41
C ILE F 331 7.44 -14.69 30.74
N ASP F 332 8.54 -15.09 31.38
CA ASP F 332 8.66 -16.49 31.82
C ASP F 332 7.56 -16.89 32.80
N ILE F 333 7.23 -15.99 33.73
CA ILE F 333 6.22 -16.35 34.73
C ILE F 333 4.84 -16.48 34.08
N VAL F 334 4.45 -15.52 33.24
CA VAL F 334 3.14 -15.62 32.62
C VAL F 334 3.08 -16.65 31.50
N ALA F 335 4.22 -17.23 31.11
CA ALA F 335 4.16 -18.40 30.25
C ALA F 335 4.01 -19.68 31.06
N ILE F 336 4.53 -19.72 32.29
CA ILE F 336 4.32 -20.90 33.13
C ILE F 336 2.88 -21.02 33.61
N ILE F 337 2.26 -19.88 33.95
CA ILE F 337 1.03 -19.85 34.78
C ILE F 337 -0.14 -20.74 34.33
N PRO F 338 -0.64 -20.67 33.07
CA PRO F 338 -1.96 -21.26 32.81
C PRO F 338 -1.99 -22.77 32.83
N TYR F 339 -0.87 -23.43 32.55
CA TYR F 339 -0.83 -24.88 32.67
C TYR F 339 -0.98 -25.31 34.12
N PHE F 340 -0.35 -24.57 35.02
CA PHE F 340 -0.49 -24.91 36.46
C PHE F 340 -1.91 -24.66 36.92
N ILE F 341 -2.52 -23.52 36.58
CA ILE F 341 -3.86 -23.33 37.11
C ILE F 341 -4.88 -24.24 36.44
N THR F 342 -4.66 -24.70 35.20
CA THR F 342 -5.62 -25.69 34.70
C THR F 342 -5.39 -27.06 35.28
N LEU F 343 -4.14 -27.44 35.60
CA LEU F 343 -3.93 -28.70 36.27
C LEU F 343 -4.49 -28.68 37.68
N GLY F 344 -4.32 -27.55 38.36
CA GLY F 344 -4.83 -27.44 39.72
C GLY F 344 -6.32 -27.48 39.79
N THR F 345 -7.01 -26.74 38.91
CA THR F 345 -8.45 -26.76 38.94
C THR F 345 -9.02 -28.06 38.35
N GLU F 346 -8.24 -28.75 37.51
CA GLU F 346 -8.74 -30.03 37.01
C GLU F 346 -8.67 -31.11 38.07
N LEU F 347 -7.57 -31.20 38.82
CA LEU F 347 -7.57 -32.19 39.90
C LEU F 347 -7.83 -31.59 41.27
N ALA F 348 -8.51 -30.45 41.36
CA ALA F 348 -8.95 -29.93 42.65
C ALA F 348 -10.11 -30.77 43.19
N SER F 359 -15.56 -21.18 36.57
CA SER F 359 -14.49 -21.73 35.73
C SER F 359 -14.74 -21.46 34.24
N LEU F 360 -15.99 -21.60 33.79
CA LEU F 360 -16.26 -21.59 32.34
C LEU F 360 -16.09 -20.20 31.74
N ALA F 361 -15.99 -19.18 32.58
CA ALA F 361 -15.60 -17.86 32.10
C ALA F 361 -14.10 -17.77 31.90
N ILE F 362 -13.34 -18.33 32.84
CA ILE F 362 -11.85 -18.21 32.79
C ILE F 362 -11.30 -19.07 31.66
N LEU F 363 -11.92 -20.20 31.35
CA LEU F 363 -11.29 -21.14 30.39
C LEU F 363 -11.04 -20.49 29.02
N ARG F 364 -11.89 -19.59 28.53
CA ARG F 364 -11.61 -19.07 27.16
C ARG F 364 -10.51 -18.01 27.21
N VAL F 365 -10.33 -17.34 28.34
CA VAL F 365 -9.18 -16.39 28.52
C VAL F 365 -7.87 -17.16 28.70
N ILE F 366 -7.84 -18.19 29.54
CA ILE F 366 -6.59 -18.95 29.82
C ILE F 366 -6.07 -19.59 28.54
N ARG F 367 -6.94 -20.06 27.65
CA ARG F 367 -6.54 -20.70 26.37
C ARG F 367 -5.89 -19.68 25.43
N LEU F 368 -6.08 -18.38 25.65
CA LEU F 368 -5.40 -17.36 24.81
C LEU F 368 -4.23 -16.70 25.58
N VAL F 369 -3.98 -17.02 26.83
CA VAL F 369 -2.78 -16.45 27.51
C VAL F 369 -1.66 -17.46 27.29
N ARG F 370 -1.92 -18.50 26.53
CA ARG F 370 -0.87 -19.49 26.23
C ARG F 370 -0.18 -19.07 24.95
N VAL F 371 -0.54 -17.94 24.35
CA VAL F 371 0.09 -17.44 23.09
C VAL F 371 1.29 -16.59 23.44
N PHE F 372 1.62 -16.42 24.70
CA PHE F 372 2.71 -15.49 25.06
C PHE F 372 4.03 -16.23 25.08
N ARG F 373 4.03 -17.52 24.85
CA ARG F 373 5.28 -18.21 24.63
C ARG F 373 5.96 -17.81 23.34
N ILE F 374 5.28 -17.11 22.44
CA ILE F 374 5.97 -16.58 21.28
C ILE F 374 6.82 -15.38 21.66
N PHE F 375 6.42 -14.60 22.66
CA PHE F 375 7.24 -13.51 23.15
C PHE F 375 8.31 -13.99 24.08
N LYS F 376 8.25 -15.23 24.53
CA LYS F 376 9.43 -15.65 25.29
C LYS F 376 10.63 -15.99 24.42
N LEU F 377 10.54 -15.73 23.10
CA LEU F 377 11.68 -16.00 22.16
C LEU F 377 12.49 -14.72 21.98
N SER F 378 12.23 -13.72 22.80
CA SER F 378 12.93 -12.45 22.66
C SER F 378 14.21 -12.38 23.46
N ARG F 379 14.47 -13.28 24.39
CA ARG F 379 15.77 -13.26 25.10
C ARG F 379 16.89 -13.64 24.16
N HIS F 380 16.60 -14.41 23.11
CA HIS F 380 17.61 -14.93 22.17
C HIS F 380 17.58 -14.17 20.84
N SER F 381 16.87 -13.06 20.73
CA SER F 381 16.91 -12.24 19.49
C SER F 381 17.18 -10.79 19.80
N LYS F 382 17.98 -10.11 18.98
CA LYS F 382 18.29 -8.67 19.20
C LYS F 382 17.46 -7.85 18.23
N GLY F 383 16.56 -8.48 17.48
CA GLY F 383 15.64 -7.69 16.65
C GLY F 383 14.33 -7.49 17.37
N LEU F 384 13.87 -8.50 18.10
CA LEU F 384 12.63 -8.36 18.90
C LEU F 384 12.86 -7.38 20.05
N GLN F 385 14.02 -7.39 20.68
CA GLN F 385 14.32 -6.46 21.77
C GLN F 385 14.34 -5.01 21.25
N ILE F 386 14.90 -4.73 20.08
CA ILE F 386 14.87 -3.38 19.43
C ILE F 386 13.43 -2.98 19.06
N LEU F 387 12.57 -3.89 18.60
CA LEU F 387 11.13 -3.58 18.35
C LEU F 387 10.43 -3.34 19.67
N GLY F 388 10.88 -3.94 20.76
CA GLY F 388 10.24 -3.57 22.02
C GLY F 388 10.63 -2.19 22.49
N GLN F 389 11.89 -1.80 22.29
CA GLN F 389 12.29 -0.44 22.63
C GLN F 389 11.61 0.59 21.74
N THR F 390 11.47 0.29 20.45
CA THR F 390 10.80 1.20 19.53
C THR F 390 9.33 1.37 19.86
N LEU F 391 8.65 0.28 20.21
CA LEU F 391 7.24 0.41 20.57
C LEU F 391 7.03 0.97 21.95
N LYS F 392 8.04 0.94 22.83
CA LYS F 392 7.84 1.65 24.07
C LYS F 392 8.03 3.13 23.89
N ALA F 393 9.09 3.53 23.20
CA ALA F 393 9.40 4.95 23.09
C ALA F 393 8.55 5.71 22.09
N SER F 394 7.46 5.14 21.59
CA SER F 394 6.64 5.77 20.57
C SER F 394 5.15 5.54 20.82
N MET F 395 4.71 5.72 22.05
CA MET F 395 3.31 5.40 22.32
C MET F 395 2.38 6.56 21.98
N ARG F 396 2.88 7.79 22.06
CA ARG F 396 2.07 8.94 21.69
C ARG F 396 1.71 8.90 20.21
N GLU F 397 2.63 8.42 19.38
CA GLU F 397 2.39 8.33 17.95
C GLU F 397 1.39 7.23 17.63
N LEU F 398 1.45 6.09 18.32
CA LEU F 398 0.46 5.04 18.07
C LEU F 398 -0.92 5.45 18.56
N GLY F 399 -1.00 6.16 19.67
CA GLY F 399 -2.27 6.72 20.10
C GLY F 399 -2.84 7.70 19.09
N LEU F 400 -2.00 8.51 18.47
CA LEU F 400 -2.47 9.42 17.43
C LEU F 400 -2.94 8.66 16.20
N LEU F 401 -2.28 7.55 15.87
CA LEU F 401 -2.68 6.73 14.73
C LEU F 401 -4.07 6.15 14.92
N ILE F 402 -4.33 5.53 16.07
CA ILE F 402 -5.63 4.93 16.33
C ILE F 402 -6.72 6.00 16.48
N PHE F 403 -6.38 7.16 17.03
CA PHE F 403 -7.35 8.23 17.15
C PHE F 403 -7.78 8.78 15.80
N PHE F 404 -6.83 9.00 14.88
CA PHE F 404 -7.15 9.47 13.55
C PHE F 404 -7.98 8.45 12.79
N LEU F 405 -7.69 7.17 12.99
CA LEU F 405 -8.49 6.14 12.33
C LEU F 405 -9.92 6.15 12.81
N PHE F 406 -10.15 6.29 14.11
CA PHE F 406 -11.51 6.32 14.65
C PHE F 406 -12.31 7.51 14.13
N ILE F 407 -11.65 8.67 14.01
CA ILE F 407 -12.31 9.85 13.45
C ILE F 407 -12.75 9.60 12.02
N GLY F 408 -11.83 9.11 11.19
CA GLY F 408 -12.16 8.85 9.80
C GLY F 408 -13.22 7.78 9.60
N VAL F 409 -13.24 6.76 10.46
CA VAL F 409 -14.21 5.70 10.33
C VAL F 409 -15.61 6.21 10.64
N ILE F 410 -15.75 7.04 11.67
CA ILE F 410 -17.07 7.61 11.96
C ILE F 410 -17.55 8.49 10.82
N LEU F 411 -16.66 9.36 10.33
CA LEU F 411 -17.03 10.33 9.30
C LEU F 411 -17.42 9.68 7.99
N PHE F 412 -16.60 8.76 7.50
CA PHE F 412 -16.88 8.18 6.19
C PHE F 412 -17.97 7.13 6.23
N SER F 413 -18.13 6.39 7.34
CA SER F 413 -19.21 5.44 7.40
C SER F 413 -20.56 6.14 7.49
N SER F 414 -20.61 7.27 8.20
CA SER F 414 -21.84 8.05 8.20
C SER F 414 -22.17 8.63 6.84
N ALA F 415 -21.18 9.16 6.13
CA ALA F 415 -21.47 9.75 4.83
C ALA F 415 -21.92 8.70 3.81
N VAL F 416 -21.39 7.48 3.81
CA VAL F 416 -21.79 6.40 2.86
C VAL F 416 -23.13 5.83 3.27
N TYR F 417 -23.48 5.80 4.55
CA TYR F 417 -24.82 5.37 4.93
C TYR F 417 -25.87 6.37 4.50
N PHE F 418 -25.59 7.65 4.59
CA PHE F 418 -26.64 8.58 4.20
C PHE F 418 -26.68 8.86 2.73
N ALA F 419 -25.74 8.35 1.93
CA ALA F 419 -25.68 8.65 0.48
C ALA F 419 -26.06 7.42 -0.32
N GLU F 420 -26.57 6.36 0.32
CA GLU F 420 -26.88 5.08 -0.36
C GLU F 420 -28.09 4.38 0.27
N ALA F 421 -28.68 4.93 1.33
CA ALA F 421 -29.85 4.32 2.02
C ALA F 421 -31.10 4.32 1.18
N ASP F 422 -31.33 5.36 0.38
CA ASP F 422 -32.55 5.45 -0.46
C ASP F 422 -32.63 4.32 -1.50
N ASP F 423 -31.52 3.92 -2.12
CA ASP F 423 -31.56 2.92 -3.20
C ASP F 423 -32.13 1.63 -2.66
N PRO F 424 -33.12 1.03 -3.31
CA PRO F 424 -33.76 -0.17 -2.79
C PRO F 424 -32.88 -1.41 -2.88
N THR F 425 -31.83 -1.39 -3.69
CA THR F 425 -30.91 -2.54 -3.89
C THR F 425 -29.61 -2.39 -3.11
N SER F 426 -29.45 -1.35 -2.29
CA SER F 426 -28.23 -1.09 -1.49
C SER F 426 -28.21 -1.96 -0.25
N GLY F 427 -27.07 -2.05 0.42
CA GLY F 427 -26.96 -3.00 1.53
C GLY F 427 -26.55 -2.38 2.84
N PHE F 428 -26.39 -1.06 2.91
CA PHE F 428 -25.97 -0.54 4.21
C PHE F 428 -27.21 -0.29 5.05
N SER F 429 -27.36 -1.04 6.15
CA SER F 429 -28.59 -0.94 6.91
C SER F 429 -28.42 -0.20 8.22
N SER F 430 -27.22 0.28 8.53
CA SER F 430 -26.97 0.95 9.79
C SER F 430 -25.73 1.80 9.62
N ILE F 431 -25.52 2.75 10.52
CA ILE F 431 -24.20 3.33 10.59
C ILE F 431 -23.27 2.35 11.29
N PRO F 432 -23.60 1.63 12.38
CA PRO F 432 -22.66 0.60 12.81
C PRO F 432 -22.74 -0.67 12.00
N ASP F 433 -22.81 -0.53 10.68
CA ASP F 433 -22.71 -1.61 9.71
C ASP F 433 -21.83 -1.23 8.56
N ALA F 434 -21.51 0.04 8.39
CA ALA F 434 -20.51 0.47 7.44
C ALA F 434 -19.15 0.65 8.08
N PHE F 435 -18.98 0.28 9.36
CA PHE F 435 -17.69 0.47 10.01
C PHE F 435 -16.63 -0.42 9.42
N TRP F 436 -16.92 -1.69 9.19
CA TRP F 436 -15.93 -2.60 8.56
C TRP F 436 -15.63 -2.13 7.15
N TRP F 437 -16.61 -1.76 6.36
CA TRP F 437 -16.32 -1.25 5.04
C TRP F 437 -15.38 -0.04 5.11
N ALA F 438 -15.60 0.86 6.07
CA ALA F 438 -14.75 2.03 6.18
C ALA F 438 -13.33 1.67 6.61
N VAL F 439 -13.08 0.65 7.41
CA VAL F 439 -11.69 0.35 7.89
C VAL F 439 -10.90 -0.30 6.76
N VAL F 440 -11.44 -1.31 6.08
CA VAL F 440 -10.79 -2.03 4.95
C VAL F 440 -10.53 -1.12 3.75
N THR F 441 -11.41 -0.20 3.34
CA THR F 441 -11.14 0.77 2.24
C THR F 441 -10.01 1.75 2.57
N MET F 442 -9.94 2.33 3.75
CA MET F 442 -8.88 3.29 4.19
C MET F 442 -7.52 2.65 4.35
N THR F 443 -7.41 1.49 5.01
CA THR F 443 -6.13 0.74 5.16
C THR F 443 -5.73 0.09 3.84
N THR F 444 -6.64 -0.12 2.89
CA THR F 444 -6.44 -0.69 1.53
C THR F 444 -6.55 -2.21 1.48
N VAL F 445 -6.96 -2.91 2.53
CA VAL F 445 -7.07 -4.38 2.41
C VAL F 445 -8.11 -4.48 1.32
N GLY F 446 -9.19 -3.74 1.45
CA GLY F 446 -10.12 -3.62 0.35
C GLY F 446 -11.30 -4.49 0.27
N TYR F 447 -11.38 -5.60 0.96
CA TYR F 447 -12.56 -6.46 0.66
C TYR F 447 -13.94 -5.80 0.85
N GLY F 448 -14.17 -5.03 1.93
CA GLY F 448 -15.46 -4.37 2.21
C GLY F 448 -16.53 -5.33 2.67
N ASP F 449 -17.53 -4.88 3.44
CA ASP F 449 -18.60 -5.87 3.63
C ASP F 449 -19.34 -5.92 2.30
N MET F 450 -19.60 -4.74 1.70
CA MET F 450 -20.32 -4.64 0.40
C MET F 450 -19.55 -3.67 -0.49
N HIS F 451 -20.21 -3.07 -1.47
CA HIS F 451 -19.55 -1.99 -2.26
C HIS F 451 -20.60 -0.96 -2.70
N PRO F 452 -20.35 0.37 -2.69
CA PRO F 452 -21.31 1.33 -3.17
C PRO F 452 -21.95 1.05 -4.53
N VAL F 453 -23.26 1.31 -4.70
CA VAL F 453 -23.99 1.12 -5.94
C VAL F 453 -24.64 2.39 -6.44
N THR F 454 -24.44 3.51 -5.75
CA THR F 454 -25.07 4.79 -6.14
C THR F 454 -23.95 5.70 -6.66
N ILE F 455 -24.24 6.77 -7.38
CA ILE F 455 -23.17 7.71 -7.80
C ILE F 455 -22.61 8.37 -6.54
N GLY F 456 -23.45 8.71 -5.57
CA GLY F 456 -23.02 9.37 -4.33
C GLY F 456 -22.17 8.49 -3.44
N GLY F 457 -22.47 7.21 -3.34
CA GLY F 457 -21.66 6.27 -2.56
C GLY F 457 -20.29 6.12 -3.17
N LYS F 458 -20.19 6.17 -4.49
CA LYS F 458 -18.90 6.08 -5.22
C LYS F 458 -18.03 7.32 -5.00
N ILE F 459 -18.57 8.53 -4.94
CA ILE F 459 -17.78 9.76 -4.61
C ILE F 459 -17.29 9.75 -3.16
N VAL F 460 -18.03 9.21 -2.20
CA VAL F 460 -17.65 9.12 -0.75
C VAL F 460 -16.78 7.89 -0.54
N GLY F 461 -16.63 7.05 -1.53
CA GLY F 461 -15.78 5.86 -1.44
C GLY F 461 -14.44 6.13 -2.06
N SER F 462 -14.36 7.03 -3.04
CA SER F 462 -13.05 7.43 -3.54
C SER F 462 -12.36 8.41 -2.60
N LEU F 463 -13.13 9.33 -2.00
CA LEU F 463 -12.55 10.20 -0.98
C LEU F 463 -12.08 9.41 0.23
N CYS F 464 -12.79 8.33 0.57
CA CYS F 464 -12.41 7.50 1.70
C CYS F 464 -11.11 6.76 1.44
N ALA F 465 -10.96 6.23 0.23
CA ALA F 465 -9.73 5.53 -0.16
C ALA F 465 -8.52 6.44 -0.12
N ILE F 466 -8.67 7.69 -0.57
CA ILE F 466 -7.55 8.62 -0.57
C ILE F 466 -7.22 9.10 0.85
N ALA F 467 -8.24 9.49 1.63
CA ALA F 467 -8.02 10.01 2.95
C ALA F 467 -7.48 8.98 3.90
N GLY F 468 -7.71 7.71 3.62
CA GLY F 468 -7.11 6.68 4.43
C GLY F 468 -5.60 6.67 4.44
N VAL F 469 -4.99 6.59 3.27
CA VAL F 469 -3.54 6.60 3.22
C VAL F 469 -2.99 7.95 3.61
N LEU F 470 -3.77 9.03 3.42
CA LEU F 470 -3.30 10.34 3.84
C LEU F 470 -3.22 10.48 5.34
N THR F 471 -4.17 9.89 6.06
CA THR F 471 -4.21 10.01 7.50
C THR F 471 -3.49 8.88 8.24
N ILE F 472 -3.09 7.81 7.55
CA ILE F 472 -2.25 6.84 8.23
C ILE F 472 -0.80 6.97 7.85
N ALA F 473 -0.46 7.70 6.79
CA ALA F 473 0.96 7.89 6.55
C ALA F 473 1.56 9.02 7.35
N LEU F 474 0.77 9.79 8.10
CA LEU F 474 1.31 10.95 8.80
C LEU F 474 2.13 10.59 10.05
N PRO F 475 1.70 9.76 11.00
CA PRO F 475 2.57 9.50 12.16
C PRO F 475 3.63 8.44 11.98
N VAL F 476 3.72 7.77 10.83
CA VAL F 476 4.65 6.65 10.62
C VAL F 476 6.13 7.04 10.48
N PRO F 477 6.53 8.15 9.83
CA PRO F 477 7.96 8.48 9.82
C PRO F 477 8.61 8.67 11.18
N VAL F 478 7.85 9.07 12.20
CA VAL F 478 8.39 9.16 13.54
C VAL F 478 8.76 7.79 14.06
N ILE F 479 7.91 6.80 13.82
CA ILE F 479 8.15 5.44 14.29
C ILE F 479 9.32 4.82 13.56
N VAL F 480 9.42 5.01 12.24
CA VAL F 480 10.56 4.42 11.55
C VAL F 480 11.87 5.13 11.90
N SER F 481 11.81 6.41 12.28
CA SER F 481 13.04 7.08 12.69
C SER F 481 13.50 6.58 14.05
N ASN F 482 12.56 6.34 14.96
CA ASN F 482 12.92 5.76 16.25
C ASN F 482 13.52 4.37 16.10
N PHE F 483 12.95 3.55 15.21
CA PHE F 483 13.51 2.23 14.97
C PHE F 483 14.91 2.32 14.41
N ASN F 484 15.13 3.23 13.48
CA ASN F 484 16.43 3.35 12.84
C ASN F 484 17.48 3.80 13.84
N TYR F 485 17.10 4.66 14.78
CA TYR F 485 18.02 5.08 15.82
C TYR F 485 18.37 3.92 16.75
N PHE F 486 17.37 3.20 17.27
CA PHE F 486 17.65 2.09 18.18
C PHE F 486 18.31 0.93 17.48
N TYR F 487 18.20 0.87 16.16
CA TYR F 487 18.78 -0.20 15.38
C TYR F 487 20.24 0.04 15.10
N HIS F 488 20.64 1.29 14.95
CA HIS F 488 22.08 1.53 14.76
C HIS F 488 22.83 1.78 16.06
N ARG F 489 22.14 2.07 17.17
CA ARG F 489 22.80 2.22 18.46
C ARG F 489 23.44 0.94 18.99
N GLU F 490 23.13 -0.23 18.43
CA GLU F 490 23.88 -1.42 18.81
C GLU F 490 25.34 -1.36 18.36
N THR F 491 25.64 -0.57 17.33
CA THR F 491 26.95 -0.48 16.71
C THR F 491 27.84 0.45 17.52
N GLY G 103 38.85 59.23 9.92
CA GLY G 103 38.08 58.40 10.86
C GLY G 103 38.99 57.62 11.78
N GLU G 104 38.84 57.77 13.09
CA GLU G 104 39.82 57.07 13.96
C GLU G 104 39.44 55.60 14.05
N ARG G 105 40.41 54.72 14.25
CA ARG G 105 40.13 53.26 14.23
C ARG G 105 40.19 52.67 15.65
N VAL G 106 39.36 51.65 15.93
CA VAL G 106 39.34 51.00 17.26
C VAL G 106 39.70 49.52 17.09
N VAL G 107 40.66 49.02 17.88
CA VAL G 107 41.10 47.60 17.78
C VAL G 107 40.54 46.83 18.98
N ILE G 108 39.72 45.83 18.74
CA ILE G 108 39.10 45.00 19.82
C ILE G 108 39.76 43.65 19.71
N ASN G 109 40.29 43.10 20.80
CA ASN G 109 41.02 41.81 20.76
C ASN G 109 40.18 40.79 21.53
N ILE G 110 39.38 39.97 20.86
CA ILE G 110 38.63 38.90 21.55
C ILE G 110 39.52 37.66 21.60
N SER G 111 40.18 37.38 22.73
CA SER G 111 41.06 36.21 22.89
C SER G 111 42.17 36.11 21.85
N GLY G 112 43.01 37.14 21.69
CA GLY G 112 44.17 37.04 20.79
C GLY G 112 43.85 37.37 19.36
N LEU G 113 42.60 37.22 18.94
CA LEU G 113 42.10 37.50 17.56
C LEU G 113 41.79 38.99 17.42
N ARG G 114 42.56 39.74 16.65
CA ARG G 114 42.37 41.21 16.57
C ARG G 114 41.32 41.56 15.54
N PHE G 115 40.21 42.17 15.95
CA PHE G 115 39.16 42.63 15.01
C PHE G 115 39.25 44.16 15.03
N GLU G 116 39.28 44.84 13.89
CA GLU G 116 39.42 46.32 13.84
C GLU G 116 38.26 46.92 13.03
N THR G 117 37.81 48.14 13.35
CA THR G 117 36.69 48.82 12.64
C THR G 117 36.81 50.34 12.83
N GLN G 118 36.09 51.13 12.02
CA GLN G 118 36.14 52.61 12.12
C GLN G 118 35.24 53.05 13.26
N LEU G 119 35.55 54.14 13.96
CA LEU G 119 34.76 54.52 15.17
C LEU G 119 33.32 54.79 14.75
N LYS G 120 33.10 55.28 13.53
CA LYS G 120 31.73 55.61 13.08
C LYS G 120 30.86 54.37 13.08
N THR G 121 31.39 53.22 12.67
CA THR G 121 30.54 52.01 12.54
C THR G 121 29.96 51.60 13.90
N LEU G 122 30.75 51.68 14.96
CA LEU G 122 30.25 51.18 16.26
C LEU G 122 29.46 52.28 16.99
N CYS G 123 29.37 53.47 16.41
CA CYS G 123 28.53 54.52 17.04
C CYS G 123 27.18 54.63 16.33
N GLN G 124 27.02 53.97 15.19
CA GLN G 124 25.69 53.93 14.51
C GLN G 124 24.65 53.57 15.57
N PHE G 125 24.89 52.48 16.30
CA PHE G 125 23.98 52.14 17.42
C PHE G 125 24.66 52.69 18.68
N PRO G 126 24.19 53.79 19.28
CA PRO G 126 24.90 54.40 20.41
C PRO G 126 24.57 53.86 21.80
N GLU G 127 23.34 53.38 22.00
CA GLU G 127 22.92 52.83 23.31
C GLU G 127 23.55 51.47 23.59
N THR G 128 24.28 50.85 22.65
CA THR G 128 24.82 49.47 22.84
C THR G 128 26.13 49.45 23.64
N LEU G 129 26.62 48.27 24.07
CA LEU G 129 27.81 48.23 24.98
C LEU G 129 29.06 48.81 24.33
N LEU G 130 29.36 48.42 23.08
CA LEU G 130 30.59 48.91 22.43
C LEU G 130 30.46 50.40 22.15
N GLY G 131 29.30 50.85 21.68
CA GLY G 131 29.06 52.26 21.36
C GLY G 131 29.09 53.17 22.57
N ASP G 132 28.47 52.74 23.68
CA ASP G 132 28.38 53.63 24.87
C ASP G 132 29.80 53.89 25.33
N PRO G 133 30.32 55.14 25.38
CA PRO G 133 31.71 55.34 25.75
C PRO G 133 32.00 54.81 27.16
N LYS G 134 31.12 55.10 28.12
CA LYS G 134 31.44 54.71 29.52
C LYS G 134 31.52 53.19 29.70
N ARG G 135 30.51 52.45 29.21
CA ARG G 135 30.52 50.99 29.45
C ARG G 135 31.81 50.42 28.86
N ARG G 136 32.10 50.73 27.60
CA ARG G 136 33.27 50.14 26.90
C ARG G 136 34.56 50.52 27.60
N MET G 137 34.58 51.64 28.33
CA MET G 137 35.84 52.13 28.96
C MET G 137 36.38 51.10 29.97
N ARG G 138 35.50 50.31 30.58
CA ARG G 138 35.98 49.36 31.62
C ARG G 138 36.95 48.36 31.00
N TYR G 139 36.55 47.72 29.89
CA TYR G 139 37.36 46.65 29.24
C TYR G 139 38.65 47.22 28.65
N PHE G 140 38.68 48.51 28.33
CA PHE G 140 39.85 49.09 27.62
C PHE G 140 41.12 48.90 28.42
N ASP G 141 42.21 48.52 27.74
CA ASP G 141 43.52 48.45 28.43
C ASP G 141 44.41 49.54 27.82
N PRO G 142 44.83 50.56 28.58
CA PRO G 142 45.61 51.67 28.02
C PRO G 142 47.02 51.26 27.61
N LEU G 143 47.53 50.16 28.17
CA LEU G 143 48.93 49.76 27.88
C LEU G 143 49.13 49.46 26.39
N ARG G 144 48.20 48.74 25.75
CA ARG G 144 48.39 48.35 24.33
C ARG G 144 47.29 48.97 23.43
N ASN G 145 46.42 49.83 23.98
CA ASN G 145 45.37 50.51 23.19
C ASN G 145 44.41 49.51 22.56
N GLU G 146 44.06 48.43 23.26
CA GLU G 146 43.11 47.41 22.73
C GLU G 146 42.12 47.02 23.82
N TYR G 147 40.90 46.67 23.45
CA TYR G 147 39.88 46.24 24.44
C TYR G 147 39.89 44.72 24.54
N PHE G 148 40.57 44.17 25.54
CA PHE G 148 40.69 42.70 25.70
C PHE G 148 39.39 42.16 26.25
N PHE G 149 38.86 41.11 25.65
CA PHE G 149 37.66 40.44 26.21
C PHE G 149 38.04 38.97 26.19
N ASP G 150 37.52 38.14 27.10
CA ASP G 150 37.76 36.68 27.01
C ASP G 150 36.41 36.06 26.71
N ARG G 151 36.16 35.65 25.47
CA ARG G 151 34.81 35.17 25.08
C ARG G 151 34.97 34.28 23.84
N ASN G 152 33.88 33.67 23.36
CA ASN G 152 33.94 32.75 22.20
C ASN G 152 34.49 33.51 20.99
N ARG G 153 35.42 32.94 20.24
CA ARG G 153 35.95 33.56 19.00
C ARG G 153 34.98 33.55 17.79
N PRO G 154 34.34 32.39 17.45
CA PRO G 154 33.43 32.35 16.33
C PRO G 154 32.20 33.27 16.40
N SER G 155 31.85 33.76 17.58
CA SER G 155 30.63 34.59 17.73
C SER G 155 30.97 36.05 17.50
N PHE G 156 31.97 36.60 18.19
CA PHE G 156 32.24 38.02 18.02
C PHE G 156 32.37 38.42 16.56
N ASP G 157 32.54 37.49 15.62
CA ASP G 157 32.55 37.92 14.19
C ASP G 157 31.17 38.39 13.76
N ALA G 158 30.11 37.67 14.12
CA ALA G 158 28.72 38.03 13.76
C ALA G 158 28.27 39.32 14.46
N ILE G 159 28.78 39.61 15.64
CA ILE G 159 28.32 40.80 16.39
C ILE G 159 29.04 42.02 15.82
N LEU G 160 30.08 41.88 15.00
CA LEU G 160 30.62 43.08 14.31
C LEU G 160 29.87 43.29 13.01
N TYR G 161 29.30 42.25 12.40
CA TYR G 161 28.48 42.45 11.17
C TYR G 161 27.25 43.28 11.50
N TYR G 162 26.64 43.08 12.66
CA TYR G 162 25.41 43.82 13.01
C TYR G 162 25.73 45.31 13.00
N TYR G 163 26.85 45.70 13.56
CA TYR G 163 27.25 47.12 13.59
C TYR G 163 27.54 47.63 12.19
N GLN G 164 28.17 46.81 11.34
CA GLN G 164 28.57 47.28 9.98
C GLN G 164 27.47 47.06 8.94
N SER G 165 26.36 46.40 9.28
CA SER G 165 25.31 46.11 8.27
C SER G 165 23.97 46.73 8.66
N GLY G 166 23.96 47.65 9.62
CA GLY G 166 22.72 48.33 10.03
C GLY G 166 21.60 47.43 10.53
N GLY G 167 21.89 46.38 11.30
CA GLY G 167 20.76 45.61 11.86
C GLY G 167 20.75 44.12 11.58
N ARG G 168 21.35 43.63 10.50
CA ARG G 168 21.23 42.17 10.23
C ARG G 168 21.88 41.36 11.37
N ILE G 169 21.20 40.35 11.92
CA ILE G 169 21.84 39.47 12.94
C ILE G 169 21.68 38.02 12.51
N ARG G 170 22.77 37.37 12.09
CA ARG G 170 22.71 35.98 11.56
C ARG G 170 23.74 35.14 12.31
N ARG G 171 23.32 33.97 12.81
CA ARG G 171 24.20 33.12 13.65
C ARG G 171 25.16 32.32 12.76
N PRO G 172 26.48 32.27 13.03
CA PRO G 172 27.39 31.45 12.24
C PRO G 172 26.90 30.01 12.40
N VAL G 173 27.10 29.12 11.42
CA VAL G 173 26.47 27.76 11.49
C VAL G 173 27.24 26.81 12.41
N ASN G 174 28.42 27.25 12.87
CA ASN G 174 29.25 26.43 13.79
C ASN G 174 29.24 26.99 15.21
N VAL G 175 28.30 27.87 15.56
CA VAL G 175 28.17 28.35 16.96
C VAL G 175 26.83 27.81 17.44
N PRO G 176 26.75 27.02 18.54
CA PRO G 176 25.49 26.43 19.00
C PRO G 176 24.54 27.53 19.49
N ILE G 177 23.23 27.29 19.47
CA ILE G 177 22.24 28.35 19.83
C ILE G 177 22.53 28.94 21.19
N ASP G 178 22.76 28.11 22.22
CA ASP G 178 22.88 28.66 23.60
C ASP G 178 24.05 29.64 23.70
N ILE G 179 25.21 29.30 23.15
CA ILE G 179 26.43 30.16 23.28
C ILE G 179 26.17 31.50 22.56
N PHE G 180 25.42 31.47 21.46
CA PHE G 180 25.08 32.75 20.79
C PHE G 180 24.08 33.58 21.63
N SER G 181 23.00 32.97 22.14
CA SER G 181 21.96 33.74 22.86
C SER G 181 22.68 34.50 23.97
N GLU G 182 23.59 33.83 24.65
CA GLU G 182 24.31 34.48 25.78
C GLU G 182 25.14 35.63 25.23
N GLU G 183 25.75 35.44 24.07
CA GLU G 183 26.67 36.47 23.52
C GLU G 183 25.93 37.76 23.18
N ILE G 184 24.72 37.70 22.61
CA ILE G 184 24.00 38.98 22.35
C ILE G 184 23.73 39.66 23.69
N ARG G 185 23.45 38.90 24.75
CA ARG G 185 23.19 39.48 26.08
C ARG G 185 24.43 40.21 26.62
N PHE G 186 25.62 39.63 26.56
CA PHE G 186 26.79 40.31 27.17
C PHE G 186 27.03 41.61 26.40
N TYR G 187 26.91 41.56 25.07
CA TYR G 187 27.18 42.75 24.23
C TYR G 187 26.08 43.79 24.38
N GLN G 188 24.92 43.40 24.92
CA GLN G 188 23.83 44.36 25.20
C GLN G 188 23.25 44.89 23.89
N LEU G 189 22.74 44.01 23.04
CA LEU G 189 22.22 44.42 21.71
C LEU G 189 20.73 44.78 21.82
N GLY G 190 20.08 44.53 22.96
CA GLY G 190 18.67 44.95 23.11
C GLY G 190 17.68 43.84 22.81
N GLU G 191 16.48 43.92 23.39
CA GLU G 191 15.45 42.91 23.14
C GLU G 191 14.96 42.93 21.70
N GLU G 192 15.01 44.10 21.06
CA GLU G 192 14.61 44.10 19.62
C GLU G 192 15.56 43.16 18.88
N ALA G 193 16.85 43.19 19.24
CA ALA G 193 17.84 42.35 18.55
C ALA G 193 17.56 40.87 18.83
N MET G 194 17.30 40.50 20.09
CA MET G 194 17.16 39.06 20.40
C MET G 194 15.88 38.50 19.77
N GLU G 195 14.82 39.30 19.68
CA GLU G 195 13.61 38.77 18.97
C GLU G 195 13.93 38.54 17.49
N LYS G 196 14.73 39.41 16.86
CA LYS G 196 15.11 39.26 15.44
C LYS G 196 15.94 37.98 15.28
N PHE G 197 16.80 37.68 16.25
CA PHE G 197 17.57 36.41 16.20
C PHE G 197 16.58 35.26 16.28
N ARG G 198 15.59 35.36 17.15
CA ARG G 198 14.54 34.31 17.28
C ARG G 198 13.76 34.27 15.96
N GLU G 199 13.53 35.44 15.36
CA GLU G 199 12.83 35.55 14.06
C GLU G 199 13.65 34.82 12.99
N ASP G 200 14.98 34.91 13.06
CA ASP G 200 15.79 34.30 11.98
C ASP G 200 15.86 32.80 12.20
N GLU G 201 15.78 32.32 13.45
CA GLU G 201 15.67 30.86 13.69
C GLU G 201 14.19 30.46 13.54
N GLY G 202 13.36 31.39 13.08
CA GLY G 202 11.91 31.15 12.93
C GLY G 202 11.30 30.41 14.11
N PHE G 203 11.12 31.07 15.26
CA PHE G 203 10.43 30.39 16.37
C PHE G 203 9.15 31.18 16.69
N LEU G 204 8.02 30.48 16.86
CA LEU G 204 6.73 31.17 17.12
C LEU G 204 6.89 32.00 18.40
N ARG G 205 6.43 33.25 18.38
CA ARG G 205 6.65 34.13 19.55
C ARG G 205 5.33 34.66 20.11
N GLU G 206 4.19 34.07 19.73
CA GLU G 206 2.91 34.69 20.13
C GLU G 206 2.26 34.00 21.33
N GLU G 207 2.14 34.70 22.47
CA GLU G 207 1.40 34.16 23.64
C GLU G 207 0.50 35.29 24.14
N GLU G 208 -0.55 35.62 23.38
CA GLU G 208 -1.43 36.76 23.76
C GLU G 208 -2.70 36.21 24.43
N ARG G 209 -2.81 36.35 25.75
CA ARG G 209 -3.98 35.82 26.49
C ARG G 209 -4.58 36.98 27.28
N PRO G 210 -5.47 37.80 26.68
CA PRO G 210 -5.96 38.96 27.38
C PRO G 210 -7.07 38.65 28.37
N LEU G 211 -6.76 38.14 29.56
CA LEU G 211 -7.86 37.92 30.55
C LEU G 211 -8.52 39.28 30.78
N PRO G 212 -9.86 39.37 30.90
CA PRO G 212 -10.54 40.66 30.99
C PRO G 212 -10.17 41.49 32.24
N ARG G 213 -9.85 40.82 33.35
CA ARG G 213 -9.48 41.51 34.63
C ARG G 213 -10.64 42.36 35.18
N ARG G 214 -11.88 41.89 35.07
CA ARG G 214 -13.03 42.60 35.68
C ARG G 214 -13.46 41.84 36.95
N ASP G 215 -12.57 41.03 37.53
CA ASP G 215 -12.82 40.37 38.84
C ASP G 215 -13.56 39.03 38.75
N PHE G 216 -14.69 38.95 38.04
CA PHE G 216 -15.50 37.69 38.04
C PHE G 216 -15.40 37.10 36.64
N GLN G 217 -15.47 37.98 35.66
CA GLN G 217 -15.38 37.55 34.25
C GLN G 217 -14.01 36.87 34.10
N ARG G 218 -12.97 37.46 34.66
CA ARG G 218 -11.61 36.86 34.59
C ARG G 218 -11.52 35.55 35.37
N GLN G 219 -12.23 35.41 36.49
CA GLN G 219 -12.07 34.19 37.35
C GLN G 219 -12.75 32.99 36.72
N VAL G 220 -13.97 33.15 36.23
CA VAL G 220 -14.69 32.07 35.57
C VAL G 220 -14.11 31.79 34.17
N TRP G 221 -13.50 32.80 33.54
CA TRP G 221 -12.81 32.54 32.28
C TRP G 221 -11.58 31.68 32.51
N LEU G 222 -10.88 31.91 33.62
CA LEU G 222 -9.78 31.04 34.00
C LEU G 222 -10.27 29.65 34.35
N LEU G 223 -11.48 29.54 34.87
CA LEU G 223 -12.01 28.22 35.19
C LEU G 223 -12.39 27.44 33.93
N PHE G 224 -12.98 28.12 32.94
CA PHE G 224 -13.54 27.40 31.81
C PHE G 224 -12.61 27.29 30.62
N GLU G 225 -11.60 28.11 30.52
CA GLU G 225 -10.77 28.04 29.34
C GLU G 225 -9.51 27.23 29.54
N TYR G 226 -8.79 27.44 30.62
CA TYR G 226 -7.50 26.81 30.82
C TYR G 226 -7.62 25.69 31.82
N PRO G 227 -7.68 24.43 31.37
CA PRO G 227 -8.10 23.34 32.25
C PRO G 227 -7.06 22.92 33.27
N GLU G 228 -5.80 23.33 33.10
CA GLU G 228 -4.74 22.94 34.02
C GLU G 228 -4.70 23.79 35.29
N SER G 229 -5.56 24.81 35.38
CA SER G 229 -5.37 25.83 36.41
C SER G 229 -5.76 25.33 37.79
N SER G 230 -6.80 24.51 37.86
CA SER G 230 -7.38 24.18 39.16
C SER G 230 -7.69 22.69 39.19
N GLY G 231 -8.54 22.32 40.13
CA GLY G 231 -9.10 20.99 40.21
C GLY G 231 -10.43 20.89 39.48
N PRO G 232 -11.38 21.77 39.80
CA PRO G 232 -12.62 21.82 39.02
C PRO G 232 -12.45 22.14 37.54
N ALA G 233 -11.36 22.78 37.12
CA ALA G 233 -11.13 22.93 35.69
C ALA G 233 -10.88 21.59 35.01
N ARG G 234 -10.07 20.72 35.61
CA ARG G 234 -9.92 19.38 35.04
C ARG G 234 -11.18 18.55 35.18
N GLY G 235 -11.97 18.81 36.22
CA GLY G 235 -13.27 18.14 36.31
C GLY G 235 -14.20 18.55 35.19
N ILE G 236 -14.17 19.82 34.82
CA ILE G 236 -15.01 20.30 33.74
C ILE G 236 -14.53 19.80 32.38
N ALA G 237 -13.22 19.66 32.23
CA ALA G 237 -12.69 19.06 31.01
C ALA G 237 -13.10 17.60 30.87
N ILE G 238 -13.06 16.85 31.97
CA ILE G 238 -13.42 15.44 31.91
C ILE G 238 -14.92 15.27 31.65
N VAL G 239 -15.74 16.13 32.24
CA VAL G 239 -17.18 16.05 31.99
C VAL G 239 -17.52 16.40 30.56
N SER G 240 -16.88 17.41 29.98
CA SER G 240 -17.17 17.77 28.60
C SER G 240 -16.76 16.68 27.62
N VAL G 241 -15.63 16.01 27.87
CA VAL G 241 -15.22 14.95 26.96
C VAL G 241 -16.16 13.75 27.06
N LEU G 242 -16.65 13.46 28.27
CA LEU G 242 -17.57 12.31 28.39
C LEU G 242 -18.94 12.62 27.76
N VAL G 243 -19.38 13.88 27.84
CA VAL G 243 -20.64 14.25 27.19
C VAL G 243 -20.54 14.14 25.67
N ILE G 244 -19.41 14.58 25.10
CA ILE G 244 -19.23 14.48 23.65
C ILE G 244 -19.22 13.01 23.21
N LEU G 245 -18.58 12.15 24.01
CA LEU G 245 -18.52 10.74 23.66
C LEU G 245 -19.90 10.08 23.68
N ILE G 246 -20.72 10.35 24.70
CA ILE G 246 -22.04 9.73 24.65
C ILE G 246 -22.94 10.35 23.60
N SER G 247 -22.64 11.55 23.12
CA SER G 247 -23.42 12.08 22.01
C SER G 247 -23.15 11.33 20.72
N ILE G 248 -21.87 11.00 20.46
CA ILE G 248 -21.53 10.19 19.29
C ILE G 248 -22.18 8.82 19.37
N VAL G 249 -22.18 8.22 20.57
CA VAL G 249 -22.79 6.90 20.75
C VAL G 249 -24.30 6.95 20.49
N ILE G 250 -24.98 8.03 20.80
CA ILE G 250 -26.44 8.15 20.51
C ILE G 250 -26.66 8.33 19.02
N PHE G 251 -25.80 9.04 18.29
CA PHE G 251 -25.98 9.28 16.83
C PHE G 251 -25.91 7.96 16.08
N CYS G 252 -25.04 7.04 16.48
CA CYS G 252 -24.85 5.74 15.81
C CYS G 252 -25.86 4.70 16.30
N LEU G 253 -26.11 4.59 17.62
CA LEU G 253 -27.08 3.62 18.12
C LEU G 253 -28.51 4.04 17.83
N GLU G 254 -28.75 5.31 17.54
CA GLU G 254 -30.07 5.69 17.11
C GLU G 254 -30.36 5.14 15.75
N THR G 255 -29.38 5.23 14.85
CA THR G 255 -29.72 4.72 13.52
C THR G 255 -29.65 3.20 13.39
N LEU G 256 -29.16 2.47 14.40
CA LEU G 256 -29.30 0.99 14.45
C LEU G 256 -30.76 0.56 14.40
N PRO G 257 -31.08 -0.66 13.84
CA PRO G 257 -32.50 -1.02 13.67
C PRO G 257 -33.12 -1.87 14.76
N GLU G 258 -32.31 -2.41 15.67
CA GLU G 258 -32.79 -3.38 16.65
C GLU G 258 -33.72 -2.72 17.67
N PHE G 259 -33.56 -1.42 17.89
CA PHE G 259 -34.39 -0.74 18.87
C PHE G 259 -35.67 -0.21 18.24
N ARG G 260 -35.69 -0.07 16.91
CA ARG G 260 -36.86 0.47 16.25
C ARG G 260 -37.86 -0.60 15.85
N ASP G 261 -37.64 -1.85 16.26
CA ASP G 261 -38.50 -2.94 15.80
C ASP G 261 -39.83 -2.97 16.52
N GLU G 262 -40.08 -1.99 17.37
CA GLU G 262 -41.45 -1.90 17.93
C GLU G 262 -42.20 -0.97 16.99
N LYS G 263 -41.47 -0.25 16.15
CA LYS G 263 -42.08 0.77 15.25
C LYS G 263 -41.65 0.44 13.82
N ASP G 264 -41.14 -0.74 13.52
CA ASP G 264 -40.72 -0.97 12.10
C ASP G 264 -41.97 -1.23 11.26
N TYR G 265 -42.75 -0.20 10.92
CA TYR G 265 -44.03 -0.42 10.19
C TYR G 265 -44.15 0.55 9.03
N PRO G 266 -44.95 0.29 7.98
CA PRO G 266 -44.99 1.17 6.81
C PRO G 266 -45.41 2.57 7.27
N ALA G 267 -44.85 3.61 6.67
CA ALA G 267 -45.09 4.99 7.11
C ALA G 267 -46.57 5.35 7.00
N SER G 268 -47.25 4.89 5.96
CA SER G 268 -48.70 5.15 5.90
C SER G 268 -49.40 4.25 6.92
N THR G 269 -49.95 4.86 7.97
CA THR G 269 -50.75 4.08 8.96
C THR G 269 -52.15 4.71 8.97
N GLY G 287 -38.34 12.42 16.97
CA GLY G 287 -38.41 13.77 17.48
C GLY G 287 -39.79 14.06 18.04
N ALA G 288 -40.41 13.01 18.57
CA ALA G 288 -41.67 13.16 19.26
C ALA G 288 -41.42 13.69 20.66
N SER G 289 -42.18 14.70 21.04
CA SER G 289 -42.05 15.34 22.35
C SER G 289 -42.83 14.57 23.43
N SER G 290 -43.17 13.31 23.16
CA SER G 290 -43.86 12.45 24.10
C SER G 290 -42.98 12.04 25.26
N PHE G 291 -41.66 12.24 25.16
CA PHE G 291 -40.67 11.92 26.18
C PHE G 291 -40.64 10.44 26.51
N SER G 292 -41.10 9.61 25.59
CA SER G 292 -41.07 8.18 25.76
C SER G 292 -39.82 7.56 25.14
N ASP G 293 -39.29 8.19 24.10
CA ASP G 293 -38.10 7.68 23.44
C ASP G 293 -36.88 8.06 24.24
N PRO G 294 -36.10 7.10 24.75
CA PRO G 294 -34.98 7.45 25.62
C PRO G 294 -33.85 8.16 24.90
N PHE G 295 -33.69 7.89 23.61
CA PHE G 295 -32.69 8.60 22.81
C PHE G 295 -32.98 10.09 22.76
N PHE G 296 -34.26 10.46 22.74
CA PHE G 296 -34.58 11.87 22.69
C PHE G 296 -34.23 12.58 23.98
N VAL G 297 -34.50 11.97 25.13
CA VAL G 297 -34.25 12.71 26.37
C VAL G 297 -32.77 12.76 26.67
N VAL G 298 -32.00 11.73 26.30
CA VAL G 298 -30.57 11.84 26.52
C VAL G 298 -29.93 12.77 25.49
N GLU G 299 -30.52 12.87 24.30
CA GLU G 299 -30.06 13.84 23.32
C GLU G 299 -30.30 15.26 23.78
N THR G 300 -31.46 15.52 24.38
CA THR G 300 -31.79 16.87 24.90
C THR G 300 -30.89 17.22 26.07
N LEU G 301 -30.49 16.25 26.87
CA LEU G 301 -29.54 16.54 27.95
C LEU G 301 -28.18 16.95 27.39
N CYS G 302 -27.73 16.26 26.33
CA CYS G 302 -26.47 16.66 25.71
C CYS G 302 -26.54 18.05 25.09
N ILE G 303 -27.66 18.40 24.45
CA ILE G 303 -27.73 19.73 23.84
C ILE G 303 -27.91 20.81 24.91
N ILE G 304 -28.51 20.47 26.05
CA ILE G 304 -28.56 21.39 27.18
C ILE G 304 -27.17 21.70 27.69
N TRP G 305 -26.32 20.69 27.82
CA TRP G 305 -24.97 20.93 28.32
C TRP G 305 -24.15 21.76 27.34
N PHE G 306 -24.28 21.46 26.04
CA PHE G 306 -23.55 22.23 25.02
C PHE G 306 -24.00 23.69 25.01
N SER G 307 -25.30 23.93 25.16
CA SER G 307 -25.81 25.30 25.11
C SER G 307 -25.36 26.10 26.31
N PHE G 308 -25.41 25.50 27.51
CA PHE G 308 -25.00 26.23 28.70
C PHE G 308 -23.52 26.57 28.67
N GLU G 309 -22.70 25.60 28.26
CA GLU G 309 -21.26 25.82 28.18
C GLU G 309 -20.90 26.88 27.15
N LEU G 310 -21.57 26.88 26.00
CA LEU G 310 -21.28 27.89 24.99
C LEU G 310 -21.74 29.28 25.44
N LEU G 311 -22.85 29.37 26.15
CA LEU G 311 -23.34 30.71 26.53
C LEU G 311 -22.47 31.32 27.62
N VAL G 312 -21.92 30.49 28.51
CA VAL G 312 -21.00 31.04 29.50
C VAL G 312 -19.68 31.44 28.85
N ARG G 313 -19.20 30.65 27.87
CA ARG G 313 -17.99 31.06 27.18
C ARG G 313 -18.23 32.30 26.30
N PHE G 314 -19.48 32.59 25.95
CA PHE G 314 -19.73 33.87 25.31
C PHE G 314 -19.70 35.01 26.30
N PHE G 315 -20.44 34.89 27.41
CA PHE G 315 -20.61 36.07 28.25
C PHE G 315 -19.42 36.35 29.12
N ALA G 316 -18.48 35.42 29.26
CA ALA G 316 -17.29 35.64 30.07
C ALA G 316 -16.04 35.81 29.23
N CYS G 317 -16.18 36.12 27.95
CA CYS G 317 -14.96 36.22 27.16
C CYS G 317 -14.43 37.64 27.23
N PRO G 318 -13.11 37.82 27.13
CA PRO G 318 -12.56 39.17 27.17
C PRO G 318 -12.59 39.90 25.85
N SER G 319 -13.07 39.29 24.78
CA SER G 319 -13.11 39.93 23.47
C SER G 319 -14.36 39.46 22.75
N LYS G 320 -15.46 40.20 22.82
CA LYS G 320 -16.70 39.67 22.20
C LYS G 320 -16.66 39.94 20.71
N ALA G 321 -15.83 40.86 20.24
CA ALA G 321 -15.81 41.07 18.81
C ALA G 321 -15.08 39.94 18.09
N THR G 322 -14.12 39.31 18.76
CA THR G 322 -13.34 38.26 18.10
C THR G 322 -13.95 36.88 18.28
N PHE G 323 -15.09 36.78 18.97
CA PHE G 323 -15.62 35.47 19.30
C PHE G 323 -16.19 34.78 18.08
N SER G 324 -16.69 35.52 17.11
CA SER G 324 -17.08 34.85 15.87
C SER G 324 -15.93 34.86 14.87
N ARG G 325 -14.73 34.49 15.33
CA ARG G 325 -13.59 34.38 14.43
C ARG G 325 -12.86 33.08 14.67
N ASN G 326 -12.85 32.60 15.92
CA ASN G 326 -12.19 31.36 16.23
C ASN G 326 -13.04 30.18 15.75
N ILE G 327 -12.36 29.21 15.13
CA ILE G 327 -13.04 28.19 14.36
C ILE G 327 -13.74 27.19 15.26
N MET G 328 -13.20 26.95 16.45
CA MET G 328 -13.83 26.03 17.39
C MET G 328 -15.13 26.59 17.95
N ASN G 329 -15.27 27.92 17.99
CA ASN G 329 -16.54 28.51 18.38
C ASN G 329 -17.60 28.29 17.30
N LEU G 330 -17.20 28.37 16.04
CA LEU G 330 -18.15 28.12 14.92
C LEU G 330 -18.45 26.63 14.83
N ILE G 331 -17.59 25.76 15.35
CA ILE G 331 -17.91 24.35 15.48
C ILE G 331 -18.99 24.13 16.52
N ASP G 332 -18.90 24.84 17.66
CA ASP G 332 -19.97 24.76 18.68
C ASP G 332 -21.31 25.21 18.13
N ILE G 333 -21.32 26.30 17.35
CA ILE G 333 -22.60 26.81 16.85
C ILE G 333 -23.22 25.83 15.85
N VAL G 334 -22.43 25.33 14.90
CA VAL G 334 -23.01 24.40 13.92
C VAL G 334 -23.23 23.01 14.49
N ALA G 335 -22.78 22.73 15.71
CA ALA G 335 -23.24 21.53 16.38
C ALA G 335 -24.55 21.75 17.12
N ILE G 336 -24.81 22.97 17.60
CA ILE G 336 -26.09 23.24 18.24
C ILE G 336 -27.24 23.27 17.23
N ILE G 337 -26.99 23.84 16.04
CA ILE G 337 -28.05 24.28 15.12
C ILE G 337 -29.15 23.27 14.77
N PRO G 338 -28.85 22.04 14.29
CA PRO G 338 -29.92 21.26 13.65
C PRO G 338 -30.96 20.72 14.60
N TYR G 339 -30.62 20.51 15.86
CA TYR G 339 -31.65 20.09 16.83
C TYR G 339 -32.65 21.21 17.06
N PHE G 340 -32.17 22.44 17.11
CA PHE G 340 -33.11 23.58 17.29
C PHE G 340 -33.99 23.73 16.05
N ILE G 341 -33.43 23.68 14.84
CA ILE G 341 -34.33 23.89 13.71
C ILE G 341 -35.26 22.71 13.49
N THR G 342 -34.91 21.48 13.90
CA THR G 342 -35.91 20.43 13.77
C THR G 342 -36.95 20.51 14.86
N LEU G 343 -36.61 20.98 16.06
CA LEU G 343 -37.63 21.18 17.08
C LEU G 343 -38.56 22.31 16.70
N GLY G 344 -38.01 23.37 16.12
CA GLY G 344 -38.82 24.50 15.73
C GLY G 344 -39.77 24.17 14.61
N THR G 345 -39.28 23.48 13.58
CA THR G 345 -40.18 23.14 12.48
C THR G 345 -41.12 22.00 12.87
N GLU G 346 -40.77 21.18 13.85
CA GLU G 346 -41.70 20.15 14.27
C GLU G 346 -42.86 20.72 15.06
N LEU G 347 -42.61 21.64 16.00
CA LEU G 347 -43.74 22.26 16.69
C LEU G 347 -44.09 23.64 16.17
N ALA G 348 -43.76 23.96 14.92
CA ALA G 348 -44.24 25.20 14.30
C ALA G 348 -45.72 25.09 13.98
N SER G 359 -39.57 21.26 3.36
CA SER G 359 -38.94 20.57 4.47
C SER G 359 -38.26 19.27 4.06
N LEU G 360 -38.89 18.50 3.16
CA LEU G 360 -38.42 17.14 2.89
C LEU G 360 -37.10 17.14 2.09
N ALA G 361 -36.73 18.30 1.55
CA ALA G 361 -35.39 18.44 0.99
C ALA G 361 -34.35 18.66 2.07
N ILE G 362 -34.69 19.50 3.05
CA ILE G 362 -33.71 19.87 4.11
C ILE G 362 -33.47 18.68 5.04
N LEU G 363 -34.46 17.84 5.28
CA LEU G 363 -34.30 16.79 6.32
C LEU G 363 -33.12 15.88 6.03
N ARG G 364 -32.80 15.55 4.78
CA ARG G 364 -31.69 14.57 4.59
C ARG G 364 -30.34 15.27 4.76
N VAL G 365 -30.28 16.58 4.52
CA VAL G 365 -29.03 17.37 4.80
C VAL G 365 -28.85 17.58 6.30
N ILE G 366 -29.89 17.96 7.02
CA ILE G 366 -29.79 18.26 8.48
C ILE G 366 -29.35 17.00 9.23
N ARG G 367 -29.80 15.81 8.82
CA ARG G 367 -29.43 14.54 9.48
C ARG G 367 -27.95 14.22 9.28
N LEU G 368 -27.28 14.84 8.32
CA LEU G 368 -25.81 14.64 8.15
C LEU G 368 -25.01 15.85 8.65
N VAL G 369 -25.62 16.93 9.11
CA VAL G 369 -24.83 18.03 9.69
C VAL G 369 -24.76 17.76 11.19
N ARG G 370 -25.28 16.63 11.62
CA ARG G 370 -25.19 16.26 13.04
C ARG G 370 -23.94 15.44 13.25
N VAL G 371 -23.12 15.22 12.21
CA VAL G 371 -21.87 14.43 12.31
C VAL G 371 -20.73 15.34 12.71
N PHE G 372 -20.98 16.63 12.92
CA PHE G 372 -19.85 17.56 13.16
C PHE G 372 -19.58 17.64 14.64
N ARG G 373 -20.36 16.95 15.47
CA ARG G 373 -19.98 16.84 16.86
C ARG G 373 -18.75 15.99 17.06
N ILE G 374 -18.28 15.26 16.05
CA ILE G 374 -17.00 14.58 16.18
C ILE G 374 -15.86 15.57 16.09
N PHE G 375 -16.01 16.65 15.32
CA PHE G 375 -14.99 17.70 15.28
C PHE G 375 -15.09 18.61 16.45
N LYS G 376 -16.17 18.56 17.22
CA LYS G 376 -16.09 19.38 18.43
C LYS G 376 -15.22 18.78 19.53
N LEU G 377 -14.52 17.68 19.24
CA LEU G 377 -13.61 17.01 20.22
C LEU G 377 -12.19 17.52 20.02
N SER G 378 -12.03 18.56 19.22
CA SER G 378 -10.69 19.06 18.94
C SER G 378 -10.24 20.12 19.90
N ARG G 379 -11.10 20.70 20.72
CA ARG G 379 -10.63 21.68 21.74
C ARG G 379 -9.81 20.97 22.80
N HIS G 380 -10.04 19.68 23.02
CA HIS G 380 -9.39 18.89 24.09
C HIS G 380 -8.31 17.96 23.51
N SER G 381 -7.92 18.09 22.25
CA SER G 381 -6.81 17.28 21.70
C SER G 381 -5.79 18.17 20.99
N LYS G 382 -4.51 17.88 21.12
CA LYS G 382 -3.45 18.67 20.46
C LYS G 382 -2.96 17.89 19.25
N GLY G 383 -3.59 16.77 18.92
CA GLY G 383 -3.23 16.07 17.68
C GLY G 383 -4.19 16.46 16.58
N LEU G 384 -5.47 16.64 16.90
CA LEU G 384 -6.46 17.10 15.91
C LEU G 384 -6.17 18.53 15.51
N GLN G 385 -5.76 19.39 16.43
CA GLN G 385 -5.42 20.79 16.11
C GLN G 385 -4.22 20.84 15.17
N ILE G 386 -3.18 20.03 15.37
CA ILE G 386 -2.00 19.94 14.45
C ILE G 386 -2.41 19.39 13.07
N LEU G 387 -3.34 18.43 12.97
CA LEU G 387 -3.87 17.96 11.66
C LEU G 387 -4.70 19.06 11.03
N GLY G 388 -5.33 19.93 11.81
CA GLY G 388 -6.00 21.03 11.15
C GLY G 388 -5.04 22.06 10.58
N GLN G 389 -3.95 22.32 11.28
CA GLN G 389 -2.94 23.23 10.73
C GLN G 389 -2.26 22.63 9.51
N THR G 390 -1.98 21.34 9.54
CA THR G 390 -1.35 20.67 8.41
C THR G 390 -2.26 20.67 7.18
N LEU G 391 -3.55 20.42 7.37
CA LEU G 391 -4.45 20.42 6.23
C LEU G 391 -4.81 21.82 5.78
N LYS G 392 -4.61 22.83 6.60
CA LYS G 392 -4.80 24.17 6.05
C LYS G 392 -3.60 24.58 5.24
N ALA G 393 -2.40 24.39 5.76
CA ALA G 393 -1.21 24.88 5.10
C ALA G 393 -0.76 24.04 3.91
N SER G 394 -1.58 23.11 3.41
CA SER G 394 -1.19 22.22 2.33
C SER G 394 -2.34 21.99 1.35
N MET G 395 -3.02 23.05 0.95
CA MET G 395 -4.18 22.83 0.10
C MET G 395 -3.80 22.71 -1.37
N ARG G 396 -2.71 23.36 -1.77
CA ARG G 396 -2.25 23.22 -3.16
C ARG G 396 -1.83 21.80 -3.47
N GLU G 397 -1.25 21.11 -2.50
CA GLU G 397 -0.83 19.73 -2.69
C GLU G 397 -2.03 18.80 -2.76
N LEU G 398 -3.06 19.02 -1.95
CA LEU G 398 -4.24 18.17 -2.04
C LEU G 398 -5.00 18.40 -3.34
N GLY G 399 -5.06 19.65 -3.81
CA GLY G 399 -5.62 19.90 -5.12
C GLY G 399 -4.85 19.22 -6.24
N LEU G 400 -3.53 19.18 -6.13
CA LEU G 400 -2.75 18.44 -7.12
C LEU G 400 -2.99 16.95 -7.06
N LEU G 401 -3.21 16.42 -5.85
CA LEU G 401 -3.51 15.00 -5.68
C LEU G 401 -4.80 14.61 -6.38
N ILE G 402 -5.88 15.35 -6.11
CA ILE G 402 -7.16 15.04 -6.72
C ILE G 402 -7.15 15.29 -8.24
N PHE G 403 -6.41 16.30 -8.68
CA PHE G 403 -6.32 16.55 -10.12
C PHE G 403 -5.61 15.42 -10.87
N PHE G 404 -4.50 14.93 -10.31
CA PHE G 404 -3.79 13.81 -10.93
C PHE G 404 -4.62 12.55 -10.94
N LEU G 405 -5.41 12.35 -9.89
CA LEU G 405 -6.29 11.19 -9.86
C LEU G 405 -7.34 11.25 -10.95
N PHE G 406 -7.96 12.41 -11.15
CA PHE G 406 -8.98 12.57 -12.19
C PHE G 406 -8.41 12.34 -13.59
N ILE G 407 -7.19 12.81 -13.84
CA ILE G 407 -6.54 12.58 -15.13
C ILE G 407 -6.34 11.09 -15.37
N GLY G 408 -5.77 10.39 -14.39
CA GLY G 408 -5.53 8.96 -14.54
C GLY G 408 -6.79 8.14 -14.67
N VAL G 409 -7.87 8.54 -13.99
CA VAL G 409 -9.11 7.80 -14.06
C VAL G 409 -9.73 7.90 -15.45
N ILE G 410 -9.70 9.10 -16.04
CA ILE G 410 -10.23 9.23 -17.41
C ILE G 410 -9.41 8.41 -18.38
N LEU G 411 -8.08 8.50 -18.27
CA LEU G 411 -7.19 7.85 -19.23
C LEU G 411 -7.30 6.33 -19.18
N PHE G 412 -7.22 5.76 -17.98
CA PHE G 412 -7.19 4.31 -17.88
C PHE G 412 -8.57 3.70 -18.04
N SER G 413 -9.64 4.39 -17.64
CA SER G 413 -10.97 3.81 -17.86
C SER G 413 -11.32 3.82 -19.33
N SER G 414 -10.90 4.84 -20.06
CA SER G 414 -11.10 4.82 -21.50
C SER G 414 -10.30 3.74 -22.20
N ALA G 415 -9.06 3.53 -21.81
CA ALA G 415 -8.26 2.50 -22.47
C ALA G 415 -8.79 1.09 -22.18
N VAL G 416 -9.29 0.78 -20.98
CA VAL G 416 -9.85 -0.56 -20.66
C VAL G 416 -11.21 -0.72 -21.30
N TYR G 417 -12.00 0.32 -21.49
CA TYR G 417 -13.25 0.17 -22.22
C TYR G 417 -13.01 -0.12 -23.68
N PHE G 418 -12.01 0.50 -24.28
CA PHE G 418 -11.83 0.23 -25.70
C PHE G 418 -11.02 -1.01 -25.99
N ALA G 419 -10.47 -1.68 -24.98
CA ALA G 419 -9.59 -2.85 -25.19
C ALA G 419 -10.30 -4.11 -24.73
N GLU G 420 -11.59 -4.05 -24.41
CA GLU G 420 -12.34 -5.20 -23.84
C GLU G 420 -13.82 -5.19 -24.31
N ALA G 421 -14.26 -4.19 -25.06
CA ALA G 421 -15.66 -4.08 -25.53
C ALA G 421 -16.04 -5.15 -26.53
N ASP G 422 -15.13 -5.54 -27.41
CA ASP G 422 -15.41 -6.57 -28.45
C ASP G 422 -15.77 -7.93 -27.83
N ASP G 423 -15.11 -8.36 -26.74
CA ASP G 423 -15.34 -9.71 -26.18
C ASP G 423 -16.79 -9.82 -25.76
N PRO G 424 -17.49 -10.88 -26.18
CA PRO G 424 -18.90 -11.00 -25.86
C PRO G 424 -19.19 -11.32 -24.40
N THR G 425 -18.19 -11.77 -23.64
CA THR G 425 -18.35 -12.14 -22.21
C THR G 425 -17.80 -11.06 -21.28
N SER G 426 -17.37 -9.90 -21.78
CA SER G 426 -16.82 -8.78 -20.98
C SER G 426 -17.95 -7.99 -20.35
N GLY G 427 -17.62 -7.14 -19.40
CA GLY G 427 -18.68 -6.45 -18.64
C GLY G 427 -18.60 -4.95 -18.67
N PHE G 428 -17.63 -4.36 -19.39
CA PHE G 428 -17.61 -2.91 -19.35
C PHE G 428 -18.54 -2.37 -20.41
N SER G 429 -19.61 -1.69 -20.00
CA SER G 429 -20.62 -1.29 -20.97
C SER G 429 -20.58 0.21 -21.25
N SER G 430 -19.69 0.95 -20.63
CA SER G 430 -19.64 2.39 -20.81
C SER G 430 -18.26 2.86 -20.41
N ILE G 431 -17.90 4.06 -20.81
CA ILE G 431 -16.74 4.67 -20.18
C ILE G 431 -17.15 5.17 -18.80
N PRO G 432 -18.32 5.80 -18.55
CA PRO G 432 -18.65 6.05 -17.14
C PRO G 432 -19.20 4.84 -16.42
N ASP G 433 -18.57 3.69 -16.63
CA ASP G 433 -18.81 2.47 -15.91
C ASP G 433 -17.52 1.78 -15.53
N ALA G 434 -16.40 2.16 -16.11
CA ALA G 434 -15.10 1.73 -15.67
C ALA G 434 -14.46 2.71 -14.70
N PHE G 435 -15.17 3.75 -14.28
CA PHE G 435 -14.57 4.74 -13.39
C PHE G 435 -14.27 4.14 -12.03
N TRP G 436 -15.21 3.41 -11.44
CA TRP G 436 -14.97 2.77 -10.13
C TRP G 436 -13.85 1.74 -10.26
N TRP G 437 -13.83 0.93 -11.29
CA TRP G 437 -12.73 0.00 -11.46
C TRP G 437 -11.40 0.74 -11.51
N ALA G 438 -11.34 1.86 -12.22
CA ALA G 438 -10.09 2.60 -12.31
C ALA G 438 -9.68 3.20 -10.98
N VAL G 439 -10.56 3.61 -10.08
CA VAL G 439 -10.16 4.29 -8.80
C VAL G 439 -9.63 3.24 -7.84
N VAL G 440 -10.34 2.13 -7.64
CA VAL G 440 -9.96 1.02 -6.73
C VAL G 440 -8.65 0.33 -7.17
N THR G 441 -8.36 0.08 -8.45
CA THR G 441 -7.08 -0.49 -8.92
C THR G 441 -5.88 0.43 -8.66
N MET G 442 -5.97 1.74 -8.93
CA MET G 442 -4.88 2.73 -8.72
C MET G 442 -4.59 3.00 -7.25
N THR G 443 -5.58 3.18 -6.39
CA THR G 443 -5.41 3.37 -4.93
C THR G 443 -5.03 2.05 -4.26
N THR G 444 -5.29 0.90 -4.87
CA THR G 444 -4.97 -0.48 -4.42
C THR G 444 -6.04 -1.10 -3.53
N VAL G 445 -7.22 -0.52 -3.35
CA VAL G 445 -8.21 -1.19 -2.50
C VAL G 445 -8.42 -2.46 -3.28
N GLY G 446 -8.62 -2.35 -4.56
CA GLY G 446 -8.61 -3.53 -5.40
C GLY G 446 -9.86 -4.21 -5.75
N TYR G 447 -10.96 -4.01 -5.07
CA TYR G 447 -12.11 -4.89 -5.44
C TYR G 447 -12.56 -4.82 -6.92
N GLY G 448 -12.66 -3.63 -7.53
CA GLY G 448 -13.10 -3.46 -8.93
C GLY G 448 -14.57 -3.67 -9.11
N ASP G 449 -15.20 -3.07 -10.13
CA ASP G 449 -16.59 -3.51 -10.30
C ASP G 449 -16.47 -4.92 -10.91
N MET G 450 -15.57 -5.09 -11.89
CA MET G 450 -15.36 -6.40 -12.56
C MET G 450 -13.87 -6.66 -12.63
N HIS G 451 -13.42 -7.48 -13.58
CA HIS G 451 -11.96 -7.63 -13.79
C HIS G 451 -11.67 -7.93 -15.27
N PRO G 452 -10.64 -7.37 -15.94
CA PRO G 452 -10.35 -7.69 -17.31
C PRO G 452 -10.33 -9.17 -17.69
N VAL G 453 -10.86 -9.56 -18.87
CA VAL G 453 -10.86 -10.93 -19.36
C VAL G 453 -10.17 -11.08 -20.69
N THR G 454 -9.61 -10.00 -21.23
CA THR G 454 -8.94 -10.04 -22.55
C THR G 454 -7.44 -9.90 -22.30
N ILE G 455 -6.57 -10.23 -23.24
CA ILE G 455 -5.11 -10.00 -23.04
C ILE G 455 -4.88 -8.50 -22.98
N GLY G 456 -5.58 -7.70 -23.79
CA GLY G 456 -5.42 -6.24 -23.83
C GLY G 456 -5.90 -5.55 -22.58
N GLY G 457 -6.99 -6.00 -21.98
CA GLY G 457 -7.49 -5.44 -20.72
C GLY G 457 -6.50 -5.69 -19.61
N LYS G 458 -5.83 -6.84 -19.62
CA LYS G 458 -4.81 -7.19 -18.61
C LYS G 458 -3.55 -6.34 -18.73
N ILE G 459 -3.09 -5.98 -19.91
CA ILE G 459 -1.94 -5.05 -20.08
C ILE G 459 -2.28 -3.63 -19.64
N VAL G 460 -3.51 -3.13 -19.82
CA VAL G 460 -3.97 -1.78 -19.41
C VAL G 460 -4.39 -1.81 -17.93
N GLY G 461 -4.43 -2.98 -17.32
CA GLY G 461 -4.77 -3.10 -15.91
C GLY G 461 -3.52 -3.23 -15.08
N SER G 462 -2.44 -3.76 -15.63
CA SER G 462 -1.17 -3.74 -14.91
C SER G 462 -0.51 -2.37 -14.98
N LEU G 463 -0.61 -1.69 -16.13
CA LEU G 463 -0.13 -0.32 -16.19
C LEU G 463 -0.91 0.61 -15.27
N CYS G 464 -2.21 0.35 -15.10
CA CYS G 464 -3.04 1.15 -14.22
C CYS G 464 -2.67 0.97 -12.77
N ALA G 465 -2.39 -0.27 -12.37
CA ALA G 465 -1.96 -0.57 -11.00
C ALA G 465 -0.65 0.10 -10.66
N ILE G 466 0.29 0.11 -11.60
CA ILE G 466 1.59 0.74 -11.34
C ILE G 466 1.49 2.27 -11.32
N ALA G 467 0.81 2.84 -12.32
CA ALA G 467 0.72 4.28 -12.43
C ALA G 467 -0.08 4.88 -11.30
N GLY G 468 -0.96 4.12 -10.68
CA GLY G 468 -1.65 4.62 -9.52
C GLY G 468 -0.77 5.00 -8.36
N VAL G 469 0.06 4.08 -7.89
CA VAL G 469 0.95 4.40 -6.79
C VAL G 469 2.01 5.38 -7.22
N LEU G 470 2.36 5.41 -8.51
CA LEU G 470 3.35 6.37 -8.98
C LEU G 470 2.82 7.79 -8.93
N THR G 471 1.55 7.99 -9.25
CA THR G 471 0.97 9.32 -9.29
C THR G 471 0.32 9.74 -7.99
N ILE G 472 0.13 8.84 -7.03
CA ILE G 472 -0.33 9.31 -5.73
C ILE G 472 0.79 9.37 -4.72
N ALA G 473 1.94 8.77 -4.97
CA ALA G 473 3.02 8.98 -4.02
C ALA G 473 3.79 10.27 -4.26
N LEU G 474 3.51 11.01 -5.31
CA LEU G 474 4.31 12.20 -5.61
C LEU G 474 4.00 13.39 -4.70
N PRO G 475 2.76 13.84 -4.45
CA PRO G 475 2.60 15.01 -3.57
C PRO G 475 2.59 14.72 -2.08
N VAL G 476 2.70 13.47 -1.63
CA VAL G 476 2.58 13.12 -0.22
C VAL G 476 3.78 13.50 0.66
N PRO G 477 5.06 13.41 0.23
CA PRO G 477 6.14 13.88 1.12
C PRO G 477 6.05 15.33 1.55
N VAL G 478 5.42 16.20 0.76
CA VAL G 478 5.22 17.59 1.17
C VAL G 478 4.28 17.64 2.36
N ILE G 479 3.22 16.85 2.34
CA ILE G 479 2.24 16.84 3.41
C ILE G 479 2.83 16.26 4.68
N VAL G 480 3.61 15.17 4.56
CA VAL G 480 4.17 14.61 5.79
C VAL G 480 5.28 15.50 6.35
N SER G 481 5.94 16.31 5.51
CA SER G 481 6.93 17.22 6.02
C SER G 481 6.29 18.38 6.76
N ASN G 482 5.15 18.87 6.24
CA ASN G 482 4.42 19.91 6.95
C ASN G 482 3.91 19.42 8.30
N PHE G 483 3.40 18.18 8.34
CA PHE G 483 2.93 17.63 9.60
C PHE G 483 4.07 17.50 10.59
N ASN G 484 5.24 17.05 10.13
CA ASN G 484 6.37 16.85 11.02
C ASN G 484 6.85 18.18 11.59
N TYR G 485 6.80 19.23 10.78
CA TYR G 485 7.16 20.56 11.27
C TYR G 485 6.19 21.05 12.33
N PHE G 486 4.88 21.01 12.04
CA PHE G 486 3.90 21.50 13.01
C PHE G 486 3.81 20.61 14.23
N TYR G 487 4.28 19.37 14.12
CA TYR G 487 4.23 18.43 15.22
C TYR G 487 5.39 18.64 16.17
N HIS G 488 6.55 19.05 15.67
CA HIS G 488 7.63 19.32 16.61
C HIS G 488 7.68 20.77 17.08
N ARG G 489 6.98 21.70 16.41
CA ARG G 489 6.91 23.08 16.88
C ARG G 489 6.19 23.25 18.21
N GLU G 490 5.46 22.25 18.71
CA GLU G 490 4.94 22.34 20.07
C GLU G 490 6.04 22.33 21.13
N THR G 491 7.20 21.77 20.80
CA THR G 491 8.31 21.57 21.72
C THR G 491 9.11 22.86 21.83
N GLY H 103 58.73 40.07 -7.79
CA GLY H 103 57.29 40.43 -7.81
C GLY H 103 56.89 41.19 -6.56
N GLU H 104 56.35 42.39 -6.71
CA GLU H 104 56.07 43.16 -5.48
C GLU H 104 54.80 42.62 -4.83
N ARG H 105 54.71 42.72 -3.49
CA ARG H 105 53.56 42.11 -2.77
C ARG H 105 52.57 43.18 -2.29
N VAL H 106 51.27 42.85 -2.25
CA VAL H 106 50.23 43.82 -1.80
C VAL H 106 49.51 43.22 -0.58
N VAL H 107 49.40 43.98 0.51
CA VAL H 107 48.75 43.49 1.76
C VAL H 107 47.38 44.15 1.88
N ILE H 108 46.31 43.36 1.88
CA ILE H 108 44.92 43.88 1.99
C ILE H 108 44.43 43.46 3.36
N ASN H 109 43.91 44.36 4.16
CA ASN H 109 43.48 44.05 5.54
C ASN H 109 41.96 44.17 5.59
N ILE H 110 41.22 43.06 5.47
CA ILE H 110 39.75 43.11 5.62
C ILE H 110 39.42 42.92 7.10
N SER H 111 39.13 44.00 7.83
CA SER H 111 38.78 43.95 9.27
C SER H 111 39.83 43.25 10.13
N GLY H 112 41.10 43.69 10.11
CA GLY H 112 42.12 43.13 11.02
C GLY H 112 42.77 41.89 10.49
N LEU H 113 42.11 41.15 9.63
CA LEU H 113 42.61 39.88 8.99
C LEU H 113 43.50 40.22 7.80
N ARG H 114 44.80 39.99 7.87
CA ARG H 114 45.71 40.42 6.78
C ARG H 114 45.77 39.34 5.70
N PHE H 115 45.35 39.65 4.47
CA PHE H 115 45.46 38.71 3.34
C PHE H 115 46.52 39.31 2.43
N GLU H 116 47.51 38.54 1.96
CA GLU H 116 48.61 39.07 1.11
C GLU H 116 48.69 38.27 -0.20
N THR H 117 49.10 38.89 -1.32
CA THR H 117 49.21 38.21 -2.64
C THR H 117 50.23 38.96 -3.51
N GLN H 118 50.70 38.34 -4.61
CA GLN H 118 51.68 38.98 -5.51
C GLN H 118 50.93 39.93 -6.44
N LEU H 119 51.55 41.03 -6.86
CA LEU H 119 50.82 42.06 -7.66
C LEU H 119 50.32 41.42 -8.95
N LYS H 120 51.07 40.46 -9.49
CA LYS H 120 50.68 39.82 -10.77
C LYS H 120 49.32 39.15 -10.64
N THR H 121 49.03 38.52 -9.51
CA THR H 121 47.76 37.74 -9.40
C THR H 121 46.56 38.66 -9.52
N LEU H 122 46.62 39.84 -8.91
CA LEU H 122 45.40 40.70 -8.92
C LEU H 122 45.36 41.56 -10.19
N CYS H 123 46.37 41.45 -11.05
CA CYS H 123 46.31 42.19 -12.34
C CYS H 123 45.89 41.25 -13.48
N GLN H 124 45.84 39.94 -13.23
CA GLN H 124 45.32 38.99 -14.25
C GLN H 124 44.00 39.55 -14.77
N PHE H 125 43.09 39.87 -13.85
CA PHE H 125 41.83 40.52 -14.29
C PHE H 125 42.05 42.02 -14.06
N PRO H 126 42.26 42.84 -15.10
CA PRO H 126 42.60 44.26 -14.89
C PRO H 126 41.43 45.23 -14.73
N GLU H 127 40.29 44.93 -15.36
CA GLU H 127 39.09 45.81 -15.27
C GLU H 127 38.43 45.72 -13.89
N THR H 128 38.86 44.83 -12.99
CA THR H 128 38.15 44.64 -11.68
C THR H 128 38.56 45.68 -10.62
N LEU H 129 37.88 45.75 -9.48
CA LEU H 129 38.14 46.84 -8.49
C LEU H 129 39.57 46.79 -7.94
N LEU H 130 40.02 45.61 -7.52
CA LEU H 130 41.37 45.51 -6.92
C LEU H 130 42.43 45.77 -7.99
N GLY H 131 42.24 45.20 -9.19
CA GLY H 131 43.21 45.37 -10.29
C GLY H 131 43.30 46.80 -10.79
N ASP H 132 42.17 47.49 -10.96
CA ASP H 132 42.18 48.85 -11.53
C ASP H 132 43.01 49.72 -10.59
N PRO H 133 44.14 50.35 -10.99
CA PRO H 133 44.93 51.10 -10.04
C PRO H 133 44.13 52.24 -9.42
N LYS H 134 43.38 52.99 -10.22
CA LYS H 134 42.69 54.19 -9.67
C LYS H 134 41.63 53.81 -8.64
N ARG H 135 40.76 52.86 -8.94
CA ARG H 135 39.66 52.56 -7.98
C ARG H 135 40.29 52.13 -6.65
N ARG H 136 41.24 51.19 -6.70
CA ARG H 136 41.84 50.65 -5.46
C ARG H 136 42.55 51.73 -4.68
N MET H 137 43.00 52.79 -5.35
CA MET H 137 43.80 53.85 -4.66
C MET H 137 42.98 54.52 -3.55
N ARG H 138 41.66 54.57 -3.69
CA ARG H 138 40.84 55.28 -2.67
C ARG H 138 41.02 54.59 -1.31
N TYR H 139 40.83 53.27 -1.25
CA TYR H 139 40.87 52.51 0.02
C TYR H 139 42.28 52.49 0.62
N PHE H 140 43.31 52.68 -0.21
CA PHE H 140 44.71 52.55 0.28
C PHE H 140 44.98 53.51 1.43
N ASP H 141 45.66 53.04 2.46
CA ASP H 141 46.10 53.96 3.55
C ASP H 141 47.63 54.03 3.49
N PRO H 142 48.23 55.18 3.19
CA PRO H 142 49.68 55.29 3.06
C PRO H 142 50.42 55.12 4.39
N LEU H 143 49.74 55.35 5.51
CA LEU H 143 50.42 55.30 6.83
C LEU H 143 50.99 53.90 7.11
N ARG H 144 50.23 52.84 6.82
CA ARG H 144 50.71 51.45 7.15
C ARG H 144 50.87 50.61 5.87
N ASN H 145 50.70 51.20 4.69
CA ASN H 145 50.88 50.48 3.40
C ASN H 145 49.90 49.30 3.28
N GLU H 146 48.66 49.44 3.74
CA GLU H 146 47.65 48.37 3.65
C GLU H 146 46.31 48.95 3.19
N TYR H 147 45.52 48.19 2.45
CA TYR H 147 44.19 48.66 2.00
C TYR H 147 43.13 48.21 2.99
N PHE H 148 42.72 49.07 3.91
CA PHE H 148 41.72 48.72 4.94
C PHE H 148 40.34 48.70 4.33
N PHE H 149 39.58 47.64 4.55
CA PHE H 149 38.17 47.61 4.10
C PHE H 149 37.41 47.14 5.33
N ASP H 150 36.16 47.54 5.51
CA ASP H 150 35.35 46.98 6.63
C ASP H 150 34.25 46.15 5.99
N ARG H 151 34.38 44.83 5.98
CA ARG H 151 33.42 43.97 5.25
C ARG H 151 33.45 42.58 5.89
N ASN H 152 32.61 41.64 5.41
CA ASN H 152 32.54 40.28 6.00
C ASN H 152 33.90 39.62 5.88
N ARG H 153 34.40 38.97 6.93
CA ARG H 153 35.67 38.21 6.89
C ARG H 153 35.61 36.87 6.10
N PRO H 154 34.61 36.00 6.32
CA PRO H 154 34.52 34.75 5.61
C PRO H 154 34.39 34.84 4.08
N SER H 155 33.99 35.99 3.54
CA SER H 155 33.77 36.11 2.09
C SER H 155 35.06 36.52 1.40
N PHE H 156 35.72 37.58 1.84
CA PHE H 156 36.93 38.01 1.13
C PHE H 156 37.91 36.89 0.90
N ASP H 157 37.79 35.75 1.59
CA ASP H 157 38.71 34.62 1.27
C ASP H 157 38.39 34.06 -0.12
N ALA H 158 37.12 33.86 -0.46
CA ALA H 158 36.70 33.31 -1.77
C ALA H 158 37.00 34.30 -2.91
N ILE H 159 36.98 35.60 -2.64
CA ILE H 159 37.19 36.59 -3.73
C ILE H 159 38.69 36.69 -3.99
N LEU H 160 39.57 36.16 -3.13
CA LEU H 160 41.00 36.11 -3.53
C LEU H 160 41.27 34.83 -4.30
N TYR H 161 40.50 33.77 -4.09
CA TYR H 161 40.68 32.53 -4.89
C TYR H 161 40.37 32.82 -6.37
N TYR H 162 39.37 33.64 -6.64
CA TYR H 162 38.98 33.91 -8.04
C TYR H 162 40.18 34.52 -8.76
N TYR H 163 40.87 35.45 -8.12
CA TYR H 163 42.05 36.09 -8.73
C TYR H 163 43.18 35.08 -8.90
N GLN H 164 43.38 34.19 -7.93
CA GLN H 164 44.52 33.24 -7.98
C GLN H 164 44.18 31.94 -8.74
N SER H 165 42.93 31.74 -9.15
CA SER H 165 42.55 30.46 -9.81
C SER H 165 42.00 30.70 -11.22
N GLY H 166 42.19 31.90 -11.77
CA GLY H 166 41.74 32.19 -13.14
C GLY H 166 40.26 32.03 -13.39
N GLY H 167 39.38 32.42 -12.47
CA GLY H 167 37.94 32.35 -12.81
C GLY H 167 37.05 31.56 -11.87
N ARG H 168 37.55 30.57 -11.14
CA ARG H 168 36.61 29.77 -10.31
C ARG H 168 35.95 30.67 -9.26
N ILE H 169 34.61 30.62 -9.11
CA ILE H 169 33.96 31.38 -7.99
C ILE H 169 33.07 30.42 -7.20
N ARG H 170 33.47 30.09 -5.97
CA ARG H 170 32.72 29.10 -5.15
C ARG H 170 32.42 29.73 -3.79
N ARG H 171 31.17 29.64 -3.35
CA ARG H 171 30.75 30.30 -2.09
C ARG H 171 31.17 29.46 -0.88
N PRO H 172 31.81 30.02 0.19
CA PRO H 172 32.13 29.24 1.37
C PRO H 172 30.79 28.73 1.92
N VAL H 173 30.75 27.58 2.61
CA VAL H 173 29.42 26.99 3.00
C VAL H 173 28.83 27.67 4.24
N ASN H 174 29.62 28.54 4.89
CA ASN H 174 29.16 29.27 6.09
C ASN H 174 28.91 30.75 5.78
N VAL H 175 28.80 31.15 4.51
CA VAL H 175 28.43 32.55 4.17
C VAL H 175 27.06 32.45 3.51
N PRO H 176 26.00 33.13 4.01
CA PRO H 176 24.66 33.01 3.44
C PRO H 176 24.62 33.62 2.04
N ILE H 177 23.69 33.18 1.19
CA ILE H 177 23.66 33.63 -0.24
C ILE H 177 23.63 35.15 -0.33
N ASP H 178 22.77 35.83 0.42
CA ASP H 178 22.60 37.29 0.22
C ASP H 178 23.91 38.04 0.49
N ILE H 179 24.61 37.71 1.58
CA ILE H 179 25.86 38.44 1.95
C ILE H 179 26.91 38.21 0.87
N PHE H 180 26.94 37.03 0.27
CA PHE H 180 27.89 36.80 -0.85
C PHE H 180 27.50 37.60 -2.10
N SER H 181 26.23 37.58 -2.51
CA SER H 181 25.82 38.24 -3.77
C SER H 181 26.27 39.69 -3.67
N GLU H 182 26.06 40.29 -2.50
CA GLU H 182 26.42 41.72 -2.32
C GLU H 182 27.94 41.85 -2.45
N GLU H 183 28.68 40.89 -1.91
CA GLU H 183 30.16 41.01 -1.90
C GLU H 183 30.75 40.98 -3.31
N ILE H 184 30.24 40.14 -4.21
CA ILE H 184 30.78 40.19 -5.60
C ILE H 184 30.50 41.58 -6.19
N ARG H 185 29.35 42.17 -5.86
CA ARG H 185 29.01 43.53 -6.37
C ARG H 185 30.01 44.58 -5.87
N PHE H 186 30.35 44.61 -4.58
CA PHE H 186 31.24 45.69 -4.11
C PHE H 186 32.59 45.53 -4.79
N TYR H 187 33.06 44.30 -4.90
CA TYR H 187 34.40 44.03 -5.49
C TYR H 187 34.39 44.27 -7.01
N GLN H 188 33.20 44.33 -7.61
CA GLN H 188 33.09 44.65 -9.06
C GLN H 188 33.67 43.52 -9.90
N LEU H 189 33.14 42.32 -9.75
CA LEU H 189 33.69 41.15 -10.49
C LEU H 189 32.99 40.99 -11.85
N GLY H 190 31.94 41.77 -12.12
CA GLY H 190 31.34 41.70 -13.47
C GLY H 190 30.13 40.78 -13.53
N GLU H 191 29.20 41.04 -14.47
CA GLU H 191 28.04 40.19 -14.63
C GLU H 191 28.39 38.78 -15.09
N GLU H 192 29.48 38.63 -15.83
CA GLU H 192 29.87 37.25 -16.19
C GLU H 192 30.13 36.47 -14.90
N ALA H 193 30.75 37.13 -13.92
CA ALA H 193 31.07 36.45 -12.65
C ALA H 193 29.79 36.10 -11.90
N MET H 194 28.84 37.04 -11.81
CA MET H 194 27.64 36.76 -10.98
C MET H 194 26.78 35.67 -11.62
N GLU H 195 26.72 35.61 -12.96
CA GLU H 195 25.97 34.48 -13.57
C GLU H 195 26.65 33.14 -13.25
N LYS H 196 27.98 33.10 -13.22
CA LYS H 196 28.74 31.87 -12.90
C LYS H 196 28.43 31.47 -11.45
N PHE H 197 28.31 32.45 -10.55
CA PHE H 197 27.94 32.13 -9.15
C PHE H 197 26.53 31.54 -9.16
N ARG H 198 25.63 32.11 -9.95
CA ARG H 198 24.25 31.58 -10.08
C ARG H 198 24.34 30.18 -10.71
N GLU H 199 25.26 30.02 -11.67
CA GLU H 199 25.48 28.70 -12.32
C GLU H 199 25.95 27.69 -11.29
N ASP H 200 26.75 28.12 -10.31
CA ASP H 200 27.31 27.13 -9.36
C ASP H 200 26.22 26.80 -8.32
N GLU H 201 25.31 27.73 -8.02
CA GLU H 201 24.16 27.39 -7.17
C GLU H 201 23.07 26.74 -8.04
N GLY H 202 23.41 26.46 -9.30
CA GLY H 202 22.45 25.88 -10.26
C GLY H 202 21.08 26.50 -10.20
N PHE H 203 20.91 27.73 -10.70
CA PHE H 203 19.55 28.31 -10.76
C PHE H 203 19.20 28.57 -12.21
N LEU H 204 17.98 28.18 -12.63
CA LEU H 204 17.57 28.35 -14.05
C LEU H 204 17.66 29.84 -14.40
N ARG H 205 18.23 30.16 -15.56
CA ARG H 205 18.46 31.59 -15.89
C ARG H 205 17.79 31.95 -17.22
N GLU H 206 16.89 31.11 -17.73
CA GLU H 206 16.36 31.38 -19.10
C GLU H 206 14.98 32.03 -19.10
N GLU H 207 14.88 33.27 -19.59
CA GLU H 207 13.57 33.96 -19.74
C GLU H 207 13.58 34.58 -21.15
N GLU H 208 13.52 33.77 -22.19
CA GLU H 208 13.61 34.29 -23.57
C GLU H 208 12.19 34.38 -24.18
N ARG H 209 11.64 35.59 -24.28
CA ARG H 209 10.27 35.78 -24.81
C ARG H 209 10.34 36.74 -25.97
N PRO H 210 10.63 36.28 -27.21
CA PRO H 210 10.82 37.21 -28.31
C PRO H 210 9.51 37.70 -28.92
N LEU H 211 8.84 38.67 -28.29
CA LEU H 211 7.60 39.20 -28.94
C LEU H 211 8.03 39.74 -30.31
N PRO H 212 7.24 39.54 -31.38
CA PRO H 212 7.67 39.92 -32.73
C PRO H 212 7.90 41.43 -32.93
N ARG H 213 7.15 42.28 -32.20
CA ARG H 213 7.28 43.75 -32.30
C ARG H 213 6.93 44.27 -33.70
N ARG H 214 5.92 43.69 -34.35
CA ARG H 214 5.45 44.20 -35.67
C ARG H 214 4.14 44.97 -35.45
N ASP H 215 3.86 45.42 -34.22
CA ASP H 215 2.69 46.30 -33.93
C ASP H 215 1.38 45.54 -33.65
N PHE H 216 0.96 44.59 -34.49
CA PHE H 216 -0.36 43.94 -34.30
C PHE H 216 -0.09 42.49 -33.92
N GLN H 217 0.90 41.90 -34.58
CA GLN H 217 1.28 40.51 -34.29
C GLN H 217 1.70 40.47 -32.82
N ARG H 218 2.47 41.45 -32.37
CA ARG H 218 2.90 41.51 -30.95
C ARG H 218 1.71 41.75 -30.01
N GLN H 219 0.71 42.54 -30.41
CA GLN H 219 -0.39 42.90 -29.47
C GLN H 219 -1.32 41.73 -29.25
N VAL H 220 -1.73 41.04 -30.31
CA VAL H 220 -2.60 39.88 -30.19
C VAL H 220 -1.84 38.67 -29.63
N TRP H 221 -0.51 38.61 -29.84
CA TRP H 221 0.27 37.56 -29.19
C TRP H 221 0.32 37.77 -27.70
N LEU H 222 0.40 39.03 -27.26
CA LEU H 222 0.30 39.33 -25.84
C LEU H 222 -1.08 39.02 -25.31
N LEU H 223 -2.11 39.14 -26.13
CA LEU H 223 -3.45 38.82 -25.68
C LEU H 223 -3.65 37.30 -25.53
N PHE H 224 -3.10 36.53 -26.46
CA PHE H 224 -3.43 35.11 -26.49
C PHE H 224 -2.43 34.22 -25.76
N GLU H 225 -1.24 34.70 -25.51
CA GLU H 225 -0.28 33.80 -24.88
C GLU H 225 -0.16 34.00 -23.40
N TYR H 226 -0.07 35.25 -22.93
CA TYR H 226 0.20 35.51 -21.53
C TYR H 226 -1.08 35.97 -20.84
N PRO H 227 -1.77 35.10 -20.12
CA PRO H 227 -3.15 35.40 -19.69
C PRO H 227 -3.25 36.41 -18.57
N GLU H 228 -2.16 36.72 -17.88
CA GLU H 228 -2.20 37.68 -16.79
C GLU H 228 -2.15 39.12 -17.25
N SER H 229 -2.02 39.38 -18.55
CA SER H 229 -1.66 40.70 -19.02
C SER H 229 -2.84 41.67 -18.93
N SER H 230 -4.04 41.18 -19.19
CA SER H 230 -5.17 42.07 -19.37
C SER H 230 -6.38 41.49 -18.65
N GLY H 231 -7.54 41.99 -19.02
CA GLY H 231 -8.81 41.43 -18.60
C GLY H 231 -9.35 40.41 -19.57
N PRO H 232 -9.46 40.78 -20.86
CA PRO H 232 -9.82 39.79 -21.88
C PRO H 232 -8.85 38.62 -22.01
N ALA H 233 -7.59 38.74 -21.60
CA ALA H 233 -6.72 37.58 -21.60
C ALA H 233 -7.17 36.54 -20.58
N ARG H 234 -7.56 36.97 -19.37
CA ARG H 234 -8.11 36.01 -18.41
C ARG H 234 -9.48 35.52 -18.84
N GLY H 235 -10.24 36.34 -19.57
CA GLY H 235 -11.50 35.86 -20.14
C GLY H 235 -11.28 34.76 -21.15
N ILE H 236 -10.24 34.90 -21.96
CA ILE H 236 -9.94 33.90 -22.98
C ILE H 236 -9.41 32.63 -22.34
N ALA H 237 -8.65 32.75 -21.25
CA ALA H 237 -8.20 31.57 -20.52
C ALA H 237 -9.38 30.82 -19.90
N ILE H 238 -10.34 31.55 -19.34
CA ILE H 238 -11.48 30.89 -18.71
C ILE H 238 -12.37 30.23 -19.76
N VAL H 239 -12.54 30.86 -20.92
CA VAL H 239 -13.34 30.25 -21.98
C VAL H 239 -12.68 28.99 -22.53
N SER H 240 -11.36 29.00 -22.71
CA SER H 240 -10.68 27.82 -23.23
C SER H 240 -10.75 26.65 -22.26
N VAL H 241 -10.65 26.92 -20.95
CA VAL H 241 -10.73 25.82 -20.00
C VAL H 241 -12.14 25.25 -19.94
N LEU H 242 -13.15 26.09 -20.08
CA LEU H 242 -14.52 25.55 -20.05
C LEU H 242 -14.85 24.77 -21.31
N VAL H 243 -14.30 25.17 -22.46
CA VAL H 243 -14.51 24.42 -23.69
C VAL H 243 -13.85 23.04 -23.61
N ILE H 244 -12.63 22.97 -23.06
CA ILE H 244 -11.97 21.68 -22.91
C ILE H 244 -12.76 20.75 -21.99
N LEU H 245 -13.31 21.31 -20.92
CA LEU H 245 -14.08 20.50 -19.98
C LEU H 245 -15.35 19.94 -20.60
N ILE H 246 -16.10 20.75 -21.37
CA ILE H 246 -17.28 20.15 -21.98
C ILE H 246 -16.93 19.21 -23.11
N SER H 247 -15.73 19.28 -23.68
CA SER H 247 -15.35 18.28 -24.66
C SER H 247 -15.13 16.92 -24.02
N ILE H 248 -14.49 16.89 -22.86
CA ILE H 248 -14.32 15.63 -22.12
C ILE H 248 -15.67 15.04 -21.73
N VAL H 249 -16.60 15.90 -21.31
CA VAL H 249 -17.92 15.43 -20.92
C VAL H 249 -18.68 14.84 -22.11
N ILE H 250 -18.49 15.34 -23.31
CA ILE H 250 -19.14 14.76 -24.52
C ILE H 250 -18.49 13.42 -24.87
N PHE H 251 -17.19 13.24 -24.70
CA PHE H 251 -16.49 11.98 -25.06
C PHE H 251 -17.02 10.84 -24.19
N CYS H 252 -17.30 11.09 -22.91
CA CYS H 252 -17.77 10.06 -21.97
C CYS H 252 -19.28 9.88 -22.05
N LEU H 253 -20.09 10.95 -22.12
CA LEU H 253 -21.54 10.81 -22.22
C LEU H 253 -21.98 10.35 -23.59
N GLU H 254 -21.13 10.49 -24.60
CA GLU H 254 -21.47 9.91 -25.88
C GLU H 254 -21.41 8.41 -25.81
N THR H 255 -20.38 7.87 -25.15
CA THR H 255 -20.34 6.42 -25.15
C THR H 255 -21.28 5.77 -24.12
N LEU H 256 -21.92 6.53 -23.24
CA LEU H 256 -23.02 6.01 -22.40
C LEU H 256 -24.16 5.44 -23.24
N PRO H 257 -24.94 4.43 -22.73
CA PRO H 257 -25.93 3.78 -23.58
C PRO H 257 -27.36 4.30 -23.47
N GLU H 258 -27.64 5.12 -22.46
CA GLU H 258 -29.01 5.52 -22.17
C GLU H 258 -29.56 6.45 -23.24
N PHE H 259 -28.68 7.15 -23.96
CA PHE H 259 -29.14 8.07 -24.98
C PHE H 259 -29.27 7.38 -26.33
N ARG H 260 -28.61 6.24 -26.50
CA ARG H 260 -28.64 5.54 -27.76
C ARG H 260 -29.78 4.55 -27.86
N ASP H 261 -30.69 4.52 -26.87
CA ASP H 261 -31.73 3.50 -26.85
C ASP H 261 -32.85 3.80 -27.83
N GLU H 262 -32.70 4.85 -28.60
CA GLU H 262 -33.70 5.05 -29.68
C GLU H 262 -33.11 4.36 -30.90
N LYS H 263 -31.82 4.05 -30.84
CA LYS H 263 -31.11 3.45 -32.00
C LYS H 263 -30.44 2.16 -31.52
N ASP H 264 -30.81 1.58 -30.39
CA ASP H 264 -30.08 0.33 -29.98
C ASP H 264 -30.63 -0.83 -30.82
N TYR H 265 -30.26 -0.96 -32.09
CA TYR H 265 -30.84 -2.01 -32.96
C TYR H 265 -29.74 -2.73 -33.73
N PRO H 266 -29.95 -3.97 -34.22
CA PRO H 266 -28.86 -4.71 -34.87
C PRO H 266 -28.36 -3.90 -36.06
N ALA H 267 -27.06 -3.92 -36.33
CA ALA H 267 -26.46 -3.08 -37.39
C ALA H 267 -27.05 -3.42 -38.75
N SER H 268 -27.31 -4.69 -39.02
CA SER H 268 -27.97 -5.01 -40.30
C SER H 268 -29.43 -4.60 -40.22
N THR H 269 -29.82 -3.58 -40.99
CA THR H 269 -31.24 -3.17 -41.05
C THR H 269 -31.65 -3.29 -42.52
N GLY H 287 -21.75 10.15 -36.54
CA GLY H 287 -21.10 11.08 -37.43
C GLY H 287 -21.98 11.34 -38.64
N ALA H 288 -23.28 11.28 -38.43
CA ALA H 288 -24.24 11.65 -39.46
C ALA H 288 -24.34 13.15 -39.54
N SER H 289 -24.27 13.68 -40.75
CA SER H 289 -24.34 15.12 -41.00
C SER H 289 -25.79 15.61 -41.05
N SER H 290 -26.72 14.81 -40.51
CA SER H 290 -28.12 15.18 -40.46
C SER H 290 -28.40 16.30 -39.47
N PHE H 291 -27.44 16.61 -38.59
CA PHE H 291 -27.51 17.65 -37.57
C PHE H 291 -28.64 17.42 -36.60
N SER H 292 -29.06 16.17 -36.45
CA SER H 292 -30.09 15.82 -35.49
C SER H 292 -29.49 15.35 -34.18
N ASP H 293 -28.30 14.78 -34.22
CA ASP H 293 -27.65 14.30 -33.02
C ASP H 293 -27.02 15.47 -32.28
N PRO H 294 -27.44 15.77 -31.06
CA PRO H 294 -26.91 16.96 -30.37
C PRO H 294 -25.45 16.85 -30.01
N PHE H 295 -24.96 15.63 -29.76
CA PHE H 295 -23.54 15.42 -29.50
C PHE H 295 -22.70 15.84 -30.68
N PHE H 296 -23.19 15.65 -31.89
CA PHE H 296 -22.40 16.03 -33.05
C PHE H 296 -22.28 17.53 -33.17
N VAL H 297 -23.37 18.27 -32.94
CA VAL H 297 -23.26 19.71 -33.16
C VAL H 297 -22.46 20.38 -32.04
N VAL H 298 -22.55 19.87 -30.82
CA VAL H 298 -21.72 20.47 -29.78
C VAL H 298 -20.26 20.04 -29.94
N GLU H 299 -20.03 18.86 -30.50
CA GLU H 299 -18.67 18.43 -30.82
C GLU H 299 -18.05 19.31 -31.89
N THR H 300 -18.83 19.65 -32.92
CA THR H 300 -18.33 20.51 -34.02
C THR H 300 -18.09 21.92 -33.49
N LEU H 301 -18.85 22.39 -32.54
CA LEU H 301 -18.56 23.69 -31.95
C LEU H 301 -17.24 23.68 -31.19
N CYS H 302 -16.97 22.60 -30.46
CA CYS H 302 -15.68 22.50 -29.77
C CYS H 302 -14.51 22.43 -30.75
N ILE H 303 -14.67 21.70 -31.85
CA ILE H 303 -13.54 21.62 -32.78
C ILE H 303 -13.37 22.91 -33.57
N ILE H 304 -14.47 23.67 -33.76
CA ILE H 304 -14.37 25.01 -34.34
C ILE H 304 -13.55 25.93 -33.45
N TRP H 305 -13.79 25.89 -32.14
CA TRP H 305 -13.04 26.77 -31.25
C TRP H 305 -11.57 26.38 -31.19
N PHE H 306 -11.28 25.08 -31.15
CA PHE H 306 -9.89 24.63 -31.14
C PHE H 306 -9.16 25.03 -32.41
N SER H 307 -9.82 24.92 -33.56
CA SER H 307 -9.18 25.25 -34.83
C SER H 307 -8.90 26.74 -34.95
N PHE H 308 -9.86 27.58 -34.56
CA PHE H 308 -9.65 29.03 -34.66
C PHE H 308 -8.53 29.49 -33.73
N GLU H 309 -8.52 28.98 -32.50
CA GLU H 309 -7.49 29.35 -31.54
C GLU H 309 -6.11 28.88 -31.99
N LEU H 310 -6.00 27.68 -32.57
CA LEU H 310 -4.70 27.22 -33.03
C LEU H 310 -4.22 28.01 -34.25
N LEU H 311 -5.14 28.41 -35.14
CA LEU H 311 -4.69 29.11 -36.34
C LEU H 311 -4.23 30.52 -36.02
N VAL H 312 -4.86 31.16 -35.03
CA VAL H 312 -4.38 32.48 -34.63
C VAL H 312 -3.04 32.36 -33.91
N ARG H 313 -2.87 31.32 -33.08
CA ARG H 313 -1.55 31.15 -32.46
C ARG H 313 -0.48 30.76 -33.47
N PHE H 314 -0.87 30.23 -34.63
CA PHE H 314 0.13 30.06 -35.66
C PHE H 314 0.48 31.37 -36.33
N PHE H 315 -0.53 32.13 -36.77
CA PHE H 315 -0.21 33.27 -37.63
C PHE H 315 0.32 34.47 -36.85
N ALA H 316 0.17 34.48 -35.53
CA ALA H 316 0.68 35.58 -34.72
C ALA H 316 1.91 35.20 -33.92
N CYS H 317 2.59 34.14 -34.27
CA CYS H 317 3.72 33.77 -33.45
C CYS H 317 4.97 34.47 -33.95
N PRO H 318 5.92 34.78 -33.06
CA PRO H 318 7.13 35.45 -33.49
C PRO H 318 8.20 34.51 -34.03
N SER H 319 7.96 33.21 -34.07
CA SER H 319 8.96 32.26 -34.57
C SER H 319 8.20 31.13 -35.26
N LYS H 320 8.02 31.19 -36.57
CA LYS H 320 7.20 30.13 -37.20
C LYS H 320 8.06 28.88 -37.43
N ALA H 321 9.39 29.02 -37.41
CA ALA H 321 10.17 27.80 -37.58
C ALA H 321 10.15 26.94 -36.33
N THR H 322 9.99 27.55 -35.16
CA THR H 322 10.03 26.76 -33.93
C THR H 322 8.66 26.29 -33.49
N PHE H 323 7.62 26.58 -34.26
CA PHE H 323 6.27 26.27 -33.82
C PHE H 323 6.00 24.78 -33.87
N SER H 324 6.63 24.06 -34.78
CA SER H 324 6.49 22.61 -34.70
C SER H 324 7.61 21.99 -33.86
N ARG H 325 7.88 22.58 -32.70
CA ARG H 325 8.87 22.02 -31.79
C ARG H 325 8.31 21.94 -30.38
N ASN H 326 7.46 22.89 -30.01
CA ASN H 326 6.87 22.88 -28.69
C ASN H 326 5.78 21.81 -28.61
N ILE H 327 5.80 21.08 -27.49
CA ILE H 327 5.04 19.84 -27.40
C ILE H 327 3.55 20.11 -27.25
N MET H 328 3.19 21.23 -26.65
CA MET H 328 1.79 21.57 -26.48
C MET H 328 1.15 21.96 -27.81
N ASN H 329 1.95 22.45 -28.76
CA ASN H 329 1.43 22.68 -30.10
C ASN H 329 1.12 21.38 -30.82
N LEU H 330 1.97 20.37 -30.63
CA LEU H 330 1.72 19.04 -31.24
C LEU H 330 0.57 18.35 -30.51
N ILE H 331 0.27 18.71 -29.28
CA ILE H 331 -0.93 18.24 -28.61
C ILE H 331 -2.19 18.83 -29.25
N ASP H 332 -2.14 20.13 -29.59
CA ASP H 332 -3.27 20.74 -30.30
C ASP H 332 -3.53 20.08 -31.65
N ILE H 333 -2.46 19.76 -32.39
CA ILE H 333 -2.65 19.18 -33.71
C ILE H 333 -3.24 17.79 -33.61
N VAL H 334 -2.69 16.94 -32.73
CA VAL H 334 -3.24 15.59 -32.62
C VAL H 334 -4.56 15.53 -31.88
N ALA H 335 -5.01 16.64 -31.30
CA ALA H 335 -6.39 16.70 -30.84
C ALA H 335 -7.35 17.12 -31.96
N ILE H 336 -6.88 17.92 -32.92
CA ILE H 336 -7.74 18.28 -34.04
C ILE H 336 -7.96 17.09 -34.98
N ILE H 337 -6.90 16.28 -35.20
CA ILE H 337 -6.83 15.36 -36.35
C ILE H 337 -8.02 14.39 -36.56
N PRO H 338 -8.46 13.60 -35.56
CA PRO H 338 -9.33 12.47 -35.91
C PRO H 338 -10.73 12.87 -36.32
N TYR H 339 -11.23 14.02 -35.87
CA TYR H 339 -12.54 14.48 -36.34
C TYR H 339 -12.48 14.83 -37.81
N PHE H 340 -11.38 15.45 -38.24
CA PHE H 340 -11.25 15.79 -39.67
C PHE H 340 -11.12 14.51 -40.51
N ILE H 341 -10.30 13.54 -40.09
CA ILE H 341 -10.20 12.38 -40.97
C ILE H 341 -11.46 11.52 -40.94
N THR H 342 -12.25 11.54 -39.86
CA THR H 342 -13.50 10.79 -39.95
C THR H 342 -14.54 11.53 -40.76
N LEU H 343 -14.54 12.87 -40.75
CA LEU H 343 -15.46 13.59 -41.61
C LEU H 343 -15.09 13.42 -43.06
N GLY H 344 -13.78 13.43 -43.34
CA GLY H 344 -13.32 13.30 -44.71
C GLY H 344 -13.62 11.93 -45.28
N THR H 345 -13.35 10.87 -44.51
CA THR H 345 -13.64 9.54 -45.02
C THR H 345 -15.13 9.23 -44.99
N GLU H 346 -15.91 9.92 -44.16
CA GLU H 346 -17.34 9.68 -44.20
C GLU H 346 -17.98 10.31 -45.41
N LEU H 347 -17.62 11.55 -45.76
CA LEU H 347 -18.18 12.10 -47.00
C LEU H 347 -17.22 12.05 -48.18
N ALA H 348 -16.26 11.13 -48.19
CA ALA H 348 -15.45 10.90 -49.37
C ALA H 348 -16.25 10.21 -50.46
N SER H 359 -10.54 0.82 -43.77
CA SER H 359 -11.13 1.74 -42.79
C SER H 359 -11.42 1.05 -41.45
N LEU H 360 -11.92 -0.19 -41.48
CA LEU H 360 -12.45 -0.81 -40.26
C LEU H 360 -11.33 -1.19 -39.29
N ALA H 361 -10.07 -1.16 -39.78
CA ALA H 361 -8.94 -1.28 -38.86
C ALA H 361 -8.64 0.03 -38.16
N ILE H 362 -8.71 1.12 -38.92
CA ILE H 362 -8.35 2.46 -38.35
C ILE H 362 -9.41 2.92 -37.36
N LEU H 363 -10.68 2.58 -37.57
CA LEU H 363 -11.74 3.18 -36.73
C LEU H 363 -11.54 2.88 -35.25
N ARG H 364 -11.02 1.72 -34.86
CA ARG H 364 -10.94 1.48 -33.39
C ARG H 364 -9.74 2.22 -32.79
N VAL H 365 -8.72 2.49 -33.59
CA VAL H 365 -7.57 3.34 -33.13
C VAL H 365 -7.97 4.81 -33.06
N ILE H 366 -8.65 5.33 -34.07
CA ILE H 366 -9.03 6.78 -34.12
C ILE H 366 -9.95 7.10 -32.94
N ARG H 367 -10.84 6.20 -32.55
CA ARG H 367 -11.77 6.41 -31.41
C ARG H 367 -11.01 6.50 -30.08
N LEU H 368 -9.78 6.02 -30.01
CA LEU H 368 -8.98 6.16 -28.76
C LEU H 368 -7.90 7.25 -28.90
N VAL H 369 -7.73 7.90 -30.04
CA VAL H 369 -6.77 9.03 -30.12
C VAL H 369 -7.57 10.28 -29.81
N ARG H 370 -8.84 10.14 -29.48
CA ARG H 370 -9.65 11.30 -29.11
C ARG H 370 -9.55 11.50 -27.61
N VAL H 371 -8.76 10.70 -26.90
CA VAL H 371 -8.61 10.82 -25.43
C VAL H 371 -7.48 11.78 -25.12
N PHE H 372 -6.84 12.37 -26.12
CA PHE H 372 -5.66 13.22 -25.85
C PHE H 372 -6.09 14.65 -25.62
N ARG H 373 -7.38 14.94 -25.75
CA ARG H 373 -7.85 16.24 -25.32
C ARG H 373 -7.78 16.43 -23.82
N ILE H 374 -7.54 15.37 -23.04
CA ILE H 374 -7.31 15.56 -21.62
C ILE H 374 -5.92 16.13 -21.38
N PHE H 375 -4.94 15.78 -22.23
CA PHE H 375 -3.62 16.37 -22.12
C PHE H 375 -3.56 17.75 -22.74
N LYS H 376 -4.58 18.14 -23.49
CA LYS H 376 -4.50 19.54 -23.90
C LYS H 376 -4.87 20.53 -22.80
N LEU H 377 -5.08 20.04 -21.57
CA LEU H 377 -5.42 20.92 -20.40
C LEU H 377 -4.15 21.28 -19.64
N SER H 378 -3.00 20.97 -20.23
CA SER H 378 -1.74 21.24 -19.54
C SER H 378 -1.18 22.60 -19.83
N ARG H 379 -1.66 23.33 -20.83
CA ARG H 379 -1.17 24.72 -21.04
C ARG H 379 -1.62 25.62 -19.90
N HIS H 380 -2.73 25.29 -19.25
CA HIS H 380 -3.34 26.12 -18.19
C HIS H 380 -3.08 25.55 -16.80
N SER H 381 -2.21 24.56 -16.64
CA SER H 381 -1.86 24.05 -15.29
C SER H 381 -0.35 23.98 -15.12
N LYS H 382 0.16 24.31 -13.94
CA LYS H 382 1.61 24.28 -13.67
C LYS H 382 1.90 23.03 -12.86
N GLY H 383 0.92 22.17 -12.63
CA GLY H 383 1.20 20.89 -11.97
C GLY H 383 1.37 19.81 -13.00
N LEU H 384 0.61 19.84 -14.07
CA LEU H 384 0.77 18.86 -15.17
C LEU H 384 2.08 19.09 -15.89
N GLN H 385 2.50 20.34 -16.08
CA GLN H 385 3.78 20.64 -16.73
C GLN H 385 4.94 20.12 -15.89
N ILE H 386 4.92 20.26 -14.57
CA ILE H 386 5.96 19.70 -13.64
C ILE H 386 5.95 18.17 -13.68
N LEU H 387 4.80 17.49 -13.77
CA LEU H 387 4.73 16.01 -13.94
C LEU H 387 5.26 15.63 -15.31
N GLY H 388 5.14 16.49 -16.30
CA GLY H 388 5.77 16.13 -17.56
C GLY H 388 7.28 16.23 -17.52
N GLN H 389 7.81 17.23 -16.81
CA GLN H 389 9.26 17.32 -16.65
C GLN H 389 9.80 16.17 -15.80
N THR H 390 9.07 15.80 -14.75
CA THR H 390 9.49 14.70 -13.89
C THR H 390 9.48 13.37 -14.63
N LEU H 391 8.47 13.13 -15.46
CA LEU H 391 8.43 11.89 -16.21
C LEU H 391 9.37 11.89 -17.40
N LYS H 392 9.82 13.05 -17.87
CA LYS H 392 10.84 12.99 -18.89
C LYS H 392 12.19 12.71 -18.28
N ALA H 393 12.53 13.41 -17.21
CA ALA H 393 13.87 13.28 -16.64
C ALA H 393 14.08 12.03 -15.81
N SER H 394 13.19 11.03 -15.86
CA SER H 394 13.29 9.83 -15.04
C SER H 394 12.88 8.60 -15.81
N MET H 395 13.37 8.44 -17.04
CA MET H 395 12.91 7.31 -17.83
C MET H 395 13.70 6.05 -17.53
N ARG H 396 14.96 6.19 -17.11
CA ARG H 396 15.75 5.02 -16.75
C ARG H 396 15.17 4.33 -15.53
N GLU H 397 14.62 5.10 -14.59
CA GLU H 397 14.02 4.53 -13.40
C GLU H 397 12.71 3.82 -13.71
N LEU H 398 11.89 4.37 -14.61
CA LEU H 398 10.66 3.69 -14.97
C LEU H 398 10.93 2.42 -15.76
N GLY H 399 11.95 2.44 -16.63
CA GLY H 399 12.36 1.21 -17.28
C GLY H 399 12.84 0.14 -16.31
N LEU H 400 13.55 0.56 -15.26
CA LEU H 400 13.95 -0.40 -14.24
C LEU H 400 12.77 -0.94 -13.46
N LEU H 401 11.76 -0.11 -13.23
CA LEU H 401 10.55 -0.55 -12.55
C LEU H 401 9.82 -1.63 -13.32
N ILE H 402 9.57 -1.39 -14.61
CA ILE H 402 8.85 -2.38 -15.43
C ILE H 402 9.70 -3.64 -15.63
N PHE H 403 11.02 -3.50 -15.74
CA PHE H 403 11.87 -4.67 -15.90
C PHE H 403 11.85 -5.57 -14.66
N PHE H 404 11.92 -4.97 -13.46
CA PHE H 404 11.87 -5.75 -12.24
C PHE H 404 10.53 -6.43 -12.07
N LEU H 405 9.46 -5.76 -12.50
CA LEU H 405 8.15 -6.38 -12.43
C LEU H 405 8.05 -7.59 -13.32
N PHE H 406 8.56 -7.51 -14.54
CA PHE H 406 8.51 -8.63 -15.47
C PHE H 406 9.30 -9.83 -14.96
N ILE H 407 10.45 -9.58 -14.32
CA ILE H 407 11.25 -10.66 -13.74
C ILE H 407 10.45 -11.36 -12.64
N GLY H 408 9.89 -10.59 -11.71
CA GLY H 408 9.15 -11.19 -10.62
C GLY H 408 7.89 -11.92 -11.07
N VAL H 409 7.23 -11.43 -12.11
CA VAL H 409 6.01 -12.08 -12.60
C VAL H 409 6.33 -13.43 -13.20
N ILE H 410 7.42 -13.53 -13.97
CA ILE H 410 7.79 -14.84 -14.52
C ILE H 410 8.15 -15.80 -13.42
N LEU H 411 8.95 -15.36 -12.45
CA LEU H 411 9.46 -16.23 -11.39
C LEU H 411 8.34 -16.75 -10.49
N PHE H 412 7.48 -15.86 -10.02
CA PHE H 412 6.47 -16.29 -9.07
C PHE H 412 5.32 -17.00 -9.74
N SER H 413 4.96 -16.66 -10.97
CA SER H 413 3.89 -17.40 -11.63
C SER H 413 4.33 -18.80 -11.97
N SER H 414 5.59 -18.98 -12.35
CA SER H 414 6.08 -20.34 -12.55
C SER H 414 6.13 -21.15 -11.28
N ALA H 415 6.56 -20.57 -10.17
CA ALA H 415 6.62 -21.33 -8.94
C ALA H 415 5.24 -21.71 -8.43
N VAL H 416 4.21 -20.89 -8.55
CA VAL H 416 2.82 -21.21 -8.10
C VAL H 416 2.18 -22.19 -9.07
N TYR H 417 2.51 -22.18 -10.34
CA TYR H 417 1.98 -23.21 -11.24
C TYR H 417 2.57 -24.56 -10.94
N PHE H 418 3.85 -24.62 -10.60
CA PHE H 418 4.39 -25.95 -10.36
C PHE H 418 4.15 -26.46 -8.95
N ALA H 419 3.59 -25.65 -8.05
CA ALA H 419 3.40 -26.05 -6.64
C ALA H 419 1.93 -26.27 -6.36
N GLU H 420 1.08 -26.28 -7.37
CA GLU H 420 -0.40 -26.38 -7.18
C GLU H 420 -1.07 -27.15 -8.33
N ALA H 421 -0.33 -27.58 -9.35
CA ALA H 421 -0.87 -28.32 -10.52
C ALA H 421 -1.39 -29.70 -10.16
N ASP H 422 -0.72 -30.41 -9.25
CA ASP H 422 -1.14 -31.77 -8.86
C ASP H 422 -2.53 -31.80 -8.23
N ASP H 423 -2.90 -30.81 -7.40
CA ASP H 423 -4.20 -30.86 -6.69
C ASP H 423 -5.31 -30.88 -7.70
N PRO H 424 -6.27 -31.81 -7.59
CA PRO H 424 -7.33 -31.94 -8.56
C PRO H 424 -8.35 -30.80 -8.51
N THR H 425 -8.40 -30.04 -7.43
CA THR H 425 -9.36 -28.93 -7.25
C THR H 425 -8.73 -27.56 -7.48
N SER H 426 -7.45 -27.48 -7.92
CA SER H 426 -6.73 -26.22 -8.18
C SER H 426 -7.13 -25.65 -9.51
N GLY H 427 -6.78 -24.40 -9.77
CA GLY H 427 -7.28 -23.74 -10.99
C GLY H 427 -6.20 -23.20 -11.89
N PHE H 428 -4.92 -23.40 -11.56
CA PHE H 428 -3.95 -22.83 -12.47
C PHE H 428 -3.66 -23.82 -13.59
N SER H 429 -4.03 -23.48 -14.82
CA SER H 429 -3.92 -24.45 -15.89
C SER H 429 -2.76 -24.15 -16.84
N SER H 430 -2.00 -23.10 -16.60
CA SER H 430 -0.92 -22.73 -17.50
C SER H 430 0.04 -21.85 -16.72
N ILE H 431 1.25 -21.69 -17.23
CA ILE H 431 2.07 -20.61 -16.71
C ILE H 431 1.55 -19.30 -17.28
N PRO H 432 1.18 -19.13 -18.57
CA PRO H 432 0.54 -17.86 -18.92
C PRO H 432 -0.92 -17.79 -18.53
N ASP H 433 -1.23 -18.24 -17.32
CA ASP H 433 -2.52 -18.09 -16.68
C ASP H 433 -2.39 -17.68 -15.24
N ALA H 434 -1.22 -17.78 -14.67
CA ALA H 434 -0.93 -17.21 -13.37
C ALA H 434 -0.31 -15.83 -13.45
N PHE H 435 -0.20 -15.25 -14.64
CA PHE H 435 0.43 -13.95 -14.78
C PHE H 435 -0.40 -12.86 -14.12
N TRP H 436 -1.71 -12.84 -14.33
CA TRP H 436 -2.57 -11.84 -13.67
C TRP H 436 -2.54 -12.05 -12.17
N TRP H 437 -2.63 -13.26 -11.68
CA TRP H 437 -2.53 -13.47 -10.24
C TRP H 437 -1.23 -12.92 -9.70
N ALA H 438 -0.12 -13.13 -10.41
CA ALA H 438 1.16 -12.63 -9.94
C ALA H 438 1.23 -11.11 -9.95
N VAL H 439 0.60 -10.38 -10.85
CA VAL H 439 0.73 -8.89 -10.92
C VAL H 439 -0.10 -8.27 -9.79
N VAL H 440 -1.36 -8.67 -9.61
CA VAL H 440 -2.28 -8.17 -8.56
C VAL H 440 -1.78 -8.49 -7.14
N THR H 441 -1.21 -9.66 -6.83
CA THR H 441 -0.63 -9.95 -5.49
C THR H 441 0.59 -9.09 -5.16
N MET H 442 1.54 -8.88 -6.06
CA MET H 442 2.75 -8.06 -5.87
C MET H 442 2.48 -6.57 -5.74
N THR H 443 1.64 -5.98 -6.58
CA THR H 443 1.22 -4.56 -6.52
C THR H 443 0.27 -4.34 -5.35
N THR H 444 -0.41 -5.37 -4.82
CA THR H 444 -1.34 -5.38 -3.67
C THR H 444 -2.79 -5.07 -4.05
N VAL H 445 -3.17 -4.99 -5.32
CA VAL H 445 -4.59 -4.72 -5.62
C VAL H 445 -5.23 -5.93 -4.99
N GLY H 446 -4.71 -7.09 -5.29
CA GLY H 446 -5.13 -8.28 -4.56
C GLY H 446 -6.18 -9.16 -5.09
N TYR H 447 -7.00 -8.74 -6.03
CA TYR H 447 -8.11 -9.68 -6.36
C TYR H 447 -7.68 -11.09 -6.82
N GLY H 448 -6.66 -11.24 -7.68
CA GLY H 448 -6.19 -12.54 -8.19
C GLY H 448 -7.14 -13.15 -9.20
N ASP H 449 -6.66 -14.00 -10.11
CA ASP H 449 -7.71 -14.68 -10.89
C ASP H 449 -8.33 -15.69 -9.93
N MET H 450 -7.47 -16.41 -9.17
CA MET H 450 -7.94 -17.43 -8.20
C MET H 450 -7.19 -17.22 -6.89
N HIS H 451 -7.08 -18.25 -6.07
CA HIS H 451 -6.22 -18.14 -4.87
C HIS H 451 -5.60 -19.50 -4.53
N PRO H 452 -4.32 -19.64 -4.12
CA PRO H 452 -3.75 -20.92 -3.75
C PRO H 452 -4.59 -21.79 -2.80
N VAL H 453 -4.64 -23.11 -3.02
CA VAL H 453 -5.36 -24.05 -2.16
C VAL H 453 -4.47 -25.14 -1.60
N THR H 454 -3.17 -25.08 -1.89
CA THR H 454 -2.22 -26.11 -1.41
C THR H 454 -1.35 -25.47 -0.34
N ILE H 455 -0.65 -26.21 0.50
CA ILE H 455 0.28 -25.59 1.48
C ILE H 455 1.42 -24.93 0.68
N GLY H 456 1.90 -25.54 -0.39
CA GLY H 456 2.99 -25.01 -1.20
C GLY H 456 2.63 -23.76 -1.96
N GLY H 457 1.41 -23.66 -2.48
CA GLY H 457 0.94 -22.45 -3.16
C GLY H 457 0.88 -21.29 -2.19
N LYS H 458 0.51 -21.54 -0.95
CA LYS H 458 0.43 -20.52 0.11
C LYS H 458 1.80 -20.00 0.52
N ILE H 459 2.84 -20.82 0.59
CA ILE H 459 4.23 -20.35 0.86
C ILE H 459 4.79 -19.51 -0.29
N VAL H 460 4.46 -19.81 -1.55
CA VAL H 460 4.93 -19.06 -2.76
C VAL H 460 4.02 -17.86 -2.99
N GLY H 461 2.93 -17.74 -2.25
CA GLY H 461 2.03 -16.60 -2.36
C GLY H 461 2.32 -15.60 -1.30
N SER H 462 2.86 -16.01 -0.14
CA SER H 462 3.30 -15.03 0.84
C SER H 462 4.64 -14.43 0.47
N LEU H 463 5.55 -15.25 -0.09
CA LEU H 463 6.79 -14.68 -0.60
C LEU H 463 6.55 -13.71 -1.75
N CYS H 464 5.53 -14.00 -2.58
CA CYS H 464 5.19 -13.12 -3.70
C CYS H 464 4.67 -11.79 -3.22
N ALA H 465 3.80 -11.80 -2.20
CA ALA H 465 3.26 -10.57 -1.62
C ALA H 465 4.34 -9.69 -1.03
N ILE H 466 5.31 -10.29 -0.36
CA ILE H 466 6.40 -9.52 0.25
C ILE H 466 7.36 -8.97 -0.80
N ALA H 467 7.78 -9.83 -1.75
CA ALA H 467 8.76 -9.43 -2.74
C ALA H 467 8.20 -8.40 -3.69
N GLY H 468 6.89 -8.33 -3.84
CA GLY H 468 6.31 -7.29 -4.64
C GLY H 468 6.58 -5.89 -4.16
N VAL H 469 6.24 -5.59 -2.91
CA VAL H 469 6.50 -4.26 -2.38
C VAL H 469 7.99 -4.03 -2.22
N LEU H 470 8.78 -5.09 -2.02
CA LEU H 470 10.22 -4.91 -1.91
C LEU H 470 10.84 -4.49 -3.22
N THR H 471 10.36 -5.03 -4.34
CA THR H 471 10.94 -4.71 -5.64
C THR H 471 10.26 -3.56 -6.35
N ILE H 472 9.13 -3.07 -5.87
CA ILE H 472 8.60 -1.86 -6.46
C ILE H 472 8.87 -0.64 -5.60
N ALA H 473 9.26 -0.79 -4.35
CA ALA H 473 9.62 0.41 -3.61
C ALA H 473 11.05 0.85 -3.86
N LEU H 474 11.85 0.10 -4.60
CA LEU H 474 13.25 0.46 -4.76
C LEU H 474 13.48 1.64 -5.72
N PRO H 475 12.94 1.71 -6.94
CA PRO H 475 13.24 2.88 -7.77
C PRO H 475 12.39 4.12 -7.53
N VAL H 476 11.42 4.10 -6.64
CA VAL H 476 10.49 5.20 -6.42
C VAL H 476 11.07 6.42 -5.71
N PRO H 477 11.96 6.33 -4.71
CA PRO H 477 12.53 7.57 -4.14
C PRO H 477 13.27 8.46 -5.12
N VAL H 478 13.83 7.90 -6.19
CA VAL H 478 14.46 8.73 -7.20
C VAL H 478 13.43 9.59 -7.92
N ILE H 479 12.27 9.00 -8.22
CA ILE H 479 11.21 9.72 -8.92
C ILE H 479 10.61 10.79 -8.03
N VAL H 480 10.38 10.50 -6.75
CA VAL H 480 9.81 11.54 -5.89
C VAL H 480 10.83 12.64 -5.60
N SER H 481 12.13 12.34 -5.64
CA SER H 481 13.11 13.39 -5.45
C SER H 481 13.18 14.30 -6.65
N ASN H 482 13.07 13.74 -7.85
CA ASN H 482 13.03 14.56 -9.06
C ASN H 482 11.81 15.46 -9.07
N PHE H 483 10.64 14.92 -8.66
CA PHE H 483 9.45 15.75 -8.60
C PHE H 483 9.61 16.87 -7.61
N ASN H 484 10.19 16.58 -6.46
CA ASN H 484 10.33 17.60 -5.42
C ASN H 484 11.27 18.71 -5.86
N TYR H 485 12.30 18.34 -6.63
CA TYR H 485 13.21 19.36 -7.18
C TYR H 485 12.50 20.25 -8.19
N PHE H 486 11.82 19.65 -9.18
CA PHE H 486 11.14 20.45 -10.20
C PHE H 486 9.95 21.20 -9.64
N TYR H 487 9.45 20.77 -8.49
CA TYR H 487 8.30 21.40 -7.87
C TYR H 487 8.70 22.62 -7.07
N HIS H 488 9.89 22.61 -6.47
CA HIS H 488 10.32 23.82 -5.78
C HIS H 488 11.11 24.78 -6.65
N ARG H 489 11.61 24.35 -7.81
CA ARG H 489 12.30 25.25 -8.73
C ARG H 489 11.40 26.33 -9.33
N GLU H 490 10.08 26.22 -9.23
CA GLU H 490 9.24 27.34 -9.62
C GLU H 490 9.42 28.57 -8.72
N THR H 491 9.87 28.36 -7.49
CA THR H 491 9.99 29.40 -6.47
C THR H 491 11.29 30.17 -6.67
K K I . -10.39 -8.13 -2.88
K K J . -6.36 -4.98 -1.76
K K K . -2.95 -2.32 -0.82
#